data_6UI0
# 
_entry.id   6UI0 
# 
_audit_conform.dict_name       mmcif_pdbx.dic 
_audit_conform.dict_version    5.380 
_audit_conform.dict_location   http://mmcif.pdb.org/dictionaries/ascii/mmcif_pdbx.dic 
# 
loop_
_database_2.database_id 
_database_2.database_code 
_database_2.pdbx_database_accession 
_database_2.pdbx_DOI 
PDB   6UI0         pdb_00006ui0 10.2210/pdb6ui0/pdb 
WWPDB D_1000243715 ?            ?                   
# 
_pdbx_database_status.status_code                     REL 
_pdbx_database_status.status_code_sf                  REL 
_pdbx_database_status.status_code_mr                  ? 
_pdbx_database_status.entry_id                        6UI0 
_pdbx_database_status.recvd_initial_deposition_date   2019-09-29 
_pdbx_database_status.SG_entry                        N 
_pdbx_database_status.deposit_site                    RCSB 
_pdbx_database_status.process_site                    RCSB 
_pdbx_database_status.status_code_cs                  ? 
_pdbx_database_status.methods_development_category    ? 
_pdbx_database_status.pdb_format_compatible           Y 
_pdbx_database_status.status_code_nmr_data            ? 
# 
loop_
_audit_author.name 
_audit_author.pdbx_ordinal 
_audit_author.identifier_ORCID 
'Miller, K.R.'    1  0000-0003-1963-2908 
'Paretsky, J.D.'  2  ?                   
'Follmer, A.H.'   3  0000-0002-6244-6804 
'Heinisch, T.'    4  ?                   
'Mittra, K.'      5  0000-0003-2325-1972 
'Gul, S.'         6  ?                   
'Kim, I.-S.'      7  ?                   
'Fuller, F.D.'    8  ?                   
'Batyuk, A.'      9  ?                   
'Sutherlin, K.D.' 10 ?                   
'Brewster, A.S.'  11 ?                   
'Bhowmick, A.'    12 ?                   
'Sauter, N.K.'    13 ?                   
'Kern, J.'        14 0000-0002-7272-1603 
'Yano, J.'        15 0000-0001-6308-9071 
'Green, M.T.'     16 0000-0001-8658-8420 
'Ward, T.R.'      17 0000-0001-8602-5468 
'Borovik, A.S.'   18 0000-0001-5049-9952 
# 
_citation.abstract                  ? 
_citation.abstract_id_CAS           ? 
_citation.book_id_ISBN              ? 
_citation.book_publisher            ? 
_citation.book_publisher_city       ? 
_citation.book_title                ? 
_citation.coordinate_linkage        ? 
_citation.country                   US 
_citation.database_id_Medline       ? 
_citation.details                   ? 
_citation.id                        primary 
_citation.journal_abbrev            Inorg.Chem. 
_citation.journal_id_ASTM           INOCAJ 
_citation.journal_id_CSD            0009 
_citation.journal_id_ISSN           0020-1669 
_citation.journal_full              ? 
_citation.journal_issue             ? 
_citation.journal_volume            59 
_citation.language                  ? 
_citation.page_first                6000 
_citation.page_last                 6009 
_citation.title                     'Artificial Iron Proteins: Modeling the Active Sites in Non-Heme Dioxygenases.' 
_citation.year                      2020 
_citation.database_id_CSD           ? 
_citation.pdbx_database_id_DOI      10.1021/acs.inorgchem.9b03791 
_citation.pdbx_database_id_PubMed   32309932 
_citation.unpublished_flag          ? 
# 
loop_
_citation_author.citation_id 
_citation_author.name 
_citation_author.ordinal 
_citation_author.identifier_ORCID 
primary 'Miller, K.R.'    1  ?                   
primary 'Paretsky, J.D.'  2  ?                   
primary 'Follmer, A.H.'   3  0000-0002-6244-6804 
primary 'Heinisch, T.'    4  ?                   
primary 'Mittra, K.'      5  0000-0003-2325-1972 
primary 'Gul, S.'         6  ?                   
primary 'Kim, I.S.'       7  ?                   
primary 'Fuller, F.D.'    8  ?                   
primary 'Batyuk, A.'      9  ?                   
primary 'Sutherlin, K.D.' 10 ?                   
primary 'Brewster, A.S.'  11 ?                   
primary 'Bhowmick, A.'    12 ?                   
primary 'Sauter, N.K.'    13 ?                   
primary 'Kern, J.'        14 0000-0002-7272-1603 
primary 'Yano, J.'        15 0000-0001-6308-9071 
primary 'Green, M.T.'     16 0000-0001-8658-8420 
primary 'Ward, T.R.'      17 0000-0001-8602-5468 
primary 'Borovik, A.S.'   18 0000-0001-5049-9952 
# 
_cell.angle_alpha                  90.000 
_cell.angle_alpha_esd              ? 
_cell.angle_beta                   90.000 
_cell.angle_beta_esd               ? 
_cell.angle_gamma                  90.000 
_cell.angle_gamma_esd              ? 
_cell.entry_id                     6UI0 
_cell.details                      ? 
_cell.formula_units_Z              ? 
_cell.length_a                     57.889 
_cell.length_a_esd                 ? 
_cell.length_b                     57.889 
_cell.length_b_esd                 ? 
_cell.length_c                     184.653 
_cell.length_c_esd                 ? 
_cell.volume                       ? 
_cell.volume_esd                   ? 
_cell.Z_PDB                        16 
_cell.reciprocal_angle_alpha       ? 
_cell.reciprocal_angle_beta        ? 
_cell.reciprocal_angle_gamma       ? 
_cell.reciprocal_angle_alpha_esd   ? 
_cell.reciprocal_angle_beta_esd    ? 
_cell.reciprocal_angle_gamma_esd   ? 
_cell.reciprocal_length_a          ? 
_cell.reciprocal_length_b          ? 
_cell.reciprocal_length_c          ? 
_cell.reciprocal_length_a_esd      ? 
_cell.reciprocal_length_b_esd      ? 
_cell.reciprocal_length_c_esd      ? 
_cell.pdbx_unique_axis             ? 
# 
_symmetry.entry_id                         6UI0 
_symmetry.cell_setting                     ? 
_symmetry.Int_Tables_number                98 
_symmetry.space_group_name_Hall            ? 
_symmetry.space_group_name_H-M             'I 41 2 2' 
_symmetry.pdbx_full_space_group_name_H-M   ? 
# 
loop_
_entity.id 
_entity.type 
_entity.src_method 
_entity.pdbx_description 
_entity.formula_weight 
_entity.pdbx_number_of_molecules 
_entity.pdbx_ec 
_entity.pdbx_mutation 
_entity.pdbx_fragment 
_entity.details 
1 polymer     man Streptavidin 16552.965 1   ? 'K121A, E101Q, S112E' ? ? 
2 non-polymer syn 
;{N-(2-{bis[(pyridin-2-yl-kappaN)methyl]amino-kappaN}ethyl)-5-[(3aS,4S,6aR)-2-oxohexahydro-1H-thieno[3,4-d]imidazol-4-yl]pentanamide}iron(3+)
;
524.460   1   ? ?                     ? ? 
3 non-polymer nat 'ACETATE ION' 59.044    5   ? ?                     ? ? 
4 water       nat water 18.015    103 ? ?                     ? ? 
# 
_entity_poly.entity_id                      1 
_entity_poly.type                           'polypeptide(L)' 
_entity_poly.nstd_linkage                   no 
_entity_poly.nstd_monomer                   no 
_entity_poly.pdbx_seq_one_letter_code       
;MASMTGGQQMGRDEAGITGTWYNQLGSTFIVTAGADGALTGTYESAVGNAESRYVLTGRYDSAPATDGSGTALGWTVAWK
NNYRNAHSATTWSGQYVGGAQARINTQWLLTEGTTEANAWASTLVGHDTFTKVKPSAASIDAAKKAGVNNGNPLDAVQQ
;
_entity_poly.pdbx_seq_one_letter_code_can   
;MASMTGGQQMGRDEAGITGTWYNQLGSTFIVTAGADGALTGTYESAVGNAESRYVLTGRYDSAPATDGSGTALGWTVAWK
NNYRNAHSATTWSGQYVGGAQARINTQWLLTEGTTEANAWASTLVGHDTFTKVKPSAASIDAAKKAGVNNGNPLDAVQQ
;
_entity_poly.pdbx_strand_id                 A 
_entity_poly.pdbx_target_identifier         ? 
# 
loop_
_entity_poly_seq.entity_id 
_entity_poly_seq.num 
_entity_poly_seq.mon_id 
_entity_poly_seq.hetero 
1 1   MET n 
1 2   ALA n 
1 3   SER n 
1 4   MET n 
1 5   THR n 
1 6   GLY n 
1 7   GLY n 
1 8   GLN n 
1 9   GLN n 
1 10  MET n 
1 11  GLY n 
1 12  ARG n 
1 13  ASP n 
1 14  GLU n 
1 15  ALA n 
1 16  GLY n 
1 17  ILE n 
1 18  THR n 
1 19  GLY n 
1 20  THR n 
1 21  TRP n 
1 22  TYR n 
1 23  ASN n 
1 24  GLN n 
1 25  LEU n 
1 26  GLY n 
1 27  SER n 
1 28  THR n 
1 29  PHE n 
1 30  ILE n 
1 31  VAL n 
1 32  THR n 
1 33  ALA n 
1 34  GLY n 
1 35  ALA n 
1 36  ASP n 
1 37  GLY n 
1 38  ALA n 
1 39  LEU n 
1 40  THR n 
1 41  GLY n 
1 42  THR n 
1 43  TYR n 
1 44  GLU n 
1 45  SER n 
1 46  ALA n 
1 47  VAL n 
1 48  GLY n 
1 49  ASN n 
1 50  ALA n 
1 51  GLU n 
1 52  SER n 
1 53  ARG n 
1 54  TYR n 
1 55  VAL n 
1 56  LEU n 
1 57  THR n 
1 58  GLY n 
1 59  ARG n 
1 60  TYR n 
1 61  ASP n 
1 62  SER n 
1 63  ALA n 
1 64  PRO n 
1 65  ALA n 
1 66  THR n 
1 67  ASP n 
1 68  GLY n 
1 69  SER n 
1 70  GLY n 
1 71  THR n 
1 72  ALA n 
1 73  LEU n 
1 74  GLY n 
1 75  TRP n 
1 76  THR n 
1 77  VAL n 
1 78  ALA n 
1 79  TRP n 
1 80  LYS n 
1 81  ASN n 
1 82  ASN n 
1 83  TYR n 
1 84  ARG n 
1 85  ASN n 
1 86  ALA n 
1 87  HIS n 
1 88  SER n 
1 89  ALA n 
1 90  THR n 
1 91  THR n 
1 92  TRP n 
1 93  SER n 
1 94  GLY n 
1 95  GLN n 
1 96  TYR n 
1 97  VAL n 
1 98  GLY n 
1 99  GLY n 
1 100 ALA n 
1 101 GLN n 
1 102 ALA n 
1 103 ARG n 
1 104 ILE n 
1 105 ASN n 
1 106 THR n 
1 107 GLN n 
1 108 TRP n 
1 109 LEU n 
1 110 LEU n 
1 111 THR n 
1 112 GLU n 
1 113 GLY n 
1 114 THR n 
1 115 THR n 
1 116 GLU n 
1 117 ALA n 
1 118 ASN n 
1 119 ALA n 
1 120 TRP n 
1 121 ALA n 
1 122 SER n 
1 123 THR n 
1 124 LEU n 
1 125 VAL n 
1 126 GLY n 
1 127 HIS n 
1 128 ASP n 
1 129 THR n 
1 130 PHE n 
1 131 THR n 
1 132 LYS n 
1 133 VAL n 
1 134 LYS n 
1 135 PRO n 
1 136 SER n 
1 137 ALA n 
1 138 ALA n 
1 139 SER n 
1 140 ILE n 
1 141 ASP n 
1 142 ALA n 
1 143 ALA n 
1 144 LYS n 
1 145 LYS n 
1 146 ALA n 
1 147 GLY n 
1 148 VAL n 
1 149 ASN n 
1 150 ASN n 
1 151 GLY n 
1 152 ASN n 
1 153 PRO n 
1 154 LEU n 
1 155 ASP n 
1 156 ALA n 
1 157 VAL n 
1 158 GLN n 
1 159 GLN n 
# 
_entity_src_gen.entity_id                          1 
_entity_src_gen.pdbx_src_id                        1 
_entity_src_gen.pdbx_alt_source_flag               sample 
_entity_src_gen.pdbx_seq_type                      'Biological sequence' 
_entity_src_gen.pdbx_beg_seq_num                   1 
_entity_src_gen.pdbx_end_seq_num                   159 
_entity_src_gen.gene_src_common_name               ? 
_entity_src_gen.gene_src_genus                     ? 
_entity_src_gen.pdbx_gene_src_gene                 ? 
_entity_src_gen.gene_src_species                   ? 
_entity_src_gen.gene_src_strain                    ? 
_entity_src_gen.gene_src_tissue                    ? 
_entity_src_gen.gene_src_tissue_fraction           ? 
_entity_src_gen.gene_src_details                   ? 
_entity_src_gen.pdbx_gene_src_fragment             ? 
_entity_src_gen.pdbx_gene_src_scientific_name      'Streptomyces avidinii' 
_entity_src_gen.pdbx_gene_src_ncbi_taxonomy_id     1895 
_entity_src_gen.pdbx_gene_src_variant              ? 
_entity_src_gen.pdbx_gene_src_cell_line            ? 
_entity_src_gen.pdbx_gene_src_atcc                 ? 
_entity_src_gen.pdbx_gene_src_organ                ? 
_entity_src_gen.pdbx_gene_src_organelle            ? 
_entity_src_gen.pdbx_gene_src_cell                 ? 
_entity_src_gen.pdbx_gene_src_cellular_location    ? 
_entity_src_gen.host_org_common_name               ? 
_entity_src_gen.pdbx_host_org_scientific_name      'Escherichia coli' 
_entity_src_gen.pdbx_host_org_ncbi_taxonomy_id     562 
_entity_src_gen.host_org_genus                     ? 
_entity_src_gen.pdbx_host_org_gene                 ? 
_entity_src_gen.pdbx_host_org_organ                ? 
_entity_src_gen.host_org_species                   ? 
_entity_src_gen.pdbx_host_org_tissue               ? 
_entity_src_gen.pdbx_host_org_tissue_fraction      ? 
_entity_src_gen.pdbx_host_org_strain               ? 
_entity_src_gen.pdbx_host_org_variant              ? 
_entity_src_gen.pdbx_host_org_cell_line            ? 
_entity_src_gen.pdbx_host_org_atcc                 ? 
_entity_src_gen.pdbx_host_org_culture_collection   ? 
_entity_src_gen.pdbx_host_org_cell                 ? 
_entity_src_gen.pdbx_host_org_organelle            ? 
_entity_src_gen.pdbx_host_org_cellular_location    ? 
_entity_src_gen.pdbx_host_org_vector_type          ? 
_entity_src_gen.pdbx_host_org_vector               ? 
_entity_src_gen.host_org_details                   ? 
_entity_src_gen.expression_system_id               ? 
_entity_src_gen.plasmid_name                       ? 
_entity_src_gen.plasmid_details                    ? 
_entity_src_gen.pdbx_description                   ? 
# 
_struct_ref.id                         1 
_struct_ref.db_name                    UNP 
_struct_ref.db_code                    SAV_STRAV 
_struct_ref.pdbx_db_accession          P22629 
_struct_ref.pdbx_db_isoform            ? 
_struct_ref.entity_id                  1 
_struct_ref.pdbx_seq_one_letter_code   
;EAGITGTWYNQLGSTFIVTAGADGALTGTYESAVGNAESRYVLTGRYDSAPATDGSGTALGWTVAWKNNYRNAHSATTWS
GQYVGGAEARINTQWLLTSGTTEANAWKSTLVGHDTFTKVKPSAASIDAAKKAGVNNGNPLDAVQQ
;
_struct_ref.pdbx_align_begin           38 
# 
_struct_ref_seq.align_id                      1 
_struct_ref_seq.ref_id                        1 
_struct_ref_seq.pdbx_PDB_id_code              6UI0 
_struct_ref_seq.pdbx_strand_id                A 
_struct_ref_seq.seq_align_beg                 14 
_struct_ref_seq.pdbx_seq_align_beg_ins_code   ? 
_struct_ref_seq.seq_align_end                 159 
_struct_ref_seq.pdbx_seq_align_end_ins_code   ? 
_struct_ref_seq.pdbx_db_accession             P22629 
_struct_ref_seq.db_align_beg                  38 
_struct_ref_seq.pdbx_db_align_beg_ins_code    ? 
_struct_ref_seq.db_align_end                  183 
_struct_ref_seq.pdbx_db_align_end_ins_code    ? 
_struct_ref_seq.pdbx_auth_seq_align_beg       14 
_struct_ref_seq.pdbx_auth_seq_align_end       159 
# 
loop_
_struct_ref_seq_dif.align_id 
_struct_ref_seq_dif.pdbx_pdb_id_code 
_struct_ref_seq_dif.mon_id 
_struct_ref_seq_dif.pdbx_pdb_strand_id 
_struct_ref_seq_dif.seq_num 
_struct_ref_seq_dif.pdbx_pdb_ins_code 
_struct_ref_seq_dif.pdbx_seq_db_name 
_struct_ref_seq_dif.pdbx_seq_db_accession_code 
_struct_ref_seq_dif.db_mon_id 
_struct_ref_seq_dif.pdbx_seq_db_seq_num 
_struct_ref_seq_dif.details 
_struct_ref_seq_dif.pdbx_auth_seq_num 
_struct_ref_seq_dif.pdbx_ordinal 
1 6UI0 MET A 1   ? UNP P22629 ?   ?   'initiating methionine' 1   1  
1 6UI0 ALA A 2   ? UNP P22629 ?   ?   'expression tag'        2   2  
1 6UI0 SER A 3   ? UNP P22629 ?   ?   'expression tag'        3   3  
1 6UI0 MET A 4   ? UNP P22629 ?   ?   'expression tag'        4   4  
1 6UI0 THR A 5   ? UNP P22629 ?   ?   'expression tag'        5   5  
1 6UI0 GLY A 6   ? UNP P22629 ?   ?   'expression tag'        6   6  
1 6UI0 GLY A 7   ? UNP P22629 ?   ?   'expression tag'        7   7  
1 6UI0 GLN A 8   ? UNP P22629 ?   ?   'expression tag'        8   8  
1 6UI0 GLN A 9   ? UNP P22629 ?   ?   'expression tag'        9   9  
1 6UI0 MET A 10  ? UNP P22629 ?   ?   'expression tag'        10  10 
1 6UI0 GLY A 11  ? UNP P22629 ?   ?   'expression tag'        11  11 
1 6UI0 ARG A 12  ? UNP P22629 ?   ?   'expression tag'        12  12 
1 6UI0 ASP A 13  ? UNP P22629 ?   ?   'expression tag'        13  13 
1 6UI0 GLN A 101 ? UNP P22629 GLU 125 'engineered mutation'   101 14 
1 6UI0 GLU A 112 ? UNP P22629 SER 136 'engineered mutation'   112 15 
1 6UI0 ALA A 121 ? UNP P22629 LYS 145 'engineered mutation'   121 16 
# 
loop_
_chem_comp.id 
_chem_comp.type 
_chem_comp.mon_nstd_flag 
_chem_comp.name 
_chem_comp.pdbx_synonyms 
_chem_comp.formula 
_chem_comp.formula_weight 
ACT non-polymer         . 'ACETATE ION' ? 'C2 H3 O2 -1'          59.044  
ALA 'L-peptide linking' y ALANINE ? 'C3 H7 N O2'           89.093  
ARG 'L-peptide linking' y ARGININE ? 'C6 H15 N4 O2 1'       175.209 
ASN 'L-peptide linking' y ASPARAGINE ? 'C4 H8 N2 O3'          132.118 
ASP 'L-peptide linking' y 'ASPARTIC ACID' ? 'C4 H7 N O4'           133.103 
GLN 'L-peptide linking' y GLUTAMINE ? 'C5 H10 N2 O3'         146.144 
GLU 'L-peptide linking' y 'GLUTAMIC ACID' ? 'C5 H9 N O4'           147.129 
GLY 'peptide linking'   y GLYCINE ? 'C2 H5 N O2'           75.067  
HIS 'L-peptide linking' y HISTIDINE ? 'C6 H10 N3 O2 1'       156.162 
HOH non-polymer         . WATER ? 'H2 O'                 18.015  
ILE 'L-peptide linking' y ISOLEUCINE ? 'C6 H13 N O2'          131.173 
LEU 'L-peptide linking' y LEUCINE ? 'C6 H13 N O2'          131.173 
LYS 'L-peptide linking' y LYSINE ? 'C6 H15 N2 O2 1'       147.195 
MET 'L-peptide linking' y METHIONINE ? 'C5 H11 N O2 S'        149.211 
PHE 'L-peptide linking' y PHENYLALANINE ? 'C9 H11 N O2'          165.189 
PRO 'L-peptide linking' y PROLINE ? 'C5 H9 N O2'           115.130 
QFY non-polymer         . 
;{N-(2-{bis[(pyridin-2-yl-kappaN)methyl]amino-kappaN}ethyl)-5-[(3aS,4S,6aR)-2-oxohexahydro-1H-thieno[3,4-d]imidazol-4-yl]pentanamide}iron(3+)
;
? 'C24 H32 Fe N6 O2 S 3' 524.460 
SER 'L-peptide linking' y SERINE ? 'C3 H7 N O3'           105.093 
THR 'L-peptide linking' y THREONINE ? 'C4 H9 N O3'           119.119 
TRP 'L-peptide linking' y TRYPTOPHAN ? 'C11 H12 N2 O2'        204.225 
TYR 'L-peptide linking' y TYROSINE ? 'C9 H11 N O3'          181.189 
VAL 'L-peptide linking' y VALINE ? 'C5 H11 N O2'          117.146 
# 
_exptl.absorpt_coefficient_mu     ? 
_exptl.absorpt_correction_T_max   ? 
_exptl.absorpt_correction_T_min   ? 
_exptl.absorpt_correction_type    ? 
_exptl.absorpt_process_details    ? 
_exptl.entry_id                   6UI0 
_exptl.crystals_number            1 
_exptl.details                    ? 
_exptl.method                     'X-RAY DIFFRACTION' 
_exptl.method_details             ? 
# 
_exptl_crystal.colour                      ? 
_exptl_crystal.density_diffrn              ? 
_exptl_crystal.density_Matthews            2.34 
_exptl_crystal.density_method              ? 
_exptl_crystal.density_percent_sol         47.36 
_exptl_crystal.description                 ? 
_exptl_crystal.F_000                       ? 
_exptl_crystal.id                          1 
_exptl_crystal.preparation                 ? 
_exptl_crystal.size_max                    ? 
_exptl_crystal.size_mid                    ? 
_exptl_crystal.size_min                    ? 
_exptl_crystal.size_rad                    ? 
_exptl_crystal.colour_lustre               ? 
_exptl_crystal.colour_modifier             ? 
_exptl_crystal.colour_primary              ? 
_exptl_crystal.density_meas                ? 
_exptl_crystal.density_meas_esd            ? 
_exptl_crystal.density_meas_gt             ? 
_exptl_crystal.density_meas_lt             ? 
_exptl_crystal.density_meas_temp           ? 
_exptl_crystal.density_meas_temp_esd       ? 
_exptl_crystal.density_meas_temp_gt        ? 
_exptl_crystal.density_meas_temp_lt        ? 
_exptl_crystal.pdbx_crystal_image_url      ? 
_exptl_crystal.pdbx_crystal_image_format   ? 
_exptl_crystal.pdbx_mosaicity              ? 
_exptl_crystal.pdbx_mosaicity_esd          ? 
# 
_exptl_crystal_grow.apparatus       ? 
_exptl_crystal_grow.atmosphere      ? 
_exptl_crystal_grow.crystal_id      1 
_exptl_crystal_grow.details         ? 
_exptl_crystal_grow.method          'VAPOR DIFFUSION, SITTING DROP' 
_exptl_crystal_grow.method_ref      ? 
_exptl_crystal_grow.pH              4 
_exptl_crystal_grow.pressure        ? 
_exptl_crystal_grow.pressure_esd    ? 
_exptl_crystal_grow.seeding         ? 
_exptl_crystal_grow.seeding_ref     ? 
_exptl_crystal_grow.temp            295 
_exptl_crystal_grow.temp_details    ? 
_exptl_crystal_grow.temp_esd        ? 
_exptl_crystal_grow.time            ? 
_exptl_crystal_grow.pdbx_details    '26 mg/mL protein, 2.0 Ammonium Sulfate, 0.1 M sodium acetate pH 4' 
_exptl_crystal_grow.pdbx_pH_range   ? 
# 
_diffrn.ambient_environment              ? 
_diffrn.ambient_temp                     100 
_diffrn.ambient_temp_details             ? 
_diffrn.ambient_temp_esd                 ? 
_diffrn.crystal_id                       1 
_diffrn.crystal_support                  ? 
_diffrn.crystal_treatment                ? 
_diffrn.details                          ? 
_diffrn.id                               1 
_diffrn.ambient_pressure                 ? 
_diffrn.ambient_pressure_esd             ? 
_diffrn.ambient_pressure_gt              ? 
_diffrn.ambient_pressure_lt              ? 
_diffrn.ambient_temp_gt                  ? 
_diffrn.ambient_temp_lt                  ? 
_diffrn.pdbx_serial_crystal_experiment   N 
# 
_diffrn_detector.details                      ? 
_diffrn_detector.detector                     CCD 
_diffrn_detector.diffrn_id                    1 
_diffrn_detector.type                         'ADSC QUANTUM 315r' 
_diffrn_detector.area_resol_mean              ? 
_diffrn_detector.dtime                        ? 
_diffrn_detector.pdbx_frames_total            ? 
_diffrn_detector.pdbx_collection_time_total   ? 
_diffrn_detector.pdbx_collection_date         2018-06-05 
_diffrn_detector.pdbx_frequency               ? 
# 
_diffrn_radiation.collimation                      ? 
_diffrn_radiation.diffrn_id                        1 
_diffrn_radiation.filter_edge                      ? 
_diffrn_radiation.inhomogeneity                    ? 
_diffrn_radiation.monochromator                    'Double crystal Si(111)' 
_diffrn_radiation.polarisn_norm                    ? 
_diffrn_radiation.polarisn_ratio                   ? 
_diffrn_radiation.probe                            ? 
_diffrn_radiation.type                             ? 
_diffrn_radiation.xray_symbol                      ? 
_diffrn_radiation.wavelength_id                    1 
_diffrn_radiation.pdbx_monochromatic_or_laue_m_l   M 
_diffrn_radiation.pdbx_wavelength_list             ? 
_diffrn_radiation.pdbx_wavelength                  ? 
_diffrn_radiation.pdbx_diffrn_protocol             'SINGLE WAVELENGTH' 
_diffrn_radiation.pdbx_analyzer                    ? 
_diffrn_radiation.pdbx_scattering_type             x-ray 
# 
_diffrn_radiation_wavelength.id           1 
_diffrn_radiation_wavelength.wavelength   1 
_diffrn_radiation_wavelength.wt           1.0 
# 
_diffrn_source.current                     ? 
_diffrn_source.details                     ? 
_diffrn_source.diffrn_id                   1 
_diffrn_source.power                       ? 
_diffrn_source.size                        ? 
_diffrn_source.source                      SYNCHROTRON 
_diffrn_source.target                      ? 
_diffrn_source.type                        'ALS BEAMLINE 8.2.2' 
_diffrn_source.voltage                     ? 
_diffrn_source.take-off_angle              ? 
_diffrn_source.pdbx_wavelength_list        1 
_diffrn_source.pdbx_wavelength             ? 
_diffrn_source.pdbx_synchrotron_beamline   8.2.2 
_diffrn_source.pdbx_synchrotron_site       ALS 
# 
_reflns.B_iso_Wilson_estimate            ? 
_reflns.entry_id                         6UI0 
_reflns.data_reduction_details           ? 
_reflns.data_reduction_method            ? 
_reflns.d_resolution_high                1.400 
_reflns.d_resolution_low                 37.450 
_reflns.details                          ? 
_reflns.limit_h_max                      ? 
_reflns.limit_h_min                      ? 
_reflns.limit_k_max                      ? 
_reflns.limit_k_min                      ? 
_reflns.limit_l_max                      ? 
_reflns.limit_l_min                      ? 
_reflns.number_all                       ? 
_reflns.number_obs                       31551 
_reflns.observed_criterion               ? 
_reflns.observed_criterion_F_max         ? 
_reflns.observed_criterion_F_min         ? 
_reflns.observed_criterion_I_max         ? 
_reflns.observed_criterion_I_min         ? 
_reflns.observed_criterion_sigma_F       ? 
_reflns.observed_criterion_sigma_I       ? 
_reflns.percent_possible_obs             100.000 
_reflns.R_free_details                   ? 
_reflns.Rmerge_F_all                     ? 
_reflns.Rmerge_F_obs                     ? 
_reflns.Friedel_coverage                 ? 
_reflns.number_gt                        ? 
_reflns.threshold_expression             ? 
_reflns.pdbx_redundancy                  25.900 
_reflns.pdbx_Rmerge_I_obs                0.065 
_reflns.pdbx_Rmerge_I_all                ? 
_reflns.pdbx_Rsym_value                  ? 
_reflns.pdbx_netI_over_av_sigmaI         ? 
_reflns.pdbx_netI_over_sigmaI            30.600 
_reflns.pdbx_res_netI_over_av_sigmaI_2   ? 
_reflns.pdbx_res_netI_over_sigmaI_2      ? 
_reflns.pdbx_chi_squared                 ? 
_reflns.pdbx_scaling_rejects             ? 
_reflns.pdbx_d_res_high_opt              ? 
_reflns.pdbx_d_res_low_opt               ? 
_reflns.pdbx_d_res_opt_method            ? 
_reflns.phase_calculation_details        ? 
_reflns.pdbx_Rrim_I_all                  0.066 
_reflns.pdbx_Rpim_I_all                  0.013 
_reflns.pdbx_d_opt                       ? 
_reflns.pdbx_number_measured_all         ? 
_reflns.pdbx_diffrn_id                   1 
_reflns.pdbx_ordinal                     1 
_reflns.pdbx_CC_half                     1.000 
_reflns.pdbx_CC_star                     ? 
_reflns.pdbx_R_split                     ? 
# 
loop_
_reflns_shell.d_res_high 
_reflns_shell.d_res_low 
_reflns_shell.meanI_over_sigI_all 
_reflns_shell.meanI_over_sigI_obs 
_reflns_shell.number_measured_all 
_reflns_shell.number_measured_obs 
_reflns_shell.number_possible 
_reflns_shell.number_unique_all 
_reflns_shell.number_unique_obs 
_reflns_shell.percent_possible_all 
_reflns_shell.percent_possible_obs 
_reflns_shell.Rmerge_F_all 
_reflns_shell.Rmerge_F_obs 
_reflns_shell.Rmerge_I_all 
_reflns_shell.Rmerge_I_obs 
_reflns_shell.meanI_over_sigI_gt 
_reflns_shell.meanI_over_uI_all 
_reflns_shell.meanI_over_uI_gt 
_reflns_shell.number_measured_gt 
_reflns_shell.number_unique_gt 
_reflns_shell.percent_possible_gt 
_reflns_shell.Rmerge_F_gt 
_reflns_shell.Rmerge_I_gt 
_reflns_shell.pdbx_redundancy 
_reflns_shell.pdbx_Rsym_value 
_reflns_shell.pdbx_chi_squared 
_reflns_shell.pdbx_netI_over_sigmaI_all 
_reflns_shell.pdbx_netI_over_sigmaI_obs 
_reflns_shell.pdbx_Rrim_I_all 
_reflns_shell.pdbx_Rpim_I_all 
_reflns_shell.pdbx_rejects 
_reflns_shell.pdbx_ordinal 
_reflns_shell.pdbx_diffrn_id 
_reflns_shell.pdbx_CC_half 
_reflns_shell.pdbx_CC_star 
_reflns_shell.pdbx_R_split 
1.400 1.420  ? ? 40363 ? ? ? 1533 100.000 ? ? ? ? 2.333 ? ? ? ? ? ? ? ? 26.300 ? ? ? 1.700   2.379 0.461 ? 1 1 0.679 ? ? 
7.670 37.420 ? ? 5624  ? ? ? 248  99.200  ? ? ? ? 0.035 ? ? ? ? ? ? ? ? 22.700 ? ? ? 113.300 0.035 0.007 ? 2 1 1.000 ? ? 
# 
_refine.aniso_B[1][1]                            0.0700 
_refine.aniso_B[1][2]                            -0.0000 
_refine.aniso_B[1][3]                            0.0000 
_refine.aniso_B[2][2]                            0.0700 
_refine.aniso_B[2][3]                            -0.0000 
_refine.aniso_B[3][3]                            -0.1300 
_refine.B_iso_max                                86.950 
_refine.B_iso_mean                               21.5540 
_refine.B_iso_min                                11.530 
_refine.correlation_coeff_Fo_to_Fc               0.9740 
_refine.correlation_coeff_Fo_to_Fc_free          0.9700 
_refine.details                                  
'HYDROGENS HAVE BEEN ADDED IN THE RIDING POSITIONS U VALUES      : REFINED INDIVIDUALLY' 
_refine.diff_density_max                         ? 
_refine.diff_density_max_esd                     ? 
_refine.diff_density_min                         ? 
_refine.diff_density_min_esd                     ? 
_refine.diff_density_rms                         ? 
_refine.diff_density_rms_esd                     ? 
_refine.entry_id                                 6UI0 
_refine.pdbx_refine_id                           'X-RAY DIFFRACTION' 
_refine.ls_abs_structure_details                 ? 
_refine.ls_abs_structure_Flack                   ? 
_refine.ls_abs_structure_Flack_esd               ? 
_refine.ls_abs_structure_Rogers                  ? 
_refine.ls_abs_structure_Rogers_esd              ? 
_refine.ls_d_res_high                            1.4000 
_refine.ls_d_res_low                             37.450 
_refine.ls_extinction_coef                       ? 
_refine.ls_extinction_coef_esd                   ? 
_refine.ls_extinction_expression                 ? 
_refine.ls_extinction_method                     ? 
_refine.ls_goodness_of_fit_all                   ? 
_refine.ls_goodness_of_fit_all_esd               ? 
_refine.ls_goodness_of_fit_obs                   ? 
_refine.ls_goodness_of_fit_obs_esd               ? 
_refine.ls_hydrogen_treatment                    ? 
_refine.ls_matrix_type                           ? 
_refine.ls_number_constraints                    ? 
_refine.ls_number_parameters                     ? 
_refine.ls_number_reflns_all                     ? 
_refine.ls_number_reflns_obs                     29879 
_refine.ls_number_reflns_R_free                  1638 
_refine.ls_number_reflns_R_work                  ? 
_refine.ls_number_restraints                     ? 
_refine.ls_percent_reflns_obs                    99.9700 
_refine.ls_percent_reflns_R_free                 5.2000 
_refine.ls_R_factor_all                          ? 
_refine.ls_R_factor_obs                          0.1628 
_refine.ls_R_factor_R_free                       0.1795 
_refine.ls_R_factor_R_free_error                 ? 
_refine.ls_R_factor_R_free_error_details         ? 
_refine.ls_R_factor_R_work                       0.1618 
_refine.ls_R_Fsqd_factor_obs                     ? 
_refine.ls_R_I_factor_obs                        ? 
_refine.ls_redundancy_reflns_all                 ? 
_refine.ls_redundancy_reflns_obs                 ? 
_refine.ls_restrained_S_all                      ? 
_refine.ls_restrained_S_obs                      ? 
_refine.ls_shift_over_esd_max                    ? 
_refine.ls_shift_over_esd_mean                   ? 
_refine.ls_structure_factor_coef                 ? 
_refine.ls_weighting_details                     ? 
_refine.ls_weighting_scheme                      ? 
_refine.ls_wR_factor_all                         ? 
_refine.ls_wR_factor_obs                         ? 
_refine.ls_wR_factor_R_free                      ? 
_refine.ls_wR_factor_R_work                      ? 
_refine.occupancy_max                            ? 
_refine.occupancy_min                            ? 
_refine.solvent_model_details                    ? 
_refine.solvent_model_param_bsol                 ? 
_refine.solvent_model_param_ksol                 ? 
_refine.pdbx_R_complete                          ? 
_refine.ls_R_factor_gt                           ? 
_refine.ls_goodness_of_fit_gt                    ? 
_refine.ls_goodness_of_fit_ref                   ? 
_refine.ls_shift_over_su_max                     ? 
_refine.ls_shift_over_su_max_lt                  ? 
_refine.ls_shift_over_su_mean                    ? 
_refine.ls_shift_over_su_mean_lt                 ? 
_refine.pdbx_ls_sigma_I                          ? 
_refine.pdbx_ls_sigma_F                          0.000 
_refine.pdbx_ls_sigma_Fsqd                       ? 
_refine.pdbx_data_cutoff_high_absF               ? 
_refine.pdbx_data_cutoff_high_rms_absF           ? 
_refine.pdbx_data_cutoff_low_absF                ? 
_refine.pdbx_isotropic_thermal_model             ? 
_refine.pdbx_ls_cross_valid_method               THROUGHOUT 
_refine.pdbx_method_to_determine_struct          'MOLECULAR REPLACEMENT' 
_refine.pdbx_starting_model                      2QCB 
_refine.pdbx_stereochemistry_target_values       ? 
_refine.pdbx_R_Free_selection_details            RANDOM 
_refine.pdbx_stereochem_target_val_spec_case     ? 
_refine.pdbx_overall_ESU_R                       0.0490 
_refine.pdbx_overall_ESU_R_Free                  0.0500 
_refine.pdbx_solvent_vdw_probe_radii             1.2000 
_refine.pdbx_solvent_ion_probe_radii             0.8000 
_refine.pdbx_solvent_shrinkage_radii             0.8000 
_refine.pdbx_real_space_R                        ? 
_refine.pdbx_density_correlation                 ? 
_refine.pdbx_pd_number_of_powder_patterns        ? 
_refine.pdbx_pd_number_of_points                 ? 
_refine.pdbx_pd_meas_number_of_points            ? 
_refine.pdbx_pd_proc_ls_prof_R_factor            ? 
_refine.pdbx_pd_proc_ls_prof_wR_factor           ? 
_refine.pdbx_pd_Marquardt_correlation_coeff      ? 
_refine.pdbx_pd_Fsqrd_R_factor                   ? 
_refine.pdbx_pd_ls_matrix_band_width             ? 
_refine.pdbx_overall_phase_error                 ? 
_refine.pdbx_overall_SU_R_free_Cruickshank_DPI   ? 
_refine.pdbx_overall_SU_R_free_Blow_DPI          ? 
_refine.pdbx_overall_SU_R_Blow_DPI               ? 
_refine.pdbx_TLS_residual_ADP_flag               ? 
_refine.pdbx_diffrn_id                           1 
_refine.overall_SU_B                             0.8460 
_refine.overall_SU_ML                            0.0330 
_refine.overall_SU_R_Cruickshank_DPI             ? 
_refine.overall_SU_R_free                        ? 
_refine.overall_FOM_free_R_set                   ? 
_refine.overall_FOM_work_R_set                   ? 
_refine.pdbx_average_fsc_overall                 ? 
_refine.pdbx_average_fsc_work                    ? 
_refine.pdbx_average_fsc_free                    ? 
# 
_refine_hist.pdbx_refine_id                   'X-RAY DIFFRACTION' 
_refine_hist.cycle_id                         final 
_refine_hist.details                          ? 
_refine_hist.d_res_high                       1.4000 
_refine_hist.d_res_low                        37.450 
_refine_hist.number_atoms_solvent             103 
_refine_hist.number_atoms_total               1092 
_refine_hist.number_reflns_all                ? 
_refine_hist.number_reflns_obs                ? 
_refine_hist.number_reflns_R_free             ? 
_refine_hist.number_reflns_R_work             ? 
_refine_hist.R_factor_all                     ? 
_refine_hist.R_factor_obs                     ? 
_refine_hist.R_factor_R_free                  ? 
_refine_hist.R_factor_R_work                  ? 
_refine_hist.pdbx_number_residues_total       125 
_refine_hist.pdbx_B_iso_mean_ligand           29.95 
_refine_hist.pdbx_B_iso_mean_solvent          36.86 
_refine_hist.pdbx_number_atoms_protein        935 
_refine_hist.pdbx_number_atoms_nucleic_acid   0 
_refine_hist.pdbx_number_atoms_ligand         54 
_refine_hist.pdbx_number_atoms_lipid          ? 
_refine_hist.pdbx_number_atoms_carb           ? 
_refine_hist.pdbx_pseudo_atom_details         ? 
# 
loop_
_refine_ls_restr.pdbx_refine_id 
_refine_ls_restr.criterion 
_refine_ls_restr.dev_ideal 
_refine_ls_restr.dev_ideal_target 
_refine_ls_restr.number 
_refine_ls_restr.rejects 
_refine_ls_restr.type 
_refine_ls_restr.weight 
_refine_ls_restr.pdbx_restraint_function 
'X-RAY DIFFRACTION' ? 0.014  0.013  1051 ? r_bond_refined_d       ? ? 
'X-RAY DIFFRACTION' ? 0.001  0.018  868  ? r_bond_other_d         ? ? 
'X-RAY DIFFRACTION' ? 2.072  1.689  1434 ? r_angle_refined_deg    ? ? 
'X-RAY DIFFRACTION' ? 1.596  1.573  2000 ? r_angle_other_deg      ? ? 
'X-RAY DIFFRACTION' ? 8.004  5.000  132  ? r_dihedral_angle_1_deg ? ? 
'X-RAY DIFFRACTION' ? 30.994 22.157 51   ? r_dihedral_angle_2_deg ? ? 
'X-RAY DIFFRACTION' ? 13.736 15.000 139  ? r_dihedral_angle_3_deg ? ? 
'X-RAY DIFFRACTION' ? 23.176 15.000 6    ? r_dihedral_angle_4_deg ? ? 
'X-RAY DIFFRACTION' ? 0.094  0.200  136  ? r_chiral_restr         ? ? 
'X-RAY DIFFRACTION' ? 0.012  0.020  1223 ? r_gen_planes_refined   ? ? 
'X-RAY DIFFRACTION' ? 0.002  0.020  235  ? r_gen_planes_other     ? ? 
# 
_refine_ls_restr_ncs.pdbx_refine_id      'X-RAY DIFFRACTION' 
_refine_ls_restr_ncs.dom_id              1 
_refine_ls_restr_ncs.ncs_model_details   ? 
_refine_ls_restr_ncs.rms_dev_B_iso       ? 
_refine_ls_restr_ncs.rms_dev_position    0.000 
_refine_ls_restr_ncs.weight_B_iso        ? 
_refine_ls_restr_ncs.weight_position     0.500 
_refine_ls_restr_ncs.pdbx_ordinal        1 
_refine_ls_restr_ncs.pdbx_type           'TIGHT THERMAL' 
_refine_ls_restr_ncs.pdbx_asym_id        ? 
_refine_ls_restr_ncs.pdbx_auth_asym_id   A 
_refine_ls_restr_ncs.pdbx_number         26 
_refine_ls_restr_ncs.pdbx_rms            ? 
_refine_ls_restr_ncs.pdbx_weight         ? 
_refine_ls_restr_ncs.pdbx_ens_id         1 
# 
_refine_ls_shell.pdbx_refine_id                   'X-RAY DIFFRACTION' 
_refine_ls_shell.d_res_high                       1.4000 
_refine_ls_shell.d_res_low                        1.4360 
_refine_ls_shell.number_reflns_all                2295 
_refine_ls_shell.number_reflns_obs                ? 
_refine_ls_shell.number_reflns_R_free             120 
_refine_ls_shell.number_reflns_R_work             2175 
_refine_ls_shell.percent_reflns_obs               100.0000 
_refine_ls_shell.percent_reflns_R_free            ? 
_refine_ls_shell.R_factor_all                     ? 
_refine_ls_shell.R_factor_obs                     ? 
_refine_ls_shell.R_factor_R_free                  0.2850 
_refine_ls_shell.R_factor_R_free_error            0.0000 
_refine_ls_shell.R_factor_R_work                  0.2460 
_refine_ls_shell.redundancy_reflns_all            ? 
_refine_ls_shell.redundancy_reflns_obs            ? 
_refine_ls_shell.wR_factor_all                    ? 
_refine_ls_shell.wR_factor_obs                    ? 
_refine_ls_shell.wR_factor_R_free                 ? 
_refine_ls_shell.wR_factor_R_work                 ? 
_refine_ls_shell.pdbx_R_complete                  ? 
_refine_ls_shell.pdbx_total_number_of_bins_used   20 
_refine_ls_shell.pdbx_phase_error                 ? 
_refine_ls_shell.pdbx_fsc_work                    ? 
_refine_ls_shell.pdbx_fsc_free                    ? 
# 
_struct_ncs_dom.pdbx_ens_id   1 
_struct_ncs_dom.id            1 
_struct_ncs_dom.details       A 
# 
_struct_ncs_dom_lim.pdbx_ens_id         1 
_struct_ncs_dom_lim.dom_id              1 
_struct_ncs_dom_lim.pdbx_component_id   1 
_struct_ncs_dom_lim.beg_label_asym_id   A 
_struct_ncs_dom_lim.beg_label_comp_id   THR 
_struct_ncs_dom_lim.beg_label_seq_id    40 
_struct_ncs_dom_lim.beg_label_alt_id    . 
_struct_ncs_dom_lim.end_label_asym_id   A 
_struct_ncs_dom_lim.end_label_comp_id   THR 
_struct_ncs_dom_lim.end_label_seq_id    40 
_struct_ncs_dom_lim.end_label_alt_id    . 
_struct_ncs_dom_lim.beg_auth_asym_id    A 
_struct_ncs_dom_lim.beg_auth_comp_id    THR 
_struct_ncs_dom_lim.beg_auth_seq_id     40 
_struct_ncs_dom_lim.end_auth_asym_id    A 
_struct_ncs_dom_lim.end_auth_comp_id    THR 
_struct_ncs_dom_lim.end_auth_seq_id     40 
_struct_ncs_dom_lim.pdbx_refine_code    1 
_struct_ncs_dom_lim.selection_details   ? 
# 
_struct_ncs_ens.id        1 
_struct_ncs_ens.details   ? 
# 
_struct.entry_id                     6UI0 
_struct.title                        'Artificial Iron Proteins: Modelling the Active Sites in Non-Heme Dioxygenases' 
_struct.pdbx_model_details           ? 
_struct.pdbx_formula_weight          ? 
_struct.pdbx_formula_weight_method   ? 
_struct.pdbx_model_type_details      ? 
_struct.pdbx_CASP_flag               N 
# 
_struct_keywords.entry_id        6UI0 
_struct_keywords.text            'Biotin binding artificial metalloprotein, METAL BINDING PROTEIN' 
_struct_keywords.pdbx_keywords   'METAL BINDING PROTEIN' 
# 
loop_
_struct_asym.id 
_struct_asym.pdbx_blank_PDB_chainid_flag 
_struct_asym.pdbx_modified 
_struct_asym.entity_id 
_struct_asym.details 
A N N 1 ? 
B N N 2 ? 
C N N 3 ? 
D N N 3 ? 
E N N 3 ? 
F N N 3 ? 
G N N 3 ? 
H N N 4 ? 
# 
loop_
_struct_conf.conf_type_id 
_struct_conf.id 
_struct_conf.pdbx_PDB_helix_id 
_struct_conf.beg_label_comp_id 
_struct_conf.beg_label_asym_id 
_struct_conf.beg_label_seq_id 
_struct_conf.pdbx_beg_PDB_ins_code 
_struct_conf.end_label_comp_id 
_struct_conf.end_label_asym_id 
_struct_conf.end_label_seq_id 
_struct_conf.pdbx_end_PDB_ins_code 
_struct_conf.beg_auth_comp_id 
_struct_conf.beg_auth_asym_id 
_struct_conf.beg_auth_seq_id 
_struct_conf.end_auth_comp_id 
_struct_conf.end_auth_asym_id 
_struct_conf.end_auth_seq_id 
_struct_conf.pdbx_PDB_helix_class 
_struct_conf.details 
_struct_conf.pdbx_PDB_helix_length 
HELX_P HELX_P1 AA1 ASP A 13  ? THR A 18  ? ASP A 13  THR A 18  1 ? 6 
HELX_P HELX_P2 AA2 THR A 115 ? ALA A 121 ? THR A 115 ALA A 121 5 ? 7 
# 
_struct_conf_type.id          HELX_P 
_struct_conf_type.criteria    ? 
_struct_conf_type.reference   ? 
# 
loop_
_struct_conn.id 
_struct_conn.conn_type_id 
_struct_conn.pdbx_leaving_atom_flag 
_struct_conn.pdbx_PDB_id 
_struct_conn.ptnr1_label_asym_id 
_struct_conn.ptnr1_label_comp_id 
_struct_conn.ptnr1_label_seq_id 
_struct_conn.ptnr1_label_atom_id 
_struct_conn.pdbx_ptnr1_label_alt_id 
_struct_conn.pdbx_ptnr1_PDB_ins_code 
_struct_conn.pdbx_ptnr1_standard_comp_id 
_struct_conn.ptnr1_symmetry 
_struct_conn.ptnr2_label_asym_id 
_struct_conn.ptnr2_label_comp_id 
_struct_conn.ptnr2_label_seq_id 
_struct_conn.ptnr2_label_atom_id 
_struct_conn.pdbx_ptnr2_label_alt_id 
_struct_conn.pdbx_ptnr2_PDB_ins_code 
_struct_conn.ptnr1_auth_asym_id 
_struct_conn.ptnr1_auth_comp_id 
_struct_conn.ptnr1_auth_seq_id 
_struct_conn.ptnr2_auth_asym_id 
_struct_conn.ptnr2_auth_comp_id 
_struct_conn.ptnr2_auth_seq_id 
_struct_conn.ptnr2_symmetry 
_struct_conn.pdbx_ptnr3_label_atom_id 
_struct_conn.pdbx_ptnr3_label_seq_id 
_struct_conn.pdbx_ptnr3_label_comp_id 
_struct_conn.pdbx_ptnr3_label_asym_id 
_struct_conn.pdbx_ptnr3_label_alt_id 
_struct_conn.pdbx_ptnr3_PDB_ins_code 
_struct_conn.details 
_struct_conn.pdbx_dist_value 
_struct_conn.pdbx_value_order 
_struct_conn.pdbx_role 
metalc1 metalc ? ? A GLU 112 OE2 A ? ? 1_555 B QFY . FE1 ? ? A GLU 112 A QFY 201 1_555 ? ? ? ? ? ? ? 2.107 ? ? 
metalc2 metalc ? ? B QFY .   FE1 ? ? ? 1_555 C ACT . OXT ? ? A QFY 201 A ACT 202 1_555 ? ? ? ? ? ? ? 2.167 ? ? 
metalc3 metalc ? ? B QFY .   FE1 ? ? ? 1_555 D ACT . OXT ? ? A QFY 201 A ACT 203 1_555 ? ? ? ? ? ? ? 2.153 ? ? 
# 
_struct_conn_type.id          metalc 
_struct_conn_type.criteria    ? 
_struct_conn_type.reference   ? 
# 
_struct_sheet.id               AA1 
_struct_sheet.type             ? 
_struct_sheet.number_strands   9 
_struct_sheet.details          ? 
# 
loop_
_struct_sheet_order.sheet_id 
_struct_sheet_order.range_id_1 
_struct_sheet_order.range_id_2 
_struct_sheet_order.offset 
_struct_sheet_order.sense 
AA1 1 2 ? anti-parallel 
AA1 2 3 ? anti-parallel 
AA1 3 4 ? anti-parallel 
AA1 4 5 ? anti-parallel 
AA1 5 6 ? anti-parallel 
AA1 6 7 ? anti-parallel 
AA1 7 8 ? anti-parallel 
AA1 8 9 ? anti-parallel 
# 
loop_
_struct_sheet_range.sheet_id 
_struct_sheet_range.id 
_struct_sheet_range.beg_label_comp_id 
_struct_sheet_range.beg_label_asym_id 
_struct_sheet_range.beg_label_seq_id 
_struct_sheet_range.pdbx_beg_PDB_ins_code 
_struct_sheet_range.end_label_comp_id 
_struct_sheet_range.end_label_asym_id 
_struct_sheet_range.end_label_seq_id 
_struct_sheet_range.pdbx_end_PDB_ins_code 
_struct_sheet_range.beg_auth_comp_id 
_struct_sheet_range.beg_auth_asym_id 
_struct_sheet_range.beg_auth_seq_id 
_struct_sheet_range.end_auth_comp_id 
_struct_sheet_range.end_auth_asym_id 
_struct_sheet_range.end_auth_seq_id 
AA1 1 GLY A 19  ? ASN A 23  ? GLY A 19  ASN A 23  
AA1 2 THR A 28  ? ALA A 33  ? THR A 28  ALA A 33  
AA1 3 ALA A 38  ? GLU A 44  ? ALA A 38  GLU A 44  
AA1 4 TYR A 54  ? TYR A 60  ? TYR A 54  TYR A 60  
AA1 5 THR A 71  ? LYS A 80  ? THR A 71  LYS A 80  
AA1 6 ASN A 85  ? VAL A 97  ? ASN A 85  VAL A 97  
AA1 7 ARG A 103 ? GLU A 112 ? ARG A 103 GLU A 112 
AA1 8 THR A 123 ? THR A 131 ? THR A 123 THR A 131 
AA1 9 GLY A 19  ? ASN A 23  ? GLY A 19  ASN A 23  
# 
loop_
_pdbx_struct_sheet_hbond.sheet_id 
_pdbx_struct_sheet_hbond.range_id_1 
_pdbx_struct_sheet_hbond.range_id_2 
_pdbx_struct_sheet_hbond.range_1_label_atom_id 
_pdbx_struct_sheet_hbond.range_1_label_comp_id 
_pdbx_struct_sheet_hbond.range_1_label_asym_id 
_pdbx_struct_sheet_hbond.range_1_label_seq_id 
_pdbx_struct_sheet_hbond.range_1_PDB_ins_code 
_pdbx_struct_sheet_hbond.range_1_auth_atom_id 
_pdbx_struct_sheet_hbond.range_1_auth_comp_id 
_pdbx_struct_sheet_hbond.range_1_auth_asym_id 
_pdbx_struct_sheet_hbond.range_1_auth_seq_id 
_pdbx_struct_sheet_hbond.range_2_label_atom_id 
_pdbx_struct_sheet_hbond.range_2_label_comp_id 
_pdbx_struct_sheet_hbond.range_2_label_asym_id 
_pdbx_struct_sheet_hbond.range_2_label_seq_id 
_pdbx_struct_sheet_hbond.range_2_PDB_ins_code 
_pdbx_struct_sheet_hbond.range_2_auth_atom_id 
_pdbx_struct_sheet_hbond.range_2_auth_comp_id 
_pdbx_struct_sheet_hbond.range_2_auth_asym_id 
_pdbx_struct_sheet_hbond.range_2_auth_seq_id 
AA1 1 2 N GLY A 19  ? N GLY A 19  O VAL A 31  ? O VAL A 31  
AA1 2 3 N ILE A 30  ? N ILE A 30  O THR A 42  ? O THR A 42  
AA1 3 4 N LEU A 39  ? N LEU A 39  O GLY A 58  ? O GLY A 58  
AA1 4 5 N THR A 57  ? N THR A 57  O THR A 76  ? O THR A 76  
AA1 5 6 N TRP A 79  ? N TRP A 79  O SER A 88  ? O SER A 88  
AA1 6 7 N SER A 93  ? N SER A 93  O GLN A 107 ? O GLN A 107 
AA1 7 8 N LEU A 110 ? N LEU A 110 O LEU A 124 ? O LEU A 124 
AA1 8 9 O THR A 131 ? O THR A 131 N TYR A 22  ? N TYR A 22  
# 
loop_
_struct_site.id 
_struct_site.pdbx_evidence_code 
_struct_site.pdbx_auth_asym_id 
_struct_site.pdbx_auth_comp_id 
_struct_site.pdbx_auth_seq_id 
_struct_site.pdbx_auth_ins_code 
_struct_site.pdbx_num_residues 
_struct_site.details 
AC1 Software A QFY 201 ? 19 'binding site for residue QFY A 201' 
AC2 Software A ACT 202 ? 3  'binding site for residue ACT A 202' 
AC3 Software A ACT 203 ? 4  'binding site for residue ACT A 203' 
AC4 Software A ACT 204 ? 2  'binding site for residue ACT A 204' 
AC5 Software A ACT 205 ? 2  'binding site for residue ACT A 205' 
AC6 Software A ACT 206 ? 5  'binding site for residue ACT A 206' 
# 
loop_
_struct_site_gen.id 
_struct_site_gen.site_id 
_struct_site_gen.pdbx_num_res 
_struct_site_gen.label_comp_id 
_struct_site_gen.label_asym_id 
_struct_site_gen.label_seq_id 
_struct_site_gen.pdbx_auth_ins_code 
_struct_site_gen.auth_comp_id 
_struct_site_gen.auth_asym_id 
_struct_site_gen.auth_seq_id 
_struct_site_gen.label_atom_id 
_struct_site_gen.label_alt_id 
_struct_site_gen.symmetry 
_struct_site_gen.details 
1  AC1 19 ASN A 23  ? ASN A 23  . ? 1_555  ? 
2  AC1 19 SER A 27  ? SER A 27  . ? 1_555  ? 
3  AC1 19 TYR A 43  ? TYR A 43  . ? 1_555  ? 
4  AC1 19 SER A 45  ? SER A 45  . ? 1_555  ? 
5  AC1 19 VAL A 47  ? VAL A 47  . ? 1_555  ? 
6  AC1 19 GLY A 48  ? GLY A 48  . ? 1_555  ? 
7  AC1 19 ASN A 49  ? ASN A 49  . ? 1_555  ? 
8  AC1 19 TRP A 79  ? TRP A 79  . ? 1_555  ? 
9  AC1 19 SER A 88  ? SER A 88  . ? 1_555  ? 
10 AC1 19 THR A 90  ? THR A 90  . ? 1_555  ? 
11 AC1 19 TRP A 108 ? TRP A 108 . ? 1_555  ? 
12 AC1 19 LEU A 110 ? LEU A 110 . ? 1_555  ? 
13 AC1 19 GLU A 112 ? GLU A 112 . ? 1_555  ? 
14 AC1 19 ALA A 121 ? ALA A 121 . ? 1_555  ? 
15 AC1 19 SER A 122 ? SER A 122 . ? 1_555  ? 
16 AC1 19 LEU A 124 ? LEU A 124 . ? 1_555  ? 
17 AC1 19 ASP A 128 ? ASP A 128 . ? 1_555  ? 
18 AC1 19 ACT C .   ? ACT A 202 . ? 1_555  ? 
19 AC1 19 ACT D .   ? ACT A 203 . ? 1_555  ? 
20 AC2 3  GLU A 112 ? GLU A 112 . ? 1_555  ? 
21 AC2 3  QFY B .   ? QFY A 201 . ? 1_555  ? 
22 AC2 3  ACT D .   ? ACT A 203 . ? 1_555  ? 
23 AC3 4  ASN A 49  ? ASN A 49  . ? 1_555  ? 
24 AC3 4  GLU A 112 ? GLU A 112 . ? 1_555  ? 
25 AC3 4  QFY B .   ? QFY A 201 . ? 1_555  ? 
26 AC3 4  ACT C .   ? ACT A 202 . ? 1_555  ? 
27 AC4 2  HOH H .   ? HOH A 306 . ? 5_554  ? 
28 AC4 2  HOH H .   ? HOH A 306 . ? 1_555  ? 
29 AC5 2  ARG A 84  ? ARG A 84  . ? 5_554  ? 
30 AC5 2  ARG A 84  ? ARG A 84  . ? 1_555  ? 
31 AC6 5  ASN A 82  ? ASN A 82  . ? 5_554  ? 
32 AC6 5  TYR A 83  ? TYR A 83  . ? 5_554  ? 
33 AC6 5  HIS A 87  ? HIS A 87  . ? 1_555  ? 
34 AC6 5  HOH H .   ? HOH A 311 . ? 1_555  ? 
35 AC6 5  HOH H .   ? HOH A 381 . ? 15_555 ? 
# 
_atom_sites.entry_id                    6UI0 
_atom_sites.Cartn_transf_matrix[1][1]   ? 
_atom_sites.Cartn_transf_matrix[1][2]   ? 
_atom_sites.Cartn_transf_matrix[1][3]   ? 
_atom_sites.Cartn_transf_matrix[2][1]   ? 
_atom_sites.Cartn_transf_matrix[2][2]   ? 
_atom_sites.Cartn_transf_matrix[2][3]   ? 
_atom_sites.Cartn_transf_matrix[3][1]   ? 
_atom_sites.Cartn_transf_matrix[3][2]   ? 
_atom_sites.Cartn_transf_matrix[3][3]   ? 
_atom_sites.Cartn_transf_vector[1]      ? 
_atom_sites.Cartn_transf_vector[2]      ? 
_atom_sites.Cartn_transf_vector[3]      ? 
_atom_sites.fract_transf_matrix[1][1]   -0.01567623 
_atom_sites.fract_transf_matrix[1][2]   0.00457654 
_atom_sites.fract_transf_matrix[1][3]   -0.00563046 
_atom_sites.fract_transf_matrix[2][1]   0.00692434 
_atom_sites.fract_transf_matrix[2][2]   0.01344117 
_atom_sites.fract_transf_matrix[2][3]   -0.00835342 
_atom_sites.fract_transf_matrix[3][1]   0.00067975 
_atom_sites.fract_transf_matrix[3][2]   -0.00308448 
_atom_sites.fract_transf_matrix[3][3]   -0.00439966 
_atom_sites.fract_transf_vector[1]      0.239798 
_atom_sites.fract_transf_vector[2]      0.421175 
_atom_sites.fract_transf_vector[3]      -0.009266 
_atom_sites.solution_primary            ? 
_atom_sites.solution_secondary          ? 
_atom_sites.solution_hydrogens          ? 
_atom_sites.special_details             ? 
# 
loop_
_atom_type.symbol 
C  
FE 
N  
O  
S  
# 
loop_
_atom_site.group_PDB 
_atom_site.id 
_atom_site.type_symbol 
_atom_site.label_atom_id 
_atom_site.label_alt_id 
_atom_site.label_comp_id 
_atom_site.label_asym_id 
_atom_site.label_entity_id 
_atom_site.label_seq_id 
_atom_site.pdbx_PDB_ins_code 
_atom_site.Cartn_x 
_atom_site.Cartn_y 
_atom_site.Cartn_z 
_atom_site.occupancy 
_atom_site.B_iso_or_equiv 
_atom_site.pdbx_formal_charge 
_atom_site.auth_seq_id 
_atom_site.auth_comp_id 
_atom_site.auth_asym_id 
_atom_site.auth_atom_id 
_atom_site.pdbx_PDB_model_num 
ATOM   1    N  N   . MET A 1 10  ? 10.257  -19.274 -5.713  1.00 58.15 ? 10  MET A N   1 
ATOM   2    C  CA  . MET A 1 10  ? 10.066  -17.873 -5.220  1.00 57.85 ? 10  MET A CA  1 
ATOM   3    C  C   . MET A 1 10  ? 9.249   -17.093 -6.261  1.00 51.40 ? 10  MET A C   1 
ATOM   4    O  O   . MET A 1 10  ? 9.377   -17.372 -7.471  1.00 44.24 ? 10  MET A O   1 
ATOM   5    C  CB  . MET A 1 10  ? 11.412  -17.176 -4.936  1.00 65.45 ? 10  MET A CB  1 
ATOM   6    C  CG  . MET A 1 10  ? 12.139  -16.598 -6.157  1.00 71.40 ? 10  MET A CG  1 
ATOM   7    S  SD  . MET A 1 10  ? 13.712  -15.737 -5.748  1.00 86.95 ? 10  MET A SD  1 
ATOM   8    C  CE  . MET A 1 10  ? 14.329  -15.336 -7.384  1.00 79.87 ? 10  MET A CE  1 
ATOM   9    N  N   . GLY A 1 11  ? 8.411   -16.160 -5.810  1.00 42.49 ? 11  GLY A N   1 
ATOM   10   C  CA  . GLY A 1 11  ? 7.752   -15.181 -6.696  1.00 41.01 ? 11  GLY A CA  1 
ATOM   11   C  C   . GLY A 1 11  ? 8.776   -14.481 -7.580  1.00 38.21 ? 11  GLY A C   1 
ATOM   12   O  O   . GLY A 1 11  ? 9.895   -14.185 -7.080  1.00 34.10 ? 11  GLY A O   1 
ATOM   13   N  N   . ARG A 1 12  ? 8.422   -14.173 -8.832  1.00 34.27 ? 12  ARG A N   1 
ATOM   14   C  CA  . ARG A 1 12  ? 9.358   -13.519 -9.800  1.00 33.71 ? 12  ARG A CA  1 
ATOM   15   C  C   . ARG A 1 12  ? 9.952   -12.254 -9.152  1.00 37.43 ? 12  ARG A C   1 
ATOM   16   O  O   . ARG A 1 12  ? 11.193  -12.034 -9.215  1.00 39.54 ? 12  ARG A O   1 
ATOM   17   C  CB  . ARG A 1 12  ? 8.615   -13.222 -11.103 1.00 38.25 ? 12  ARG A CB  1 
ATOM   18   C  CG  . ARG A 1 12  ? 9.405   -12.416 -12.131 1.00 46.55 ? 12  ARG A CG  1 
ATOM   19   C  CD  . ARG A 1 12  ? 10.570  -13.189 -12.724 1.00 54.71 ? 12  ARG A CD  1 
ATOM   20   N  NE  . ARG A 1 12  ? 11.570  -12.296 -13.303 1.00 62.87 ? 12  ARG A NE  1 
ATOM   21   C  CZ  . ARG A 1 12  ? 11.995  -12.310 -14.570 1.00 75.81 ? 12  ARG A CZ  1 
ATOM   22   N  NH1 . ARG A 1 12  ? 11.521  -13.182 -15.453 1.00 77.04 ? 12  ARG A NH1 1 
ATOM   23   N  NH2 . ARG A 1 12  ? 12.913  -11.435 -14.950 1.00 80.03 ? 12  ARG A NH2 1 
ATOM   24   N  N   . ASP A 1 13  ? 9.103   -11.402 -8.576  1.00 33.48 ? 13  ASP A N   1 
ATOM   25   C  CA  . ASP A 1 13  ? 9.516   -10.090 -8.010  1.00 29.98 ? 13  ASP A CA  1 
ATOM   26   C  C   . ASP A 1 13  ? 9.462   -10.137 -6.494  1.00 30.60 ? 13  ASP A C   1 
ATOM   27   O  O   . ASP A 1 13  ? 9.485   -9.059  -5.889  1.00 27.34 ? 13  ASP A O   1 
ATOM   28   C  CB  . ASP A 1 13  ? 8.635   -8.957  -8.530  1.00 30.22 ? 13  ASP A CB  1 
ATOM   29   C  CG  . ASP A 1 13  ? 8.578   -8.950  -10.037 1.00 30.92 ? 13  ASP A CG  1 
ATOM   30   O  OD1 . ASP A 1 13  ? 9.657   -8.758  -10.689 1.00 33.74 ? 13  ASP A OD1 1 
ATOM   31   O  OD2 . ASP A 1 13  ? 7.498   -9.176  -10.556 1.00 28.85 ? 13  ASP A OD2 1 
ATOM   32   N  N   . GLU A 1 14  ? 9.446   -11.323 -5.877  1.00 26.48 ? 14  GLU A N   1 
ATOM   33   C  CA  . GLU A 1 14  ? 9.540   -11.447 -4.406  1.00 29.61 ? 14  GLU A CA  1 
ATOM   34   C  C   . GLU A 1 14  ? 10.722  -10.604 -3.889  1.00 29.97 ? 14  GLU A C   1 
ATOM   35   O  O   . GLU A 1 14  ? 10.558  -9.762  -2.959  1.00 24.82 ? 14  GLU A O   1 
ATOM   36   C  CB  . GLU A 1 14  ? 9.644   -12.929 -4.068  1.00 30.26 ? 14  GLU A CB  1 
ATOM   37   C  CG  . GLU A 1 14  ? 9.690   -13.164 -2.602  1.00 31.93 ? 14  GLU A CG  1 
ATOM   38   C  CD  . GLU A 1 14  ? 9.588   -14.628 -2.227  1.00 34.19 ? 14  GLU A CD  1 
ATOM   39   O  OE1 . GLU A 1 14  ? 9.570   -14.900 -1.017  1.00 41.52 ? 14  GLU A OE1 1 
ATOM   40   O  OE2 . GLU A 1 14  ? 9.575   -15.476 -3.158  1.00 35.36 ? 14  GLU A OE2 1 
ATOM   41   N  N   . ALA A 1 15  ? 11.912  -10.775 -4.472  1.00 30.75 ? 15  ALA A N   1 
ATOM   42   C  CA  . ALA A 1 15  ? 13.117  -10.051 -4.015  1.00 32.44 ? 15  ALA A CA  1 
ATOM   43   C  C   . ALA A 1 15  ? 13.007  -8.533  -4.280  1.00 28.15 ? 15  ALA A C   1 
ATOM   44   O  O   . ALA A 1 15  ? 13.389  -7.712  -3.382  1.00 30.33 ? 15  ALA A O   1 
ATOM   45   C  CB  . ALA A 1 15  ? 14.310  -10.660 -4.721  1.00 35.74 ? 15  ALA A CB  1 
ATOM   46   N  N   . GLY A 1 16  ? 12.459  -8.148  -5.440  1.00 25.81 ? 16  GLY A N   1 
ATOM   47   C  CA  . GLY A 1 16  ? 12.352  -6.733  -5.822  1.00 22.23 ? 16  GLY A CA  1 
ATOM   48   C  C   . GLY A 1 16  ? 11.349  -5.998  -4.946  1.00 20.88 ? 16  GLY A C   1 
ATOM   49   O  O   . GLY A 1 16  ? 11.582  -4.815  -4.669  1.00 21.73 ? 16  GLY A O   1 
ATOM   50   N  N   . ILE A 1 17  ? 10.256  -6.653  -4.547  1.00 20.41 ? 17  ILE A N   1 
ATOM   51   C  CA  . ILE A 1 17  ? 9.187   -5.932  -3.793  1.00 18.89 ? 17  ILE A CA  1 
ATOM   52   C  C   . ILE A 1 17  ? 9.571   -5.856  -2.324  1.00 18.95 ? 17  ILE A C   1 
ATOM   53   O  O   . ILE A 1 17  ? 9.295   -4.847  -1.629  1.00 18.65 ? 17  ILE A O   1 
ATOM   54   C  CB  . ILE A 1 17  ? 7.827   -6.623  -3.983  1.00 20.18 ? 17  ILE A CB  1 
ATOM   55   C  CG1 . ILE A 1 17  ? 7.344   -6.449  -5.420  1.00 21.29 ? 17  ILE A CG1 1 
ATOM   56   C  CG2 . ILE A 1 17  ? 6.844   -6.082  -2.946  1.00 18.87 ? 17  ILE A CG2 1 
ATOM   57   C  CD1 . ILE A 1 17  ? 6.221   -7.401  -5.786  1.00 21.84 ? 17  ILE A CD1 1 
ATOM   58   N  N   . THR A 1 18  ? 10.150  -6.920  -1.769  1.00 19.30 ? 18  THR A N   1 
ATOM   59   C  CA  . THR A 1 18  ? 10.427  -6.973  -0.308  1.00 19.90 ? 18  THR A CA  1 
ATOM   60   C  C   . THR A 1 18  ? 11.374  -5.837  0.080   1.00 20.23 ? 18  THR A C   1 
ATOM   61   O  O   . THR A 1 18  ? 12.411  -5.603  -0.603  1.00 22.24 ? 18  THR A O   1 
ATOM   62   C  CB  . THR A 1 18  ? 11.022  -8.333  0.071   1.00 20.82 ? 18  THR A CB  1 
ATOM   63   O  OG1 . THR A 1 18  ? 10.020  -9.333  -0.097  1.00 20.44 ? 18  THR A OG1 1 
ATOM   64   C  CG2 . THR A 1 18  ? 11.538  -8.334  1.498   1.00 20.72 ? 18  THR A CG2 1 
ATOM   65   N  N   . GLY A 1 19  ? 11.048  -5.119  1.150   1.00 18.27 ? 19  GLY A N   1 
ATOM   66   C  CA  . GLY A 1 19  ? 11.901  -4.038  1.665   1.00 19.06 ? 19  GLY A CA  1 
ATOM   67   C  C   . GLY A 1 19  ? 11.139  -2.812  2.076   1.00 19.07 ? 19  GLY A C   1 
ATOM   68   O  O   . GLY A 1 19  ? 9.883   -2.893  2.241   1.00 19.08 ? 19  GLY A O   1 
ATOM   69   N  N   . THR A 1 20  ? 11.825  -1.699  2.117   1.00 19.50 ? 20  THR A N   1 
ATOM   70   C  CA  . THR A 1 20  ? 11.333  -0.412  2.608   1.00 18.21 ? 20  THR A CA  1 
ATOM   71   C  C   . THR A 1 20  ? 11.134  0.498   1.410   1.00 21.35 ? 20  THR A C   1 
ATOM   72   O  O   . THR A 1 20  ? 11.995  0.565   0.515   1.00 21.37 ? 20  THR A O   1 
ATOM   73   C  CB  . THR A 1 20  ? 12.301  0.229   3.612   1.00 18.64 ? 20  THR A CB  1 
ATOM   74   O  OG1 . THR A 1 20  ? 12.440  -0.669  4.715   1.00 20.99 ? 20  THR A OG1 1 
ATOM   75   C  CG2 . THR A 1 20  ? 11.762  1.532   4.144   1.00 19.49 ? 20  THR A CG2 1 
ATOM   76   N  N   . TRP A 1 21  ? 9.947   1.130   1.323   1.00 17.38 ? 21  TRP A N   1 
ATOM   77   C  CA  . TRP A 1 21  ? 9.578   2.051   0.253   1.00 17.74 ? 21  TRP A CA  1 
ATOM   78   C  C   . TRP A 1 21  ? 9.081   3.347   0.839   1.00 16.20 ? 21  TRP A C   1 
ATOM   79   O  O   . TRP A 1 21  ? 8.614   3.362   1.966   1.00 16.75 ? 21  TRP A O   1 
ATOM   80   C  CB  . TRP A 1 21  ? 8.474   1.414   -0.594  1.00 16.94 ? 21  TRP A CB  1 
ATOM   81   C  CG  . TRP A 1 21  ? 8.848   0.166   -1.325  1.00 16.47 ? 21  TRP A CG  1 
ATOM   82   C  CD1 . TRP A 1 21  ? 8.847   -1.121  -0.857  1.00 16.88 ? 21  TRP A CD1 1 
ATOM   83   C  CD2 . TRP A 1 21  ? 9.258   0.073   -2.689  1.00 16.12 ? 21  TRP A CD2 1 
ATOM   84   N  NE1 . TRP A 1 21  ? 9.212   -1.989  -1.851  1.00 17.75 ? 21  TRP A NE1 1 
ATOM   85   C  CE2 . TRP A 1 21  ? 9.477   -1.282  -2.985  1.00 17.17 ? 21  TRP A CE2 1 
ATOM   86   C  CE3 . TRP A 1 21  ? 9.482   1.010   -3.700  1.00 16.93 ? 21  TRP A CE3 1 
ATOM   87   C  CZ2 . TRP A 1 21  ? 9.880   -1.716  -4.251  1.00 17.79 ? 21  TRP A CZ2 1 
ATOM   88   C  CZ3 . TRP A 1 21  ? 9.831   0.576   -4.956  1.00 17.48 ? 21  TRP A CZ3 1 
ATOM   89   C  CH2 . TRP A 1 21  ? 10.060  -0.755  -5.209  1.00 18.38 ? 21  TRP A CH2 1 
ATOM   90   N  N   . TYR A 1 22  ? 9.252   4.419   0.067   1.00 16.46 ? 22  TYR A N   1 
ATOM   91   C  CA  . TYR A 1 22  ? 8.883   5.764   0.502   1.00 17.59 ? 22  TYR A CA  1 
ATOM   92   C  C   . TYR A 1 22  ? 8.031   6.447   -0.579  1.00 16.99 ? 22  TYR A C   1 
ATOM   93   O  O   . TYR A 1 22  ? 8.341   6.272   -1.744  1.00 17.52 ? 22  TYR A O   1 
ATOM   94   C  CB  . TYR A 1 22  ? 10.134  6.613   0.775   1.00 19.10 ? 22  TYR A CB  1 
ATOM   95   C  CG  . TYR A 1 22  ? 11.163  5.979   1.690   1.00 18.04 ? 22  TYR A CG  1 
ATOM   96   C  CD1 . TYR A 1 22  ? 11.054  6.035   3.054   1.00 20.76 ? 22  TYR A CD1 1 
ATOM   97   C  CD2 . TYR A 1 22  ? 12.162  5.203   1.129   1.00 20.33 ? 22  TYR A CD2 1 
ATOM   98   C  CE1 . TYR A 1 22  ? 12.021  5.441   3.867   1.00 20.52 ? 22  TYR A CE1 1 
ATOM   99   C  CE2 . TYR A 1 22  ? 13.100  4.569   1.911   1.00 19.36 ? 22  TYR A CE2 1 
ATOM   100  C  CZ  . TYR A 1 22  ? 13.042  4.712   3.280   1.00 20.14 ? 22  TYR A CZ  1 
ATOM   101  O  OH  . TYR A 1 22  ? 13.984  4.082   4.104   1.00 20.79 ? 22  TYR A OH  1 
ATOM   102  N  N   . ASN A 1 23  ? 6.964   7.164   -0.197  1.00 16.53 ? 23  ASN A N   1 
ATOM   103  C  CA  . ASN A 1 23  ? 6.177   7.847   -1.235  1.00 15.99 ? 23  ASN A CA  1 
ATOM   104  C  C   . ASN A 1 23  ? 6.470   9.347   -1.248  1.00 18.10 ? 23  ASN A C   1 
ATOM   105  O  O   . ASN A 1 23  ? 7.302   9.864   -0.435  1.00 18.38 ? 23  ASN A O   1 
ATOM   106  C  CB  . ASN A 1 23  ? 4.690   7.491   -1.143  1.00 14.71 ? 23  ASN A CB  1 
ATOM   107  C  CG  . ASN A 1 23  ? 3.982   8.129   0.037   1.00 15.88 ? 23  ASN A CG  1 
ATOM   108  O  OD1 . ASN A 1 23  ? 4.466   9.027   0.743   1.00 16.06 ? 23  ASN A OD1 1 
ATOM   109  N  ND2 . ASN A 1 23  ? 2.714   7.727   0.234   1.00 15.64 ? 23  ASN A ND2 1 
ATOM   110  N  N   . GLN A 1 24  ? 5.747   10.064  -2.083  1.00 16.90 ? 24  GLN A N   1 
ATOM   111  C  CA  . GLN A 1 24  ? 5.970   11.514  -2.345  1.00 18.21 ? 24  GLN A CA  1 
ATOM   112  C  C   . GLN A 1 24  ? 5.574   12.351  -1.140  1.00 18.89 ? 24  GLN A C   1 
ATOM   113  O  O   . GLN A 1 24  ? 5.942   13.552  -1.084  1.00 21.73 ? 24  GLN A O   1 
ATOM   114  C  CB  . GLN A 1 24  ? 5.213   11.924  -3.614  1.00 18.74 ? 24  GLN A CB  1 
ATOM   115  C  CG  . GLN A 1 24  ? 3.696   12.038  -3.525  1.00 18.08 ? 24  GLN A CG  1 
ATOM   116  C  CD  . GLN A 1 24  ? 2.921   10.747  -3.341  1.00 17.89 ? 24  GLN A CD  1 
ATOM   117  O  OE1 . GLN A 1 24  ? 3.435   9.641   -3.586  1.00 18.42 ? 24  GLN A OE1 1 
ATOM   118  N  NE2 . GLN A 1 24  ? 1.652   10.921  -2.949  1.00 17.89 ? 24  GLN A NE2 1 
ATOM   119  N  N   . LEU A 1 25  ? 4.794   11.815  -0.206  1.00 16.98 ? 25  LEU A N   1 
ATOM   120  C  CA  . LEU A 1 25  ? 4.366   12.506  1.026   1.00 18.46 ? 25  LEU A CA  1 
ATOM   121  C  C   . LEU A 1 25  ? 5.394   12.282  2.135   1.00 19.85 ? 25  LEU A C   1 
ATOM   122  O  O   . LEU A 1 25  ? 5.197   12.947  3.204   1.00 23.98 ? 25  LEU A O   1 
ATOM   123  C  CB  . LEU A 1 25  ? 2.998   11.980  1.457   1.00 19.06 ? 25  LEU A CB  1 
ATOM   124  C  CG  . LEU A 1 25  ? 1.845   12.223  0.475   1.00 19.84 ? 25  LEU A CG  1 
ATOM   125  C  CD1 . LEU A 1 25  ? 0.587   11.483  0.874   1.00 20.70 ? 25  LEU A CD1 1 
ATOM   126  C  CD2 . LEU A 1 25  ? 1.524   13.709  0.377   1.00 23.60 ? 25  LEU A CD2 1 
ATOM   127  N  N   . GLY A 1 26  ? 6.350   11.393  1.943   1.00 18.92 ? 26  GLY A N   1 
ATOM   128  C  CA  . GLY A 1 26  ? 7.302   10.990  3.001   1.00 20.27 ? 26  GLY A CA  1 
ATOM   129  C  C   . GLY A 1 26  ? 6.773   9.879   3.895   1.00 21.35 ? 26  GLY A C   1 
ATOM   130  O  O   . GLY A 1 26  ? 7.414   9.576   4.915   1.00 21.83 ? 26  GLY A O   1 
ATOM   131  N  N   . SER A 1 27  ? 5.707   9.180   3.510   1.00 16.63 ? 27  SER A N   1 
ATOM   132  C  CA  . SER A 1 27  ? 5.256   7.970   4.212   1.00 15.78 ? 27  SER A CA  1 
ATOM   133  C  C   . SER A 1 27  ? 6.228   6.803   3.942   1.00 15.56 ? 27  SER A C   1 
ATOM   134  O  O   . SER A 1 27  ? 6.858   6.760   2.899   1.00 17.36 ? 27  SER A O   1 
ATOM   135  C  CB  . SER A 1 27  ? 3.848   7.625   3.764   1.00 16.42 ? 27  SER A CB  1 
ATOM   136  O  OG  . SER A 1 27  ? 2.978   8.701   4.060   1.00 16.40 ? 27  SER A OG  1 
ATOM   137  N  N   . THR A 1 28  ? 6.241   5.825   4.845   1.00 16.66 ? 28  THR A N   1 
ATOM   138  C  CA  . THR A 1 28  ? 7.144   4.658   4.835   1.00 17.23 ? 28  THR A CA  1 
ATOM   139  C  C   . THR A 1 28  ? 6.307   3.392   4.797   1.00 16.50 ? 28  THR A C   1 
ATOM   140  O  O   . THR A 1 28  ? 5.459   3.137   5.684   1.00 18.86 ? 28  THR A O   1 
ATOM   141  C  CB  . THR A 1 28  ? 8.036   4.622   6.090   1.00 18.18 ? 28  THR A CB  1 
ATOM   142  O  OG1 . THR A 1 28  ? 8.751   5.843   6.220   1.00 22.68 ? 28  THR A OG1 1 
ATOM   143  C  CG2 . THR A 1 28  ? 9.076   3.523   5.985   1.00 21.02 ? 28  THR A CG2 1 
ATOM   144  N  N   . PHE A 1 29  ? 6.552   2.567   3.787   1.00 16.37 ? 29  PHE A N   1 
ATOM   145  C  CA  . PHE A 1 29  ? 5.849   1.295   3.477   1.00 18.08 ? 29  PHE A CA  1 
ATOM   146  C  C   . PHE A 1 29  ? 6.907   0.187   3.642   1.00 20.04 ? 29  PHE A C   1 
ATOM   147  O  O   . PHE A 1 29  ? 7.870   0.162   2.839   1.00 19.60 ? 29  PHE A O   1 
ATOM   148  C  CB  . PHE A 1 29  ? 5.240   1.442   2.065   1.00 18.66 ? 29  PHE A CB  1 
ATOM   149  C  CG  . PHE A 1 29  ? 4.756   0.192   1.413   1.00 18.12 ? 29  PHE A CG  1 
ATOM   150  C  CD1 . PHE A 1 29  ? 3.932   -0.701  2.068   1.00 18.98 ? 29  PHE A CD1 1 
ATOM   151  C  CD2 . PHE A 1 29  ? 4.998   -0.070  0.057   1.00 18.68 ? 29  PHE A CD2 1 
ATOM   152  C  CE1 . PHE A 1 29  ? 3.402   -1.806  1.416   1.00 17.28 ? 29  PHE A CE1 1 
ATOM   153  C  CE2 . PHE A 1 29  ? 4.519   -1.194  -0.568  1.00 19.02 ? 29  PHE A CE2 1 
ATOM   154  C  CZ  . PHE A 1 29  ? 3.707   -2.088  0.109   1.00 16.98 ? 29  PHE A CZ  1 
ATOM   155  N  N   . ILE A 1 30  ? 6.760   -0.678  4.632   1.00 18.69 ? 30  ILE A N   1 
ATOM   156  C  CA  . ILE A 1 30  ? 7.699   -1.778  4.890   1.00 19.53 ? 30  ILE A CA  1 
ATOM   157  C  C   . ILE A 1 30  ? 6.988   -3.087  4.582   1.00 17.51 ? 30  ILE A C   1 
ATOM   158  O  O   . ILE A 1 30  ? 5.944   -3.310  5.139   1.00 20.06 ? 30  ILE A O   1 
ATOM   159  C  CB  . ILE A 1 30  ? 8.176   -1.687  6.341   1.00 25.11 ? 30  ILE A CB  1 
ATOM   160  C  CG1 . ILE A 1 30  ? 9.021   -0.431  6.521   1.00 26.10 ? 30  ILE A CG1 1 
ATOM   161  C  CG2 . ILE A 1 30  ? 8.932   -2.952  6.701   1.00 26.55 ? 30  ILE A CG2 1 
ATOM   162  C  CD1 . ILE A 1 30  ? 9.413   -0.148  7.956   1.00 26.05 ? 30  ILE A CD1 1 
ATOM   163  N  N   . VAL A 1 31  ? 7.448   -3.847  3.603   1.00 17.48 ? 31  VAL A N   1 
ATOM   164  C  CA  . VAL A 1 31  ? 6.694   -5.019  3.129   1.00 19.25 ? 31  VAL A CA  1 
ATOM   165  C  C   . VAL A 1 31  ? 7.593   -6.235  2.949   1.00 19.02 ? 31  VAL A C   1 
ATOM   166  O  O   . VAL A 1 31  ? 8.756   -6.133  2.515   1.00 19.26 ? 31  VAL A O   1 
ATOM   167  C  CB  . VAL A 1 31  ? 5.928   -4.659  1.853   1.00 19.02 ? 31  VAL A CB  1 
ATOM   168  C  CG1 . VAL A 1 31  ? 6.845   -4.402  0.661   1.00 19.27 ? 31  VAL A CG1 1 
ATOM   169  C  CG2 . VAL A 1 31  ? 4.841   -5.699  1.554   1.00 20.10 ? 31  VAL A CG2 1 
ATOM   170  N  N   . THR A 1 32  ? 7.015   -7.392  3.210   1.00 18.24 ? 32  THR A N   1 
ATOM   171  C  CA  . THR A 1 32  ? 7.613   -8.691  2.842   1.00 20.06 ? 32  THR A CA  1 
ATOM   172  C  C   . THR A 1 32  ? 6.690   -9.350  1.831   1.00 20.12 ? 32  THR A C   1 
ATOM   173  O  O   . THR A 1 32  ? 5.495   -9.536  2.131   1.00 18.53 ? 32  THR A O   1 
ATOM   174  C  CB  . THR A 1 32  ? 7.870   -9.581  4.058   1.00 23.77 ? 32  THR A CB  1 
ATOM   175  O  OG1 . THR A 1 32  ? 8.775   -8.913  4.947   1.00 25.51 ? 32  THR A OG1 1 
ATOM   176  C  CG2 . THR A 1 32  ? 8.431   -10.932 3.661   1.00 24.77 ? 32  THR A CG2 1 
ATOM   177  N  N   . ALA A 1 33  ? 7.234   -9.720  0.681   1.00 18.97 ? 33  ALA A N   1 
ATOM   178  C  CA  . ALA A 1 33  ? 6.514   -10.492 -0.353  1.00 19.05 ? 33  ALA A CA  1 
ATOM   179  C  C   . ALA A 1 33  ? 6.784   -11.988 -0.143  1.00 23.61 ? 33  ALA A C   1 
ATOM   180  O  O   . ALA A 1 33  ? 7.989   -12.364 -0.077  1.00 24.39 ? 33  ALA A O   1 
ATOM   181  C  CB  . ALA A 1 33  ? 6.891   -10.011 -1.717  1.00 19.78 ? 33  ALA A CB  1 
ATOM   182  N  N   . GLY A 1 34  ? 5.756   -12.818 -0.019  1.00 21.16 ? 34  GLY A N   1 
ATOM   183  C  CA  . GLY A 1 34  ? 5.869   -14.281 0.071   1.00 21.59 ? 34  GLY A CA  1 
ATOM   184  C  C   . GLY A 1 34  ? 5.866   -14.940 -1.290  1.00 23.49 ? 34  GLY A C   1 
ATOM   185  O  O   . GLY A 1 34  ? 5.398   -14.372 -2.274  1.00 23.31 ? 34  GLY A O   1 
ATOM   186  N  N   . ALA A 1 35  ? 6.378   -16.179 -1.369  1.00 23.93 ? 35  ALA A N   1 
ATOM   187  C  CA  . ALA A 1 35  ? 6.513   -16.920 -2.646  1.00 25.58 ? 35  ALA A CA  1 
ATOM   188  C  C   . ALA A 1 35  ? 5.153   -17.159 -3.310  1.00 28.52 ? 35  ALA A C   1 
ATOM   189  O  O   . ALA A 1 35  ? 5.133   -17.306 -4.552  1.00 37.47 ? 35  ALA A O   1 
ATOM   190  C  CB  . ALA A 1 35  ? 7.169   -18.258 -2.361  1.00 26.82 ? 35  ALA A CB  1 
ATOM   191  N  N   . ASP A 1 36  ? 4.135   -17.205 -2.453  1.00 31.82 ? 36  ASP A N   1 
ATOM   192  C  CA  . ASP A 1 36  ? 2.711   -17.602 -2.606  1.00 40.80 ? 36  ASP A CA  1 
ATOM   193  C  C   . ASP A 1 36  ? 1.833   -16.389 -2.968  1.00 34.60 ? 36  ASP A C   1 
ATOM   194  O  O   . ASP A 1 36  ? 0.593   -16.594 -3.000  1.00 39.07 ? 36  ASP A O   1 
ATOM   195  C  CB  . ASP A 1 36  ? 2.212   -18.174 -1.261  1.00 42.20 ? 36  ASP A CB  1 
ATOM   196  C  CG  . ASP A 1 36  ? 2.284   -17.215 -0.051  1.00 44.69 ? 36  ASP A CG  1 
ATOM   197  O  OD1 . ASP A 1 36  ? 2.891   -16.148 -0.183  1.00 30.43 ? 36  ASP A OD1 1 
ATOM   198  O  OD2 . ASP A 1 36  ? 1.694   -17.518 1.022   1.00 47.30 ? 36  ASP A OD2 1 
ATOM   199  N  N   . GLY A 1 37  ? 2.396   -15.174 -3.147  1.00 23.56 ? 37  GLY A N   1 
ATOM   200  C  CA  . GLY A 1 37  ? 1.587   -13.989 -3.515  1.00 20.27 ? 37  GLY A CA  1 
ATOM   201  C  C   . GLY A 1 37  ? 1.241   -13.135 -2.313  1.00 18.10 ? 37  GLY A C   1 
ATOM   202  O  O   . GLY A 1 37  ? 0.584   -12.110 -2.519  1.00 16.95 ? 37  GLY A O   1 
ATOM   203  N  N   . ALA A 1 38  ? 1.627   -13.488 -1.104  1.00 16.85 ? 38  ALA A N   1 
ATOM   204  C  CA  . ALA A 1 38  ? 1.276   -12.662 0.089   1.00 16.83 ? 38  ALA A CA  1 
ATOM   205  C  C   . ALA A 1 38  ? 2.106   -11.388 0.196   1.00 18.25 ? 38  ALA A C   1 
ATOM   206  O  O   . ALA A 1 38  ? 3.305   -11.414 -0.076  1.00 19.06 ? 38  ALA A O   1 
ATOM   207  C  CB  . ALA A 1 38  ? 1.401   -13.490 1.325   1.00 20.36 ? 38  ALA A CB  1 
ATOM   208  N  N   . LEU A 1 39  ? 1.512   -10.320 0.730   1.00 16.86 ? 39  LEU A N   1 
ATOM   209  C  CA  . LEU A 1 39  ? 2.210   -9.078  1.176   1.00 15.99 ? 39  LEU A CA  1 
ATOM   210  C  C   . LEU A 1 39  ? 1.830   -8.872  2.627   1.00 16.00 ? 39  LEU A C   1 
ATOM   211  O  O   . LEU A 1 39  ? 0.674   -8.967  3.015   1.00 16.94 ? 39  LEU A O   1 
ATOM   212  C  CB  . LEU A 1 39  ? 1.827   -7.824  0.392   1.00 16.55 ? 39  LEU A CB  1 
ATOM   213  C  CG  . LEU A 1 39  ? 2.076   -7.864  -1.112  1.00 17.10 ? 39  LEU A CG  1 
ATOM   214  C  CD1 . LEU A 1 39  ? 1.526   -6.589  -1.727  1.00 17.13 ? 39  LEU A CD1 1 
ATOM   215  C  CD2 . LEU A 1 39  ? 3.540   -7.993  -1.459  1.00 17.76 ? 39  LEU A CD2 1 
ATOM   216  N  N   A THR A 1 40  ? 2.836   -8.627  3.456   0.50 16.30 ? 40  THR A N   1 
ATOM   217  N  N   B THR A 1 40  ? 2.843   -8.747  3.472   0.50 16.32 ? 40  THR A N   1 
ATOM   218  C  CA  A THR A 1 40  ? 2.668   -8.437  4.909   0.50 16.68 ? 40  THR A CA  1 
ATOM   219  C  CA  B THR A 1 40  ? 2.661   -8.403  4.895   0.50 16.84 ? 40  THR A CA  1 
ATOM   220  C  C   A THR A 1 40  ? 3.679   -7.397  5.383   0.50 16.92 ? 40  THR A C   1 
ATOM   221  C  C   B THR A 1 40  ? 3.588   -7.230  5.217   0.50 16.44 ? 40  THR A C   1 
ATOM   222  O  O   A THR A 1 40  ? 4.882   -7.557  5.048   0.50 17.14 ? 40  THR A O   1 
ATOM   223  O  O   B THR A 1 40  ? 4.596   -7.048  4.550   0.50 17.63 ? 40  THR A O   1 
ATOM   224  C  CB  A THR A 1 40  ? 2.881   -9.775  5.636   0.50 18.30 ? 40  THR A CB  1 
ATOM   225  C  CB  B THR A 1 40  ? 2.874   -9.628  5.809   0.50 18.82 ? 40  THR A CB  1 
ATOM   226  O  OG1 A THR A 1 40  ? 4.268   -10.044 5.675   0.50 20.02 ? 40  THR A OG1 1 
ATOM   227  O  OG1 B THR A 1 40  ? 1.979   -10.700 5.498   0.50 19.02 ? 40  THR A OG1 1 
ATOM   228  C  CG2 A THR A 1 40  ? 2.301   -10.958 4.901   0.50 16.23 ? 40  THR A CG2 1 
ATOM   229  C  CG2 B THR A 1 40  ? 2.569   -9.338  7.247   0.50 19.52 ? 40  THR A CG2 1 
ATOM   230  N  N   . GLY A 1 41  ? 3.252   -6.444  6.237   1.00 16.66 ? 41  GLY A N   1 
ATOM   231  C  CA  . GLY A 1 41  ? 4.183   -5.427  6.715   1.00 16.70 ? 41  GLY A CA  1 
ATOM   232  C  C   . GLY A 1 41  ? 3.521   -4.359  7.553   1.00 15.46 ? 41  GLY A C   1 
ATOM   233  O  O   . GLY A 1 41  ? 2.513   -4.617  8.201   1.00 16.23 ? 41  GLY A O   1 
ATOM   234  N  N   . THR A 1 42  ? 4.085   -3.167  7.453   1.00 15.59 ? 42  THR A N   1 
ATOM   235  C  CA  . THR A 1 42  ? 3.654   -2.001  8.234   1.00 16.44 ? 42  THR A CA  1 
ATOM   236  C  C   . THR A 1 42  ? 3.692   -0.751  7.370   1.00 15.68 ? 42  THR A C   1 
ATOM   237  O  O   . THR A 1 42  ? 4.492   -0.672  6.418   1.00 16.98 ? 42  THR A O   1 
ATOM   238  C  CB  . THR A 1 42  ? 4.465   -1.763  9.529   1.00 18.41 ? 42  THR A CB  1 
ATOM   239  O  OG1 . THR A 1 42  ? 5.799   -1.457  9.184   1.00 19.11 ? 42  THR A OG1 1 
ATOM   240  C  CG2 . THR A 1 42  ? 4.364   -2.971  10.432  1.00 20.33 ? 42  THR A CG2 1 
ATOM   241  N  N   . TYR A 1 43  ? 2.799   0.179   7.716   1.00 15.07 ? 43  TYR A N   1 
ATOM   242  C  CA  . TYR A 1 43  ? 2.715   1.461   7.003   1.00 14.61 ? 43  TYR A CA  1 
ATOM   243  C  C   . TYR A 1 43  ? 2.759   2.555   8.057   1.00 14.99 ? 43  TYR A C   1 
ATOM   244  O  O   . TYR A 1 43  ? 2.057   2.491   9.051   1.00 17.00 ? 43  TYR A O   1 
ATOM   245  C  CB  . TYR A 1 43  ? 1.404   1.540   6.203   1.00 15.21 ? 43  TYR A CB  1 
ATOM   246  C  CG  . TYR A 1 43  ? 1.447   2.544   5.078   1.00 14.45 ? 43  TYR A CG  1 
ATOM   247  C  CD1 . TYR A 1 43  ? 1.174   3.879   5.306   1.00 14.19 ? 43  TYR A CD1 1 
ATOM   248  C  CD2 . TYR A 1 43  ? 1.740   2.173   3.787   1.00 13.62 ? 43  TYR A CD2 1 
ATOM   249  C  CE1 . TYR A 1 43  ? 1.228   4.844   4.304   1.00 14.35 ? 43  TYR A CE1 1 
ATOM   250  C  CE2 . TYR A 1 43  ? 1.788   3.105   2.762   1.00 13.80 ? 43  TYR A CE2 1 
ATOM   251  C  CZ  . TYR A 1 43  ? 1.526   4.428   3.015   1.00 13.37 ? 43  TYR A CZ  1 
ATOM   252  O  OH  . TYR A 1 43  ? 1.578   5.319   1.980   1.00 14.73 ? 43  TYR A OH  1 
ATOM   253  N  N   . GLU A 1 44  ? 3.492   3.602   7.745   1.00 14.70 ? 44  GLU A N   1 
ATOM   254  C  CA  . GLU A 1 44  ? 3.552   4.828   8.584   1.00 14.76 ? 44  GLU A CA  1 
ATOM   255  C  C   . GLU A 1 44  ? 3.277   6.028   7.668   1.00 15.61 ? 44  GLU A C   1 
ATOM   256  O  O   . GLU A 1 44  ? 4.043   6.281   6.749   1.00 16.79 ? 44  GLU A O   1 
ATOM   257  C  CB  . GLU A 1 44  ? 4.959   4.961   9.192   1.00 17.92 ? 44  GLU A CB  1 
ATOM   258  C  CG  . GLU A 1 44  ? 5.055   6.109   10.166  1.00 20.50 ? 44  GLU A CG  1 
ATOM   259  C  CD  . GLU A 1 44  ? 6.365   6.176   10.953  1.00 24.95 ? 44  GLU A CD  1 
ATOM   260  O  OE1 . GLU A 1 44  ? 6.407   7.055   11.853  1.00 28.68 ? 44  GLU A OE1 1 
ATOM   261  O  OE2 . GLU A 1 44  ? 7.244   5.338   10.746  1.00 27.66 ? 44  GLU A OE2 1 
ATOM   262  N  N   . SER A 1 45  ? 2.148   6.686   7.890   1.00 16.62 ? 45  SER A N   1 
ATOM   263  C  CA  . SER A 1 45  ? 1.737   7.858   7.096   1.00 16.68 ? 45  SER A CA  1 
ATOM   264  C  C   . SER A 1 45  ? 2.411   9.109   7.616   1.00 17.20 ? 45  SER A C   1 
ATOM   265  O  O   . SER A 1 45  ? 2.261   9.414   8.834   1.00 19.02 ? 45  SER A O   1 
ATOM   266  C  CB  . SER A 1 45  ? 0.240   7.982   7.070   1.00 15.87 ? 45  SER A CB  1 
ATOM   267  O  OG  . SER A 1 45  ? -0.090  9.109   6.250   1.00 16.09 ? 45  SER A OG  1 
ATOM   268  N  N   . ALA A 1 46  ? 2.925   9.927   6.724   1.00 17.04 ? 46  ALA A N   1 
ATOM   269  C  CA  . ALA A 1 46  ? 3.452   11.264  7.094   1.00 19.00 ? 46  ALA A CA  1 
ATOM   270  C  C   . ALA A 1 46  ? 2.329   12.280  7.242   1.00 19.13 ? 46  ALA A C   1 
ATOM   271  O  O   . ALA A 1 46  ? 2.580   13.414  7.746   1.00 19.91 ? 46  ALA A O   1 
ATOM   272  C  CB  . ALA A 1 46  ? 4.442   11.732  6.091   1.00 22.27 ? 46  ALA A CB  1 
ATOM   273  N  N   . VAL A 1 47  ? 1.102   11.962  6.848   1.00 17.88 ? 47  VAL A N   1 
ATOM   274  C  CA  . VAL A 1 47  ? -0.053  12.897  6.862   1.00 16.64 ? 47  VAL A CA  1 
ATOM   275  C  C   . VAL A 1 47  ? -1.292  12.246  7.471   1.00 16.96 ? 47  VAL A C   1 
ATOM   276  O  O   . VAL A 1 47  ? -1.434  11.010  7.554   1.00 16.11 ? 47  VAL A O   1 
ATOM   277  C  CB  . VAL A 1 47  ? -0.372  13.452  5.462   1.00 16.93 ? 47  VAL A CB  1 
ATOM   278  C  CG1 . VAL A 1 47  ? 0.828   14.183  4.869   1.00 17.87 ? 47  VAL A CG1 1 
ATOM   279  C  CG2 . VAL A 1 47  ? -0.888  12.374  4.503   1.00 16.63 ? 47  VAL A CG2 1 
ATOM   280  N  N   . GLY A 1 48  ? -2.244  13.090  7.811   1.00 16.83 ? 48  GLY A N   1 
ATOM   281  C  CA  . GLY A 1 48  ? -3.549  12.628  8.267   1.00 16.22 ? 48  GLY A CA  1 
ATOM   282  C  C   . GLY A 1 48  ? -3.637  12.274  9.724   1.00 17.00 ? 48  GLY A C   1 
ATOM   283  O  O   . GLY A 1 48  ? -2.712  12.568  10.518  1.00 17.77 ? 48  GLY A O   1 
ATOM   284  N  N   . ASN A 1 49  ? -4.719  11.600  10.081  1.00 16.52 ? 49  ASN A N   1 
ATOM   285  C  CA  . ASN A 1 49  ? -5.039  11.205  11.475  1.00 17.56 ? 49  ASN A CA  1 
ATOM   286  C  C   . ASN A 1 49  ? -4.353  9.870   11.754  1.00 16.94 ? 49  ASN A C   1 
ATOM   287  O  O   . ASN A 1 49  ? -5.012  8.807   11.749  1.00 18.13 ? 49  ASN A O   1 
ATOM   288  C  CB  . ASN A 1 49  ? -6.524  11.193  11.708  1.00 18.02 ? 49  ASN A CB  1 
ATOM   289  C  CG  . ASN A 1 49  ? -6.887  10.990  13.169  1.00 20.56 ? 49  ASN A CG  1 
ATOM   290  O  OD1 . ASN A 1 49  ? -5.994  10.980  14.044  1.00 22.08 ? 49  ASN A OD1 1 
ATOM   291  N  ND2 . ASN A 1 49  ? -8.147  10.707  13.392  1.00 23.01 ? 49  ASN A ND2 1 
ATOM   292  N  N   . ALA A 1 50  ? -3.038  9.901   11.941  1.00 17.10 ? 50  ALA A N   1 
ATOM   293  C  CA  . ALA A 1 50  ? -2.173  8.721   11.948  1.00 17.96 ? 50  ALA A CA  1 
ATOM   294  C  C   . ALA A 1 50  ? -0.947  9.020   12.786  1.00 18.44 ? 50  ALA A C   1 
ATOM   295  O  O   . ALA A 1 50  ? -0.382  10.120  12.642  1.00 20.67 ? 50  ALA A O   1 
ATOM   296  C  CB  . ALA A 1 50  ? -1.833  8.278   10.549  1.00 19.58 ? 50  ALA A CB  1 
ATOM   297  N  N   . GLU A 1 51  ? -0.502  8.024   13.549  1.00 17.68 ? 51  GLU A N   1 
ATOM   298  C  CA  . GLU A 1 51  ? 0.839   8.103   14.128  1.00 19.22 ? 51  GLU A CA  1 
ATOM   299  C  C   . GLU A 1 51  ? 1.406   6.707   14.277  1.00 17.80 ? 51  GLU A C   1 
ATOM   300  O  O   . GLU A 1 51  ? 0.666   5.749   14.592  1.00 18.52 ? 51  GLU A O   1 
ATOM   301  C  CB  . GLU A 1 51  ? 0.783   8.879   15.441  1.00 25.67 ? 51  GLU A CB  1 
ATOM   302  C  CG  . GLU A 1 51  ? 0.374   8.095   16.611  1.00 28.12 ? 51  GLU A CG  1 
ATOM   303  C  CD  . GLU A 1 51  ? 0.369   8.881   17.918  1.00 31.48 ? 51  GLU A CD  1 
ATOM   304  O  OE1 . GLU A 1 51  ? 1.371   8.811   18.618  1.00 34.17 ? 51  GLU A OE1 1 
ATOM   305  O  OE2 . GLU A 1 51  ? -0.631  9.545   18.195  1.00 32.82 ? 51  GLU A OE2 1 
ATOM   306  N  N   . SER A 1 52  ? 2.694   6.620   14.084  1.00 18.99 ? 52  SER A N   1 
ATOM   307  C  CA  . SER A 1 52  ? 3.476   5.384   14.200  1.00 19.48 ? 52  SER A CA  1 
ATOM   308  C  C   . SER A 1 52  ? 3.025   4.374   13.126  1.00 19.38 ? 52  SER A C   1 
ATOM   309  O  O   . SER A 1 52  ? 2.458   4.780   12.101  1.00 20.13 ? 52  SER A O   1 
ATOM   310  C  CB  . SER A 1 52  ? 3.409   4.822   15.601  1.00 23.35 ? 52  SER A CB  1 
ATOM   311  O  OG  . SER A 1 52  ? 4.365   3.780   15.712  1.00 29.34 ? 52  SER A OG  1 
ATOM   312  N  N   . ARG A 1 53  ? 3.212   3.105   13.387  1.00 17.87 ? 53  ARG A N   1 
ATOM   313  C  CA  . ARG A 1 53  ? 3.034   2.066   12.353  1.00 17.69 ? 53  ARG A CA  1 
ATOM   314  C  C   . ARG A 1 53  ? 1.666   1.408   12.483  1.00 17.21 ? 53  ARG A C   1 
ATOM   315  O  O   . ARG A 1 53  ? 1.125   1.205   13.574  1.00 17.55 ? 53  ARG A O   1 
ATOM   316  C  CB  . ARG A 1 53  ? 4.148   1.007   12.447  1.00 19.72 ? 53  ARG A CB  1 
ATOM   317  C  CG  . ARG A 1 53  ? 5.508   1.529   11.993  1.00 23.98 ? 53  ARG A CG  1 
ATOM   318  C  CD  . ARG A 1 53  ? 6.523   0.462   12.344  1.00 33.37 ? 53  ARG A CD  1 
ATOM   319  N  NE  A ARG A 1 53  ? 7.887   0.937   12.183  0.50 43.80 ? 53  ARG A NE  1 
ATOM   320  N  NE  B ARG A 1 53  ? 7.857   1.032   12.408  0.50 44.10 ? 53  ARG A NE  1 
ATOM   321  C  CZ  A ARG A 1 53  ? 8.983   0.186   12.309  0.50 44.81 ? 53  ARG A CZ  1 
ATOM   322  C  CZ  B ARG A 1 53  ? 8.348   1.669   13.479  0.50 43.14 ? 53  ARG A CZ  1 
ATOM   323  N  NH1 A ARG A 1 53  ? 10.166  0.722   12.060  0.50 46.74 ? 53  ARG A NH1 1 
ATOM   324  N  NH1 B ARG A 1 53  ? 9.568   2.174   13.444  0.50 46.42 ? 53  ARG A NH1 1 
ATOM   325  N  NH2 A ARG A 1 53  ? 8.901   -1.075  12.703  0.50 43.35 ? 53  ARG A NH2 1 
ATOM   326  N  NH2 B ARG A 1 53  ? 7.627   1.820   14.578  0.50 44.86 ? 53  ARG A NH2 1 
ATOM   327  N  N   . TYR A 1 54  ? 1.124   0.996   11.315  1.00 15.88 ? 54  TYR A N   1 
ATOM   328  C  CA  . TYR A 1 54  ? -0.138  0.251   11.191  1.00 16.06 ? 54  TYR A CA  1 
ATOM   329  C  C   . TYR A 1 54  ? 0.118   -1.018  10.390  1.00 14.24 ? 54  TYR A C   1 
ATOM   330  O  O   . TYR A 1 54  ? 0.936   -1.030  9.474   1.00 16.67 ? 54  TYR A O   1 
ATOM   331  C  CB  . TYR A 1 54  ? -1.188  1.127   10.480  1.00 14.53 ? 54  TYR A CB  1 
ATOM   332  C  CG  . TYR A 1 54  ? -1.540  2.376   11.252  1.00 14.27 ? 54  TYR A CG  1 
ATOM   333  C  CD1 . TYR A 1 54  ? -0.758  3.507   11.142  1.00 14.11 ? 54  TYR A CD1 1 
ATOM   334  C  CD2 . TYR A 1 54  ? -2.720  2.471   11.971  1.00 14.94 ? 54  TYR A CD2 1 
ATOM   335  C  CE1 . TYR A 1 54  ? -1.059  4.635   11.881  1.00 14.95 ? 54  TYR A CE1 1 
ATOM   336  C  CE2 . TYR A 1 54  ? -3.045  3.596   12.709  1.00 14.98 ? 54  TYR A CE2 1 
ATOM   337  C  CZ  . TYR A 1 54  ? -2.225  4.701   12.605  1.00 15.91 ? 54  TYR A CZ  1 
ATOM   338  O  OH  . TYR A 1 54  ? -2.495  5.790   13.395  1.00 16.59 ? 54  TYR A OH  1 
ATOM   339  N  N   . VAL A 1 55  ? -0.596  -2.056  10.764  1.00 15.01 ? 55  VAL A N   1 
ATOM   340  C  CA  . VAL A 1 55  ? -0.515  -3.335  10.051  1.00 16.45 ? 55  VAL A CA  1 
ATOM   341  C  C   . VAL A 1 55  ? -1.001  -3.150  8.626   1.00 15.32 ? 55  VAL A C   1 
ATOM   342  O  O   . VAL A 1 55  ? -2.040  -2.535  8.380   1.00 15.38 ? 55  VAL A O   1 
ATOM   343  C  CB  . VAL A 1 55  ? -1.324  -4.420  10.785  1.00 17.34 ? 55  VAL A CB  1 
ATOM   344  C  CG1 . VAL A 1 55  ? -1.447  -5.717  9.972   1.00 18.14 ? 55  VAL A CG1 1 
ATOM   345  C  CG2 . VAL A 1 55  ? -0.706  -4.680  12.148  1.00 17.42 ? 55  VAL A CG2 1 
ATOM   346  N  N   . LEU A 1 56  ? -0.345  -3.781  7.693   1.00 15.88 ? 56  LEU A N   1 
ATOM   347  C  CA  . LEU A 1 56  ? -0.925  -3.959  6.338   1.00 16.24 ? 56  LEU A CA  1 
ATOM   348  C  C   . LEU A 1 56  ? -0.862  -5.414  5.881   1.00 17.07 ? 56  LEU A C   1 
ATOM   349  O  O   . LEU A 1 56  ? 0.067   -6.194  6.276   1.00 17.09 ? 56  LEU A O   1 
ATOM   350  C  CB  . LEU A 1 56  ? -0.230  -3.073  5.328   1.00 18.08 ? 56  LEU A CB  1 
ATOM   351  C  CG  . LEU A 1 56  ? 1.207   -3.435  4.989   1.00 16.91 ? 56  LEU A CG  1 
ATOM   352  C  CD1 . LEU A 1 56  ? 1.293   -4.382  3.747   1.00 17.01 ? 56  LEU A CD1 1 
ATOM   353  C  CD2 . LEU A 1 56  ? 2.053   -2.193  4.707   1.00 20.16 ? 56  LEU A CD2 1 
ATOM   354  N  N   A THR A 1 57  ? -1.735  -5.717  4.946   0.70 14.77 ? 57  THR A N   1 
ATOM   355  N  N   B THR A 1 57  ? -1.870  -5.859  5.117   0.30 16.27 ? 57  THR A N   1 
ATOM   356  C  CA  A THR A 1 57  ? -1.693  -6.998  4.248   0.70 14.08 ? 57  THR A CA  1 
ATOM   357  C  CA  B THR A 1 57  ? -1.841  -7.149  4.367   0.30 17.01 ? 57  THR A CA  1 
ATOM   358  C  C   A THR A 1 57  ? -2.156  -6.781  2.833   0.70 13.43 ? 57  THR A C   1 
ATOM   359  C  C   B THR A 1 57  ? -2.236  -6.873  2.910   0.30 15.67 ? 57  THR A C   1 
ATOM   360  O  O   A THR A 1 57  ? -2.976  -5.889  2.574   0.70 14.14 ? 57  THR A O   1 
ATOM   361  O  O   B THR A 1 57  ? -3.074  -5.972  2.700   0.30 15.92 ? 57  THR A O   1 
ATOM   362  C  CB  A THR A 1 57  ? -2.546  -8.001  5.029   0.70 14.47 ? 57  THR A CB  1 
ATOM   363  C  CB  B THR A 1 57  ? -2.751  -8.220  5.000   0.30 18.56 ? 57  THR A CB  1 
ATOM   364  O  OG1 A THR A 1 57  ? -2.326  -9.273  4.471   0.70 18.69 ? 57  THR A OG1 1 
ATOM   365  O  OG1 B THR A 1 57  ? -2.316  -8.615  6.308   0.30 20.73 ? 57  THR A OG1 1 
ATOM   366  C  CG2 A THR A 1 57  ? -4.022  -7.702  5.010   0.70 12.08 ? 57  THR A CG2 1 
ATOM   367  C  CG2 B THR A 1 57  ? -2.810  -9.460  4.145   0.30 20.92 ? 57  THR A CG2 1 
ATOM   368  N  N   . GLY A 1 58  ? -1.704  -7.634  1.939   1.00 15.23 ? 58  GLY A N   1 
ATOM   369  C  CA  . GLY A 1 58  ? -2.163  -7.574  0.557   1.00 15.04 ? 58  GLY A CA  1 
ATOM   370  C  C   . GLY A 1 58  ? -1.721  -8.743  -0.264  1.00 14.56 ? 58  GLY A C   1 
ATOM   371  O  O   . GLY A 1 58  ? -1.348  -9.799  0.323   1.00 15.16 ? 58  GLY A O   1 
ATOM   372  N  N   . ARG A 1 59  ? -1.735  -8.562  -1.567  1.00 14.26 ? 59  ARG A N   1 
ATOM   373  C  CA  . ARG A 1 59  ? -1.450  -9.656  -2.523  1.00 13.85 ? 59  ARG A CA  1 
ATOM   374  C  C   . ARG A 1 59  ? -0.729  -9.068  -3.715  1.00 15.32 ? 59  ARG A C   1 
ATOM   375  O  O   . ARG A 1 59  ? -0.989  -7.938  -4.116  1.00 15.56 ? 59  ARG A O   1 
ATOM   376  C  CB  . ARG A 1 59  ? -2.738  -10.358 -3.008  1.00 14.91 ? 59  ARG A CB  1 
ATOM   377  C  CG  . ARG A 1 59  ? -3.619  -11.014 -1.966  1.00 15.82 ? 59  ARG A CG  1 
ATOM   378  C  CD  . ARG A 1 59  ? -3.062  -12.235 -1.262  1.00 16.17 ? 59  ARG A CD  1 
ATOM   379  N  NE  . ARG A 1 59  ? -2.933  -13.291 -2.253  1.00 16.40 ? 59  ARG A NE  1 
ATOM   380  C  CZ  . ARG A 1 59  ? -2.205  -14.390 -2.101  1.00 18.31 ? 59  ARG A CZ  1 
ATOM   381  N  NH1 . ARG A 1 59  ? -1.593  -14.616 -0.956  1.00 19.24 ? 59  ARG A NH1 1 
ATOM   382  N  NH2 . ARG A 1 59  ? -2.142  -15.260 -3.102  1.00 18.95 ? 59  ARG A NH2 1 
ATOM   383  N  N   . TYR A 1 60  ? 0.070   -9.901  -4.398  1.00 15.36 ? 60  TYR A N   1 
ATOM   384  C  CA  . TYR A 1 60  ? 0.726   -9.508  -5.652  1.00 14.81 ? 60  TYR A CA  1 
ATOM   385  C  C   . TYR A 1 60  ? 0.696   -10.725 -6.600  1.00 14.38 ? 60  TYR A C   1 
ATOM   386  O  O   . TYR A 1 60  ? 0.586   -11.863 -6.137  1.00 16.06 ? 60  TYR A O   1 
ATOM   387  C  CB  . TYR A 1 60  ? 2.156   -8.977  -5.414  1.00 16.26 ? 60  TYR A CB  1 
ATOM   388  C  CG  . TYR A 1 60  ? 3.229   -10.014 -5.128  1.00 17.27 ? 60  TYR A CG  1 
ATOM   389  C  CD1 . TYR A 1 60  ? 3.240   -10.695 -3.926  1.00 17.33 ? 60  TYR A CD1 1 
ATOM   390  C  CD2 . TYR A 1 60  ? 4.146   -10.366 -6.112  1.00 17.37 ? 60  TYR A CD2 1 
ATOM   391  C  CE1 . TYR A 1 60  ? 4.234   -11.639 -3.658  1.00 18.29 ? 60  TYR A CE1 1 
ATOM   392  C  CE2 . TYR A 1 60  ? 5.112   -11.333 -5.867  1.00 19.20 ? 60  TYR A CE2 1 
ATOM   393  C  CZ  . TYR A 1 60  ? 5.107   -12.004 -4.670  1.00 19.64 ? 60  TYR A CZ  1 
ATOM   394  O  OH  . TYR A 1 60  ? 6.096   -12.971 -4.430  1.00 21.56 ? 60  TYR A OH  1 
ATOM   395  N  N   . ASP A 1 61  ? 0.845   -10.447 -7.856  1.00 14.54 ? 61  ASP A N   1 
ATOM   396  C  CA  . ASP A 1 61  ? 0.988   -11.457 -8.935  1.00 15.22 ? 61  ASP A CA  1 
ATOM   397  C  C   . ASP A 1 61  ? 2.410   -12.032 -8.819  1.00 16.08 ? 61  ASP A C   1 
ATOM   398  O  O   . ASP A 1 61  ? 3.366   -11.357 -9.217  1.00 18.21 ? 61  ASP A O   1 
ATOM   399  C  CB  . ASP A 1 61  ? 0.737   -10.857 -10.302 1.00 15.88 ? 61  ASP A CB  1 
ATOM   400  C  CG  . ASP A 1 61  ? 0.919   -11.814 -11.483 1.00 16.64 ? 61  ASP A CG  1 
ATOM   401  O  OD1 . ASP A 1 61  ? 1.144   -13.025 -11.202 1.00 18.39 ? 61  ASP A OD1 1 
ATOM   402  O  OD2 . ASP A 1 61  ? 0.761   -11.356 -12.598 1.00 17.75 ? 61  ASP A OD2 1 
ATOM   403  N  N   . SER A 1 62  ? 2.514   -13.277 -8.384  1.00 17.93 ? 62  SER A N   1 
ATOM   404  C  CA  . SER A 1 62  ? 3.840   -13.941 -8.196  1.00 19.88 ? 62  SER A CA  1 
ATOM   405  C  C   . SER A 1 62  ? 4.364   -14.533 -9.525  1.00 21.42 ? 62  SER A C   1 
ATOM   406  O  O   . SER A 1 62  ? 5.513   -15.068 -9.516  1.00 24.23 ? 62  SER A O   1 
ATOM   407  C  CB  . SER A 1 62  ? 3.781   -14.966 -7.111  1.00 22.89 ? 62  SER A CB  1 
ATOM   408  O  OG  . SER A 1 62  ? 2.772   -15.932 -7.386  1.00 26.93 ? 62  SER A OG  1 
ATOM   409  N  N   . ALA A 1 63  ? 3.653   -14.440 -10.633 1.00 19.42 ? 63  ALA A N   1 
ATOM   410  C  CA  . ALA A 1 63  ? 4.122   -14.950 -11.954 1.00 21.64 ? 63  ALA A CA  1 
ATOM   411  C  C   . ALA A 1 63  ? 3.675   -13.965 -13.033 1.00 22.27 ? 63  ALA A C   1 
ATOM   412  O  O   . ALA A 1 63  ? 2.764   -14.236 -13.835 1.00 22.83 ? 63  ALA A O   1 
ATOM   413  C  CB  . ALA A 1 63  ? 3.614   -16.348 -12.193 1.00 24.09 ? 63  ALA A CB  1 
ATOM   414  N  N   . PRO A 1 64  ? 4.239   -12.740 -13.046 1.00 23.48 ? 64  PRO A N   1 
ATOM   415  C  CA  . PRO A 1 64  ? 3.801   -11.718 -13.992 1.00 23.01 ? 64  PRO A CA  1 
ATOM   416  C  C   . PRO A 1 64  ? 4.186   -12.022 -15.448 1.00 26.00 ? 64  PRO A C   1 
ATOM   417  O  O   . PRO A 1 64  ? 4.987   -12.955 -15.693 1.00 27.11 ? 64  PRO A O   1 
ATOM   418  C  CB  . PRO A 1 64  ? 4.459   -10.436 -13.475 1.00 26.03 ? 64  PRO A CB  1 
ATOM   419  C  CG  . PRO A 1 64  ? 5.694   -10.937 -12.793 1.00 25.29 ? 64  PRO A CG  1 
ATOM   420  C  CD  . PRO A 1 64  ? 5.326   -12.268 -12.172 1.00 23.95 ? 64  PRO A CD  1 
ATOM   421  N  N   . ALA A 1 65  ? 3.637   -11.245 -16.364 1.00 25.65 ? 65  ALA A N   1 
ATOM   422  C  CA  . ALA A 1 65  ? 4.018   -11.296 -17.795 1.00 31.48 ? 65  ALA A CA  1 
ATOM   423  C  C   . ALA A 1 65  ? 5.507   -10.931 -17.897 1.00 35.00 ? 65  ALA A C   1 
ATOM   424  O  O   . ALA A 1 65  ? 6.027   -10.253 -17.014 1.00 37.30 ? 65  ALA A O   1 
ATOM   425  C  CB  . ALA A 1 65  ? 3.085   -10.412 -18.596 1.00 30.34 ? 65  ALA A CB  1 
ATOM   426  N  N   . THR A 1 66  ? 6.192   -11.442 -18.923 1.00 51.82 ? 66  THR A N   1 
ATOM   427  C  CA  . THR A 1 66  ? 7.674   -11.379 -19.061 1.00 60.63 ? 66  THR A CA  1 
ATOM   428  C  C   . THR A 1 66  ? 8.041   -10.513 -20.272 1.00 70.47 ? 66  THR A C   1 
ATOM   429  O  O   . THR A 1 66  ? 8.892   -10.957 -21.064 1.00 80.91 ? 66  THR A O   1 
ATOM   430  C  CB  . THR A 1 66  ? 8.257   -12.792 -19.213 1.00 64.89 ? 66  THR A CB  1 
ATOM   431  O  OG1 . THR A 1 66  ? 7.786   -13.343 -20.444 1.00 65.77 ? 66  THR A OG1 1 
ATOM   432  C  CG2 . THR A 1 66  ? 7.871   -13.726 -18.089 1.00 66.29 ? 66  THR A CG2 1 
ATOM   433  N  N   . ASP A 1 67  ? 7.430   -9.333  -20.415 1.00 71.03 ? 67  ASP A N   1 
ATOM   434  C  CA  . ASP A 1 67  ? 7.475   -8.549  -21.683 1.00 68.40 ? 67  ASP A CA  1 
ATOM   435  C  C   . ASP A 1 67  ? 7.717   -7.058  -21.389 1.00 61.02 ? 67  ASP A C   1 
ATOM   436  O  O   . ASP A 1 67  ? 7.269   -6.221  -22.201 1.00 59.08 ? 67  ASP A O   1 
ATOM   437  C  CB  . ASP A 1 67  ? 6.197   -8.805  -22.496 1.00 67.49 ? 67  ASP A CB  1 
ATOM   438  C  CG  . ASP A 1 67  ? 4.903   -8.575  -21.726 1.00 71.21 ? 67  ASP A CG  1 
ATOM   439  O  OD1 . ASP A 1 67  ? 4.985   -8.230  -20.525 1.00 66.25 ? 67  ASP A OD1 1 
ATOM   440  O  OD2 . ASP A 1 67  ? 3.815   -8.748  -22.329 1.00 66.24 ? 67  ASP A OD2 1 
ATOM   441  N  N   . GLY A 1 68  ? 8.415   -6.731  -20.294 1.00 52.70 ? 68  GLY A N   1 
ATOM   442  C  CA  . GLY A 1 68  ? 8.496   -5.358  -19.754 1.00 46.58 ? 68  GLY A CA  1 
ATOM   443  C  C   . GLY A 1 68  ? 7.169   -4.897  -19.124 1.00 35.33 ? 68  GLY A C   1 
ATOM   444  O  O   . GLY A 1 68  ? 6.998   -3.678  -18.939 1.00 35.24 ? 68  GLY A O   1 
ATOM   445  N  N   . SER A 1 69  ? 6.230   -5.797  -18.885 1.00 30.32 ? 69  SER A N   1 
ATOM   446  C  CA  . SER A 1 69  ? 4.988   -5.443  -18.150 1.00 28.14 ? 69  SER A CA  1 
ATOM   447  C  C   . SER A 1 69  ? 5.328   -5.306  -16.659 1.00 23.46 ? 69  SER A C   1 
ATOM   448  O  O   . SER A 1 69  ? 6.169   -6.048  -16.123 1.00 26.08 ? 69  SER A O   1 
ATOM   449  C  CB  . SER A 1 69  ? 3.880   -6.424  -18.350 1.00 36.45 ? 69  SER A CB  1 
ATOM   450  O  OG  . SER A 1 69  ? 3.307   -6.305  -19.650 1.00 43.21 ? 69  SER A OG  1 
ATOM   451  N  N   . GLY A 1 70  ? 4.650   -4.408  -15.951 1.00 18.91 ? 70  GLY A N   1 
ATOM   452  C  CA  . GLY A 1 70  ? 4.635   -4.333  -14.502 1.00 19.07 ? 70  GLY A CA  1 
ATOM   453  C  C   . GLY A 1 70  ? 3.953   -5.524  -13.834 1.00 16.34 ? 70  GLY A C   1 
ATOM   454  O  O   . GLY A 1 70  ? 3.325   -6.341  -14.477 1.00 17.98 ? 70  GLY A O   1 
ATOM   455  N  N   . THR A 1 71  ? 4.087   -5.550  -12.524 1.00 16.44 ? 71  THR A N   1 
ATOM   456  C  CA  . THR A 1 71  ? 3.573   -6.612  -11.646 1.00 15.43 ? 71  THR A CA  1 
ATOM   457  C  C   . THR A 1 71  ? 2.443   -6.019  -10.816 1.00 15.66 ? 71  THR A C   1 
ATOM   458  O  O   . THR A 1 71  ? 2.684   -5.164  -9.958  1.00 16.60 ? 71  THR A O   1 
ATOM   459  C  CB  . THR A 1 71  ? 4.666   -7.147  -10.716 1.00 18.74 ? 71  THR A CB  1 
ATOM   460  O  OG1 . THR A 1 71  ? 5.720   -7.679  -11.556 1.00 20.71 ? 71  THR A OG1 1 
ATOM   461  C  CG2 . THR A 1 71  ? 4.173   -8.210  -9.755  1.00 19.41 ? 71  THR A CG2 1 
ATOM   462  N  N   . ALA A 1 72  ? 1.229   -6.536  -10.999 1.00 16.55 ? 72  ALA A N   1 
ATOM   463  C  CA  . ALA A 1 72  ? 0.035   -6.039  -10.292 1.00 15.05 ? 72  ALA A CA  1 
ATOM   464  C  C   . ALA A 1 72  ? 0.088   -6.421  -8.808  1.00 15.16 ? 72  ALA A C   1 
ATOM   465  O  O   . ALA A 1 72  ? 0.520   -7.553  -8.441  1.00 15.57 ? 72  ALA A O   1 
ATOM   466  C  CB  . ALA A 1 72  ? -1.202  -6.605  -10.939 1.00 15.44 ? 72  ALA A CB  1 
ATOM   467  N  N   . LEU A 1 73  ? -0.355  -5.491  -7.944  1.00 14.85 ? 73  LEU A N   1 
ATOM   468  C  CA  . LEU A 1 73  ? -0.410  -5.725  -6.504  1.00 15.72 ? 73  LEU A CA  1 
ATOM   469  C  C   . LEU A 1 73  ? -1.422  -4.790  -5.823  1.00 15.19 ? 73  LEU A C   1 
ATOM   470  O  O   . LEU A 1 73  ? -1.817  -3.793  -6.439  1.00 15.34 ? 73  LEU A O   1 
ATOM   471  C  CB  . LEU A 1 73  ? 0.997   -5.622  -5.883  1.00 15.73 ? 73  LEU A CB  1 
ATOM   472  C  CG  . LEU A 1 73  ? 1.539   -4.247  -5.548  1.00 20.13 ? 73  LEU A CG  1 
ATOM   473  C  CD1 . LEU A 1 73  ? 2.899   -4.365  -4.848  1.00 22.23 ? 73  LEU A CD1 1 
ATOM   474  C  CD2 . LEU A 1 73  ? 1.705   -3.415  -6.757  1.00 22.69 ? 73  LEU A CD2 1 
ATOM   475  N  N   . GLY A 1 74  ? -1.758  -5.123  -4.585  1.00 14.57 ? 74  GLY A N   1 
ATOM   476  C  CA  . GLY A 1 74  ? -2.558  -4.209  -3.783  1.00 13.68 ? 74  GLY A CA  1 
ATOM   477  C  C   . GLY A 1 74  ? -2.399  -4.511  -2.348  1.00 13.51 ? 74  GLY A C   1 
ATOM   478  O  O   . GLY A 1 74  ? -1.974  -5.636  -1.972  1.00 14.34 ? 74  GLY A O   1 
ATOM   479  N  N   . TRP A 1 75  ? -2.726  -3.561  -1.486  1.00 13.01 ? 75  TRP A N   1 
ATOM   480  C  CA  . TRP A 1 75  ? -2.713  -3.797  -0.041  1.00 13.79 ? 75  TRP A CA  1 
ATOM   481  C  C   . TRP A 1 75  ? -3.682  -2.856  0.665   1.00 13.48 ? 75  TRP A C   1 
ATOM   482  O  O   . TRP A 1 75  ? -4.156  -1.871  0.104   1.00 13.79 ? 75  TRP A O   1 
ATOM   483  C  CB  . TRP A 1 75  ? -1.304  -3.704  0.590   1.00 13.20 ? 75  TRP A CB  1 
ATOM   484  C  CG  . TRP A 1 75  ? -0.693  -2.335  0.540   1.00 13.10 ? 75  TRP A CG  1 
ATOM   485  C  CD1 . TRP A 1 75  ? -0.762  -1.424  1.565   1.00 13.52 ? 75  TRP A CD1 1 
ATOM   486  C  CD2 . TRP A 1 75  ? 0.072   -1.723  -0.500  1.00 13.30 ? 75  TRP A CD2 1 
ATOM   487  N  NE1 . TRP A 1 75  ? -0.091  -0.280  1.195   1.00 15.10 ? 75  TRP A NE1 1 
ATOM   488  C  CE2 . TRP A 1 75  ? 0.405   -0.426  -0.054  1.00 14.00 ? 75  TRP A CE2 1 
ATOM   489  C  CE3 . TRP A 1 75  ? 0.501   -2.138  -1.755  1.00 13.55 ? 75  TRP A CE3 1 
ATOM   490  C  CZ2 . TRP A 1 75  ? 1.147   0.455   -0.865  1.00 14.61 ? 75  TRP A CZ2 1 
ATOM   491  C  CZ3 . TRP A 1 75  ? 1.243   -1.278  -2.538  1.00 14.80 ? 75  TRP A CZ3 1 
ATOM   492  C  CH2 . TRP A 1 75  ? 1.553   -0.006  -2.082  1.00 15.50 ? 75  TRP A CH2 1 
ATOM   493  N  N   . THR A 1 76  ? -3.987  -3.235  1.913   1.00 13.44 ? 76  THR A N   1 
ATOM   494  C  CA  . THR A 1 76  ? -4.901  -2.512  2.796   1.00 12.84 ? 76  THR A CA  1 
ATOM   495  C  C   . THR A 1 76  ? -4.237  -2.147  4.105   1.00 14.04 ? 76  THR A C   1 
ATOM   496  O  O   . THR A 1 76  ? -3.543  -2.993  4.722   1.00 14.53 ? 76  THR A O   1 
ATOM   497  C  CB  . THR A 1 76  ? -6.151  -3.330  3.147   1.00 13.84 ? 76  THR A CB  1 
ATOM   498  O  OG1 . THR A 1 76  ? -6.769  -3.764  1.922   1.00 14.96 ? 76  THR A OG1 1 
ATOM   499  C  CG2 . THR A 1 76  ? -7.156  -2.548  3.947   1.00 14.53 ? 76  THR A CG2 1 
ATOM   500  N  N   . VAL A 1 77  ? -4.548  -0.944  4.587   1.00 13.88 ? 77  VAL A N   1 
ATOM   501  C  CA  . VAL A 1 77  ? -4.298  -0.505  5.988   1.00 14.79 ? 77  VAL A CA  1 
ATOM   502  C  C   . VAL A 1 77  ? -5.614  -0.085  6.606   1.00 14.09 ? 77  VAL A C   1 
ATOM   503  O  O   . VAL A 1 77  ? -6.293  0.766   6.016   1.00 15.01 ? 77  VAL A O   1 
ATOM   504  C  CB  . VAL A 1 77  ? -3.319  0.675   6.035   1.00 14.29 ? 77  VAL A CB  1 
ATOM   505  C  CG1 . VAL A 1 77  ? -3.262  1.288   7.440   1.00 15.54 ? 77  VAL A CG1 1 
ATOM   506  C  CG2 . VAL A 1 77  ? -1.930  0.233   5.616   1.00 15.98 ? 77  VAL A CG2 1 
ATOM   507  N  N   . ALA A 1 78  ? -6.011  -0.628  7.762   1.00 14.35 ? 78  ALA A N   1 
ATOM   508  C  CA  . ALA A 1 78  ? -7.059  -0.041  8.600   1.00 13.82 ? 78  ALA A CA  1 
ATOM   509  C  C   . ALA A 1 78  ? -6.389  0.846   9.639   1.00 14.54 ? 78  ALA A C   1 
ATOM   510  O  O   . ALA A 1 78  ? -5.395  0.424   10.262  1.00 14.93 ? 78  ALA A O   1 
ATOM   511  C  CB  . ALA A 1 78  ? -7.884  -1.102  9.300   1.00 14.30 ? 78  ALA A CB  1 
ATOM   512  N  N   . TRP A 1 79  ? -6.839  2.078   9.764   1.00 14.83 ? 79  TRP A N   1 
ATOM   513  C  CA  . TRP A 1 79  ? -6.127  3.131   10.536  1.00 14.35 ? 79  TRP A CA  1 
ATOM   514  C  C   . TRP A 1 79  ? -6.426  3.084   12.041  1.00 15.92 ? 79  TRP A C   1 
ATOM   515  O  O   . TRP A 1 79  ? -6.729  4.128   12.653  1.00 15.75 ? 79  TRP A O   1 
ATOM   516  C  CB  . TRP A 1 79  ? -6.394  4.491   9.901   1.00 14.79 ? 79  TRP A CB  1 
ATOM   517  C  CG  . TRP A 1 79  ? -5.918  4.577   8.479   1.00 14.97 ? 79  TRP A CG  1 
ATOM   518  C  CD1 . TRP A 1 79  ? -6.671  4.590   7.336   1.00 15.49 ? 79  TRP A CD1 1 
ATOM   519  C  CD2 . TRP A 1 79  ? -4.550  4.725   8.088   1.00 14.91 ? 79  TRP A CD2 1 
ATOM   520  N  NE1 . TRP A 1 79  ? -5.839  4.665   6.244   1.00 14.25 ? 79  TRP A NE1 1 
ATOM   521  C  CE2 . TRP A 1 79  ? -4.532  4.699   6.673   1.00 14.89 ? 79  TRP A CE2 1 
ATOM   522  C  CE3 . TRP A 1 79  ? -3.313  4.764   8.797   1.00 15.04 ? 79  TRP A CE3 1 
ATOM   523  C  CZ2 . TRP A 1 79  ? -3.366  4.860   5.942   1.00 14.72 ? 79  TRP A CZ2 1 
ATOM   524  C  CZ3 . TRP A 1 79  ? -2.163  4.911   8.060   1.00 16.11 ? 79  TRP A CZ3 1 
ATOM   525  C  CH2 . TRP A 1 79  ? -2.184  4.906   6.646   1.00 15.02 ? 79  TRP A CH2 1 
ATOM   526  N  N   . LYS A 1 80  ? -6.303  1.889   12.600  1.00 15.78 ? 80  LYS A N   1 
ATOM   527  C  CA  . LYS A 1 80  ? -6.395  1.614   14.046  1.00 15.35 ? 80  LYS A CA  1 
ATOM   528  C  C   . LYS A 1 80  ? -5.073  1.009   14.463  1.00 15.11 ? 80  LYS A C   1 
ATOM   529  O  O   . LYS A 1 80  ? -4.627  -0.014  13.907  1.00 15.88 ? 80  LYS A O   1 
ATOM   530  C  CB  . LYS A 1 80  ? -7.540  0.695   14.382  1.00 16.72 ? 80  LYS A CB  1 
ATOM   531  C  CG  . LYS A 1 80  ? -7.631  0.327   15.858  1.00 18.14 ? 80  LYS A CG  1 
ATOM   532  C  CD  . LYS A 1 80  ? -8.752  -0.631  16.132  1.00 20.74 ? 80  LYS A CD  1 
ATOM   533  C  CE  . LYS A 1 80  ? -8.913  -0.933  17.611  1.00 25.05 ? 80  LYS A CE  1 
ATOM   534  N  NZ  . LYS A 1 80  ? -7.706  -1.601  18.138  1.00 30.16 ? 80  LYS A NZ  1 
ATOM   535  N  N   . ASN A 1 81  ? -4.461  1.562   15.512  1.00 16.15 ? 81  ASN A N   1 
ATOM   536  C  CA  . ASN A 1 81  ? -3.294  0.926   16.157  1.00 16.41 ? 81  ASN A CA  1 
ATOM   537  C  C   . ASN A 1 81  ? -3.436  1.255   17.666  1.00 17.08 ? 81  ASN A C   1 
ATOM   538  O  O   . ASN A 1 81  ? -4.508  1.654   18.133  1.00 19.02 ? 81  ASN A O   1 
ATOM   539  C  CB  . ASN A 1 81  ? -1.959  1.321   15.530  1.00 16.38 ? 81  ASN A CB  1 
ATOM   540  C  CG  . ASN A 1 81  ? -1.572  2.773   15.691  1.00 16.58 ? 81  ASN A CG  1 
ATOM   541  O  OD1 . ASN A 1 81  ? -2.246  3.508   16.451  1.00 16.66 ? 81  ASN A OD1 1 
ATOM   542  N  ND2 . ASN A 1 81  ? -0.494  3.201   15.018  1.00 15.64 ? 81  ASN A ND2 1 
ATOM   543  N  N   . ASN A 1 82  ? -2.373  1.042   18.412  1.00 18.22 ? 82  ASN A N   1 
ATOM   544  C  CA  . ASN A 1 82  ? -2.468  1.248   19.885  1.00 21.61 ? 82  ASN A CA  1 
ATOM   545  C  C   . ASN A 1 82  ? -2.565  2.715   20.235  1.00 21.96 ? 82  ASN A C   1 
ATOM   546  O  O   . ASN A 1 82  ? -2.877  3.012   21.408  1.00 24.38 ? 82  ASN A O   1 
ATOM   547  C  CB  . ASN A 1 82  ? -1.257  0.625   20.573  1.00 23.37 ? 82  ASN A CB  1 
ATOM   548  C  CG  . ASN A 1 82  ? -1.343  -0.884  20.584  1.00 31.22 ? 82  ASN A CG  1 
ATOM   549  O  OD1 . ASN A 1 82  ? -2.436  -1.432  20.495  1.00 38.22 ? 82  ASN A OD1 1 
ATOM   550  N  ND2 . ASN A 1 82  ? -0.209  -1.548  20.718  1.00 36.62 ? 82  ASN A ND2 1 
ATOM   551  N  N   . TYR A 1 83  ? -2.266  3.614   19.314  1.00 19.52 ? 83  TYR A N   1 
ATOM   552  C  CA  . TYR A 1 83  ? -2.200  5.065   19.584  1.00 18.94 ? 83  TYR A CA  1 
ATOM   553  C  C   . TYR A 1 83  ? -3.446  5.818   19.132  1.00 20.13 ? 83  TYR A C   1 
ATOM   554  O  O   . TYR A 1 83  ? -3.886  6.763   19.802  1.00 19.69 ? 83  TYR A O   1 
ATOM   555  C  CB  . TYR A 1 83  ? -1.007  5.697   18.881  1.00 20.67 ? 83  TYR A CB  1 
ATOM   556  C  CG  . TYR A 1 83  ? 0.337   5.143   19.270  1.00 23.89 ? 83  TYR A CG  1 
ATOM   557  C  CD1 . TYR A 1 83  ? 1.000   5.680   20.363  1.00 33.21 ? 83  TYR A CD1 1 
ATOM   558  C  CD2 . TYR A 1 83  ? 0.941   4.133   18.565  1.00 25.60 ? 83  TYR A CD2 1 
ATOM   559  C  CE1 . TYR A 1 83  ? 2.242   5.199   20.741  1.00 35.88 ? 83  TYR A CE1 1 
ATOM   560  C  CE2 . TYR A 1 83  ? 2.163   3.612   18.939  1.00 30.04 ? 83  TYR A CE2 1 
ATOM   561  C  CZ  . TYR A 1 83  ? 2.819   4.166   20.026  1.00 37.62 ? 83  TYR A CZ  1 
ATOM   562  O  OH  . TYR A 1 83  ? 4.033   3.686   20.428  1.00 40.65 ? 83  TYR A OH  1 
ATOM   563  N  N   . ARG A 1 84  ? -4.027  5.443   17.995  1.00 18.80 ? 84  ARG A N   1 
ATOM   564  C  CA  . ARG A 1 84  ? -5.127  6.187   17.385  1.00 19.23 ? 84  ARG A CA  1 
ATOM   565  C  C   . ARG A 1 84  ? -6.064  5.260   16.624  1.00 16.70 ? 84  ARG A C   1 
ATOM   566  O  O   . ARG A 1 84  ? -5.660  4.173   16.227  1.00 18.03 ? 84  ARG A O   1 
ATOM   567  C  CB  . ARG A 1 84  ? -4.595  7.184   16.362  1.00 22.43 ? 84  ARG A CB  1 
ATOM   568  C  CG  . ARG A 1 84  ? -3.719  8.261   16.969  1.00 29.39 ? 84  ARG A CG  1 
ATOM   569  C  CD  . ARG A 1 84  ? -3.714  9.425   16.032  1.00 33.47 ? 84  ARG A CD  1 
ATOM   570  N  NE  . ARG A 1 84  ? -2.681  10.360  16.415  1.00 30.33 ? 84  ARG A NE  1 
ATOM   571  C  CZ  . ARG A 1 84  ? -2.487  11.469  15.793  1.00 26.07 ? 84  ARG A CZ  1 
ATOM   572  N  NH1 . ARG A 1 84  ? -1.483  12.256  16.143  1.00 32.33 ? 84  ARG A NH1 1 
ATOM   573  N  NH2 . ARG A 1 84  ? -3.325  11.821  14.823  1.00 27.15 ? 84  ARG A NH2 1 
ATOM   574  N  N   . ASN A 1 85  ? -7.291  5.696   16.472  1.00 17.91 ? 85  ASN A N   1 
ATOM   575  C  CA  . ASN A 1 85  ? -8.274  5.049   15.575  1.00 17.01 ? 85  ASN A CA  1 
ATOM   576  C  C   . ASN A 1 85  ? -8.975  6.118   14.752  1.00 17.98 ? 85  ASN A C   1 
ATOM   577  O  O   . ASN A 1 85  ? -9.848  6.849   15.276  1.00 18.61 ? 85  ASN A O   1 
ATOM   578  C  CB  . ASN A 1 85  ? -9.216  4.151   16.362  1.00 16.14 ? 85  ASN A CB  1 
ATOM   579  C  CG  . ASN A 1 85  ? -10.050 3.274   15.443  1.00 18.29 ? 85  ASN A CG  1 
ATOM   580  O  OD1 . ASN A 1 85  ? -9.988  3.478   14.215  1.00 18.56 ? 85  ASN A OD1 1 
ATOM   581  N  ND2 . ASN A 1 85  ? -10.753 2.304   16.000  1.00 18.84 ? 85  ASN A ND2 1 
ATOM   582  N  N   . ALA A 1 86  ? -8.651  6.170   13.446  1.00 16.52 ? 86  ALA A N   1 
ATOM   583  C  CA  . ALA A 1 86  ? -9.238  7.127   12.508  1.00 17.44 ? 86  ALA A CA  1 
ATOM   584  C  C   . ALA A 1 86  ? -10.478 6.536   11.825  1.00 16.02 ? 86  ALA A C   1 
ATOM   585  O  O   . ALA A 1 86  ? -10.983 7.166   10.878  1.00 16.95 ? 86  ALA A O   1 
ATOM   586  C  CB  . ALA A 1 86  ? -8.199  7.610   11.542  1.00 16.90 ? 86  ALA A CB  1 
ATOM   587  N  N   . HIS A 1 87  ? -10.944 5.383   12.257  1.00 15.99 ? 87  HIS A N   1 
ATOM   588  C  CA  . HIS A 1 87  ? -12.192 4.761   11.736  1.00 17.30 ? 87  HIS A CA  1 
ATOM   589  C  C   . HIS A 1 87  ? -12.218 4.818   10.202  1.00 15.33 ? 87  HIS A C   1 
ATOM   590  O  O   . HIS A 1 87  ? -13.210 5.289   9.610   1.00 15.38 ? 87  HIS A O   1 
ATOM   591  C  CB  . HIS A 1 87  ? -13.417 5.441   12.322  1.00 17.48 ? 87  HIS A CB  1 
ATOM   592  C  CG  . HIS A 1 87  ? -13.455 5.393   13.805  1.00 19.09 ? 87  HIS A CG  1 
ATOM   593  N  ND1 . HIS A 1 87  ? -13.359 4.199   14.482  1.00 19.16 ? 87  HIS A ND1 1 
ATOM   594  C  CD2 . HIS A 1 87  ? -13.581 6.381   14.722  1.00 19.78 ? 87  HIS A CD2 1 
ATOM   595  C  CE1 . HIS A 1 87  ? -13.430 4.451   15.798  1.00 20.25 ? 87  HIS A CE1 1 
ATOM   596  N  NE2 . HIS A 1 87  ? -13.548 5.747   15.951  1.00 19.69 ? 87  HIS A NE2 1 
ATOM   597  N  N   . SER A 1 88  ? -11.176 4.273   9.601   1.00 15.75 ? 88  SER A N   1 
ATOM   598  C  CA  . SER A 1 88  ? -10.994 4.398   8.142   1.00 15.22 ? 88  SER A CA  1 
ATOM   599  C  C   . SER A 1 88  ? -10.032 3.335   7.680   1.00 14.16 ? 88  SER A C   1 
ATOM   600  O  O   . SER A 1 88  ? -9.303  2.732   8.466   1.00 15.32 ? 88  SER A O   1 
ATOM   601  C  CB  . SER A 1 88  ? -10.577 5.799   7.714   1.00 15.86 ? 88  SER A CB  1 
ATOM   602  O  OG  . SER A 1 88  ? -9.460  6.260   8.472   1.00 16.00 ? 88  SER A OG  1 
ATOM   603  N  N   . ALA A 1 89  ? -10.084 3.054   6.373   1.00 13.72 ? 89  ALA A N   1 
ATOM   604  C  CA  . ALA A 1 89  ? -9.187  2.092   5.720   1.00 13.36 ? 89  ALA A CA  1 
ATOM   605  C  C   . ALA A 1 89  ? -8.779  2.667   4.364   1.00 12.73 ? 89  ALA A C   1 
ATOM   606  O  O   . ALA A 1 89  ? -9.665  3.173   3.650   1.00 14.87 ? 89  ALA A O   1 
ATOM   607  C  CB  . ALA A 1 89  ? -9.852  0.739   5.643   1.00 13.95 ? 89  ALA A CB  1 
ATOM   608  N  N   . THR A 1 90  ? -7.526  2.454   4.011   1.00 12.72 ? 90  THR A N   1 
ATOM   609  C  CA  . THR A 1 90  ? -7.038  2.771   2.659   1.00 12.84 ? 90  THR A CA  1 
ATOM   610  C  C   . THR A 1 90  ? -6.639  1.492   1.967   1.00 13.47 ? 90  THR A C   1 
ATOM   611  O  O   . THR A 1 90  ? -5.954  0.633   2.555   1.00 13.06 ? 90  THR A O   1 
ATOM   612  C  CB  . THR A 1 90  ? -5.837  3.697   2.696   1.00 12.98 ? 90  THR A CB  1 
ATOM   613  O  OG1 . THR A 1 90  ? -6.222  4.892   3.410   1.00 13.33 ? 90  THR A OG1 1 
ATOM   614  C  CG2 . THR A 1 90  ? -5.326  4.092   1.334   1.00 14.17 ? 90  THR A CG2 1 
ATOM   615  N  N   . THR A 1 91  ? -6.978  1.365   0.707   1.00 12.61 ? 91  THR A N   1 
ATOM   616  C  CA  . THR A 1 91  ? -6.475  0.333   -0.193  1.00 11.97 ? 91  THR A CA  1 
ATOM   617  C  C   . THR A 1 91  ? -5.672  0.986   -1.316  1.00 13.09 ? 91  THR A C   1 
ATOM   618  O  O   . THR A 1 91  ? -6.174  1.939   -1.917  1.00 14.51 ? 91  THR A O   1 
ATOM   619  C  CB  . THR A 1 91  ? -7.576  -0.570  -0.762  1.00 13.43 ? 91  THR A CB  1 
ATOM   620  O  OG1 . THR A 1 91  ? -8.457  0.189   -1.607  1.00 13.66 ? 91  THR A OG1 1 
ATOM   621  C  CG2 . THR A 1 91  ? -8.365  -1.275  0.328   1.00 13.49 ? 91  THR A CG2 1 
ATOM   622  N  N   . TRP A 1 92  ? -4.497  0.430   -1.568  1.00 12.38 ? 92  TRP A N   1 
ATOM   623  C  CA  . TRP A 1 92  ? -3.654  0.856   -2.708  1.00 11.61 ? 92  TRP A CA  1 
ATOM   624  C  C   . TRP A 1 92  ? -3.713  -0.244  -3.749  1.00 12.70 ? 92  TRP A C   1 
ATOM   625  O  O   . TRP A 1 92  ? -3.521  -1.419  -3.391  1.00 13.75 ? 92  TRP A O   1 
ATOM   626  C  CB  . TRP A 1 92  ? -2.196  1.034   -2.256  1.00 12.63 ? 92  TRP A CB  1 
ATOM   627  C  CG  . TRP A 1 92  ? -1.912  2.214   -1.377  1.00 11.77 ? 92  TRP A CG  1 
ATOM   628  C  CD1 . TRP A 1 92  ? -1.321  3.377   -1.796  1.00 12.88 ? 92  TRP A CD1 1 
ATOM   629  C  CD2 . TRP A 1 92  ? -2.111  2.368   0.035   1.00 13.03 ? 92  TRP A CD2 1 
ATOM   630  N  NE1 . TRP A 1 92  ? -1.168  4.242   -0.734  1.00 13.40 ? 92  TRP A NE1 1 
ATOM   631  C  CE2 . TRP A 1 92  ? -1.605  3.611   0.405   1.00 13.90 ? 92  TRP A CE2 1 
ATOM   632  C  CE3 . TRP A 1 92  ? -2.627  1.500   1.018   1.00 12.58 ? 92  TRP A CE3 1 
ATOM   633  C  CZ2 . TRP A 1 92  ? -1.609  4.032   1.754   1.00 13.13 ? 92  TRP A CZ2 1 
ATOM   634  C  CZ3 . TRP A 1 92  ? -2.639  1.930   2.331   1.00 13.63 ? 92  TRP A CZ3 1 
ATOM   635  C  CH2 . TRP A 1 92  ? -2.106  3.157   2.692   1.00 14.35 ? 92  TRP A CH2 1 
ATOM   636  N  N   . SER A 1 93  ? -3.922  0.124   -5.002  1.00 13.01 ? 93  SER A N   1 
ATOM   637  C  CA  . SER A 1 93  ? -3.962  -0.814  -6.149  1.00 13.00 ? 93  SER A CA  1 
ATOM   638  C  C   . SER A 1 93  ? -2.982  -0.270  -7.173  1.00 13.61 ? 93  SER A C   1 
ATOM   639  O  O   . SER A 1 93  ? -3.011  0.926   -7.529  1.00 13.75 ? 93  SER A O   1 
ATOM   640  C  CB  . SER A 1 93  ? -5.362  -0.834  -6.709  1.00 13.11 ? 93  SER A CB  1 
ATOM   641  O  OG  . SER A 1 93  ? -5.459  -1.737  -7.802  1.00 15.65 ? 93  SER A OG  1 
ATOM   642  N  N   . GLY A 1 94  ? -2.071  -1.119  -7.674  1.00 13.62 ? 94  GLY A N   1 
ATOM   643  C  CA  . GLY A 1 94  ? -1.060  -0.568  -8.587  1.00 14.87 ? 94  GLY A CA  1 
ATOM   644  C  C   . GLY A 1 94  ? -0.172  -1.637  -9.203  1.00 14.77 ? 94  GLY A C   1 
ATOM   645  O  O   . GLY A 1 94  ? -0.553  -2.809  -9.261  1.00 14.68 ? 94  GLY A O   1 
ATOM   646  N  N   . GLN A 1 95  ? 0.976   -1.162  -9.672  1.00 15.51 ? 95  GLN A N   1 
ATOM   647  C  CA  . GLN A 1 95  ? 1.951   -2.102  -10.257 1.00 16.19 ? 95  GLN A CA  1 
ATOM   648  C  C   . GLN A 1 95  ? 3.345   -1.705  -9.840  1.00 15.16 ? 95  GLN A C   1 
ATOM   649  O  O   . GLN A 1 95  ? 3.680   -0.526  -9.716  1.00 16.03 ? 95  GLN A O   1 
ATOM   650  C  CB  . GLN A 1 95  ? 1.826   -2.261  -11.760 1.00 19.21 ? 95  GLN A CB  1 
ATOM   651  C  CG  . GLN A 1 95  ? 1.929   -1.016  -12.578 1.00 19.76 ? 95  GLN A CG  1 
ATOM   652  C  CD  . GLN A 1 95  ? 1.637   -1.305  -14.047 1.00 19.92 ? 95  GLN A CD  1 
ATOM   653  O  OE1 . GLN A 1 95  ? 2.084   -2.306  -14.636 1.00 18.31 ? 95  GLN A OE1 1 
ATOM   654  N  NE2 . GLN A 1 95  ? 0.881   -0.452  -14.750 1.00 20.37 ? 95  GLN A NE2 1 
ATOM   655  N  N   . TYR A 1 96  ? 4.128   -2.760  -9.597  1.00 15.97 ? 96  TYR A N   1 
ATOM   656  C  CA  . TYR A 1 96  ? 5.593   -2.704  -9.353  1.00 15.48 ? 96  TYR A CA  1 
ATOM   657  C  C   . TYR A 1 96  ? 6.309   -2.758  -10.701 1.00 15.51 ? 96  TYR A C   1 
ATOM   658  O  O   . TYR A 1 96  ? 6.016   -3.624  -11.550 1.00 17.44 ? 96  TYR A O   1 
ATOM   659  C  CB  . TYR A 1 96  ? 6.017   -3.842  -8.422  1.00 16.69 ? 96  TYR A CB  1 
ATOM   660  C  CG  . TYR A 1 96  ? 7.491   -4.183  -8.459  1.00 17.96 ? 96  TYR A CG  1 
ATOM   661  C  CD1 . TYR A 1 96  ? 8.377   -3.530  -7.637  1.00 19.16 ? 96  TYR A CD1 1 
ATOM   662  C  CD2 . TYR A 1 96  ? 7.964   -5.118  -9.345  1.00 19.31 ? 96  TYR A CD2 1 
ATOM   663  C  CE1 . TYR A 1 96  ? 9.743   -3.810  -7.660  1.00 19.93 ? 96  TYR A CE1 1 
ATOM   664  C  CE2 . TYR A 1 96  ? 9.311   -5.440  -9.366  1.00 22.12 ? 96  TYR A CE2 1 
ATOM   665  C  CZ  . TYR A 1 96  ? 10.178  -4.773  -8.545  1.00 20.46 ? 96  TYR A CZ  1 
ATOM   666  O  OH  . TYR A 1 96  ? 11.526  -5.092  -8.578  1.00 23.11 ? 96  TYR A OH  1 
ATOM   667  N  N   . VAL A 1 97  ? 7.271   -1.835  -10.869 1.00 18.33 ? 97  VAL A N   1 
ATOM   668  C  CA  . VAL A 1 97  ? 8.132   -1.721  -12.080 1.00 20.64 ? 97  VAL A CA  1 
ATOM   669  C  C   . VAL A 1 97  ? 9.572   -1.831  -11.573 1.00 21.31 ? 97  VAL A C   1 
ATOM   670  O  O   . VAL A 1 97  ? 9.971   -0.975  -10.771 1.00 21.18 ? 97  VAL A O   1 
ATOM   671  C  CB  . VAL A 1 97  ? 7.839   -0.390  -12.791 1.00 24.03 ? 97  VAL A CB  1 
ATOM   672  C  CG1 . VAL A 1 97  ? 8.704   -0.215  -14.030 1.00 29.96 ? 97  VAL A CG1 1 
ATOM   673  C  CG2 . VAL A 1 97  ? 6.366   -0.292  -13.163 1.00 29.25 ? 97  VAL A CG2 1 
ATOM   674  N  N   . GLY A 1 98  ? 10.281  -2.883  -11.996 1.00 25.24 ? 98  GLY A N   1 
ATOM   675  C  CA  . GLY A 1 98  ? 11.632  -3.167  -11.465 1.00 26.66 ? 98  GLY A CA  1 
ATOM   676  C  C   . GLY A 1 98  ? 12.708  -2.334  -12.142 1.00 31.04 ? 98  GLY A C   1 
ATOM   677  O  O   . GLY A 1 98  ? 12.405  -1.534  -13.011 1.00 30.44 ? 98  GLY A O   1 
ATOM   678  N  N   . GLY A 1 99  ? 13.960  -2.489  -11.719 1.00 33.51 ? 99  GLY A N   1 
ATOM   679  C  CA  . GLY A 1 99  ? 15.102  -1.845  -12.405 1.00 35.54 ? 99  GLY A CA  1 
ATOM   680  C  C   . GLY A 1 99  ? 15.778  -0.824  -11.517 1.00 33.41 ? 99  GLY A C   1 
ATOM   681  O  O   . GLY A 1 99  ? 15.472  -0.772  -10.298 1.00 35.08 ? 99  GLY A O   1 
ATOM   682  N  N   . ALA A 1 100 ? 16.703  -0.043  -12.075 1.00 36.47 ? 100 ALA A N   1 
ATOM   683  C  CA  . ALA A 1 100 ? 17.635  0.796   -11.283 1.00 37.16 ? 100 ALA A CA  1 
ATOM   684  C  C   . ALA A 1 100 ? 16.851  1.865   -10.528 1.00 40.90 ? 100 ALA A C   1 
ATOM   685  O  O   . ALA A 1 100 ? 17.281  2.253   -9.412  1.00 40.36 ? 100 ALA A O   1 
ATOM   686  C  CB  . ALA A 1 100 ? 18.657  1.412   -12.208 1.00 41.59 ? 100 ALA A CB  1 
ATOM   687  N  N   . GLN A 1 101 ? 15.746  2.316   -11.137 1.00 36.45 ? 101 GLN A N   1 
ATOM   688  C  CA  . GLN A 1 101 ? 14.798  3.297   -10.561 1.00 37.06 ? 101 GLN A CA  1 
ATOM   689  C  C   . GLN A 1 101 ? 13.465  2.556   -10.325 1.00 28.67 ? 101 GLN A C   1 
ATOM   690  O  O   . GLN A 1 101 ? 12.423  3.008   -10.862 1.00 29.80 ? 101 GLN A O   1 
ATOM   691  C  CB  . GLN A 1 101 ? 14.635  4.486   -11.512 1.00 45.68 ? 101 GLN A CB  1 
ATOM   692  C  CG  . GLN A 1 101 ? 15.949  5.162   -11.911 1.00 55.48 ? 101 GLN A CG  1 
ATOM   693  C  CD  . GLN A 1 101 ? 16.359  6.207   -10.901 1.00 63.97 ? 101 GLN A CD  1 
ATOM   694  O  OE1 . GLN A 1 101 ? 17.304  6.021   -10.138 1.00 76.44 ? 101 GLN A OE1 1 
ATOM   695  N  NE2 . GLN A 1 101 ? 15.628  7.312   -10.874 1.00 68.66 ? 101 GLN A NE2 1 
ATOM   696  N  N   . ALA A 1 102 ? 13.500  1.480   -9.555  1.00 26.43 ? 102 ALA A N   1 
ATOM   697  C  CA  . ALA A 1 102 ? 12.273  0.713   -9.236  1.00 22.62 ? 102 ALA A CA  1 
ATOM   698  C  C   . ALA A 1 102 ? 11.208  1.655   -8.668  1.00 21.98 ? 102 ALA A C   1 
ATOM   699  O  O   . ALA A 1 102 ? 11.483  2.552   -7.900  1.00 22.18 ? 102 ALA A O   1 
ATOM   700  C  CB  . ALA A 1 102 ? 12.555  -0.433  -8.312  1.00 24.27 ? 102 ALA A CB  1 
ATOM   701  N  N   . ARG A 1 103 ? 9.956   1.326   -8.978  1.00 19.63 ? 103 ARG A N   1 
ATOM   702  C  CA  . ARG A 1 103 ? 8.814   2.119   -8.499  1.00 19.60 ? 103 ARG A CA  1 
ATOM   703  C  C   . ARG A 1 103 ? 7.637   1.190   -8.220  1.00 17.95 ? 103 ARG A C   1 
ATOM   704  O  O   . ARG A 1 103 ? 7.488   0.181   -8.891  1.00 18.48 ? 103 ARG A O   1 
ATOM   705  C  CB  . ARG A 1 103 ? 8.436   3.180   -9.533  1.00 24.50 ? 103 ARG A CB  1 
ATOM   706  C  CG  . ARG A 1 103 ? 9.406   4.350   -9.553  0.50 28.16 ? 103 ARG A CG  1 
ATOM   707  C  CD  . ARG A 1 103 ? 9.115   5.338   -10.640 0.50 31.88 ? 103 ARG A CD  1 
ATOM   708  N  NE  . ARG A 1 103 ? 9.420   6.692   -10.192 0.50 31.94 ? 103 ARG A NE  1 
ATOM   709  C  CZ  . ARG A 1 103 ? 10.529  7.075   -9.577  0.50 35.69 ? 103 ARG A CZ  1 
ATOM   710  N  NH1 . ARG A 1 103 ? 10.676  8.352   -9.275  0.50 38.84 ? 103 ARG A NH1 1 
ATOM   711  N  NH2 . ARG A 1 103 ? 11.487  6.212   -9.276  0.50 33.69 ? 103 ARG A NH2 1 
ATOM   712  N  N   . ILE A 1 104 ? 6.824   1.596   -7.256  1.00 16.68 ? 104 ILE A N   1 
ATOM   713  C  CA  . ILE A 1 104 ? 5.423   1.063   -7.158  1.00 16.24 ? 104 ILE A CA  1 
ATOM   714  C  C   . ILE A 1 104 ? 4.501   2.247   -7.456  1.00 15.55 ? 104 ILE A C   1 
ATOM   715  O  O   . ILE A 1 104 ? 4.447   3.197   -6.634  1.00 16.52 ? 104 ILE A O   1 
ATOM   716  C  CB  . ILE A 1 104 ? 5.166   0.379   -5.824  1.00 16.70 ? 104 ILE A CB  1 
ATOM   717  C  CG1 . ILE A 1 104 ? 6.149   -0.759  -5.570  1.00 18.33 ? 104 ILE A CG1 1 
ATOM   718  C  CG2 . ILE A 1 104 ? 3.743   -0.172  -5.797  1.00 18.74 ? 104 ILE A CG2 1 
ATOM   719  C  CD1 . ILE A 1 104 ? 6.113   -1.347  -4.170  1.00 19.50 ? 104 ILE A CD1 1 
ATOM   720  N  N   . ASN A 1 105 ? 3.758   2.194   -8.551  1.00 16.20 ? 105 ASN A N   1 
ATOM   721  C  CA  . ASN A 1 105 ? 2.822   3.249   -8.980  1.00 16.32 ? 105 ASN A CA  1 
ATOM   722  C  C   . ASN A 1 105 ? 1.425   2.801   -8.549  1.00 15.81 ? 105 ASN A C   1 
ATOM   723  O  O   . ASN A 1 105 ? 1.000   1.753   -8.987  1.00 15.94 ? 105 ASN A O   1 
ATOM   724  C  CB  . ASN A 1 105 ? 2.922   3.483   -10.489 1.00 17.63 ? 105 ASN A CB  1 
ATOM   725  C  CG  . ASN A 1 105 ? 4.264   4.077   -10.913 1.00 21.45 ? 105 ASN A CG  1 
ATOM   726  O  OD1 . ASN A 1 105 ? 4.817   4.884   -10.165 1.00 24.02 ? 105 ASN A OD1 1 
ATOM   727  N  ND2 . ASN A 1 105 ? 4.848   3.487   -11.956 1.00 24.48 ? 105 ASN A ND2 1 
ATOM   728  N  N   . THR A 1 106 ? 0.766   3.578   -7.707  1.00 14.14 ? 106 THR A N   1 
ATOM   729  C  CA  . THR A 1 106 ? -0.549  3.206   -7.146  1.00 13.82 ? 106 THR A CA  1 
ATOM   730  C  C   . THR A 1 106 ? -1.580  4.310   -7.315  1.00 13.11 ? 106 THR A C   1 
ATOM   731  O  O   . THR A 1 106 ? -1.314  5.519   -7.424  1.00 13.98 ? 106 THR A O   1 
ATOM   732  C  CB  . THR A 1 106 ? -0.449  2.877   -5.670  1.00 13.65 ? 106 THR A CB  1 
ATOM   733  O  OG1 . THR A 1 106 ? -0.284  4.088   -4.909  1.00 14.51 ? 106 THR A OG1 1 
ATOM   734  C  CG2 . THR A 1 106 ? 0.629   1.858   -5.405  1.00 14.95 ? 106 THR A CG2 1 
ATOM   735  N  N   . GLN A 1 107 ? -2.821  3.835   -7.252  1.00 12.70 ? 107 GLN A N   1 
ATOM   736  C  CA  . GLN A 1 107 ? -4.006  4.668   -6.929  1.00 13.45 ? 107 GLN A CA  1 
ATOM   737  C  C   . GLN A 1 107 ? -4.621  4.085   -5.667  1.00 11.67 ? 107 GLN A C   1 
ATOM   738  O  O   . GLN A 1 107 ? -4.400  2.898   -5.349  1.00 13.73 ? 107 GLN A O   1 
ATOM   739  C  CB  . GLN A 1 107 ? -4.960  4.722   -8.112  1.00 14.93 ? 107 GLN A CB  1 
ATOM   740  C  CG  A GLN A 1 107 ? -4.238  5.384   -9.295  0.60 15.97 ? 107 GLN A CG  1 
ATOM   741  C  CG  B GLN A 1 107 ? -4.411  5.645   -9.204  0.40 18.63 ? 107 GLN A CG  1 
ATOM   742  C  CD  A GLN A 1 107 ? -5.120  5.682   -10.469 0.60 12.59 ? 107 GLN A CD  1 
ATOM   743  C  CD  B GLN A 1 107 ? -5.424  6.730   -9.494  0.40 20.54 ? 107 GLN A CD  1 
ATOM   744  O  OE1 A GLN A 1 107 ? -5.603  6.793   -10.607 0.60 16.76 ? 107 GLN A OE1 1 
ATOM   745  O  OE1 B GLN A 1 107 ? -5.394  7.868   -8.966  0.40 26.58 ? 107 GLN A OE1 1 
ATOM   746  N  NE2 A GLN A 1 107 ? -5.190  4.730   -11.413 0.60 11.79 ? 107 GLN A NE2 1 
ATOM   747  N  NE2 B GLN A 1 107 ? -6.308  6.380   -10.420 0.40 17.82 ? 107 GLN A NE2 1 
ATOM   748  N  N   . TRP A 1 108 ? -5.258  4.939   -4.867  1.00 11.53 ? 108 TRP A N   1 
ATOM   749  C  CA  . TRP A 1 108 ? -5.820  4.484   -3.576  1.00 12.56 ? 108 TRP A CA  1 
ATOM   750  C  C   . TRP A 1 108 ? -7.234  4.985   -3.372  1.00 12.35 ? 108 TRP A C   1 
ATOM   751  O  O   . TRP A 1 108 ? -7.631  6.028   -3.903  1.00 12.85 ? 108 TRP A O   1 
ATOM   752  C  CB  . TRP A 1 108 ? -4.852  4.831   -2.428  1.00 12.62 ? 108 TRP A CB  1 
ATOM   753  C  CG  . TRP A 1 108 ? -4.427  6.250   -2.305  1.00 12.68 ? 108 TRP A CG  1 
ATOM   754  C  CD1 . TRP A 1 108 ? -3.176  6.737   -2.598  1.00 13.94 ? 108 TRP A CD1 1 
ATOM   755  C  CD2 . TRP A 1 108 ? -5.149  7.350   -1.745  1.00 12.49 ? 108 TRP A CD2 1 
ATOM   756  N  NE1 . TRP A 1 108 ? -3.103  8.067   -2.298  1.00 13.71 ? 108 TRP A NE1 1 
ATOM   757  C  CE2 . TRP A 1 108 ? -4.321  8.501   -1.827  1.00 13.22 ? 108 TRP A CE2 1 
ATOM   758  C  CE3 . TRP A 1 108 ? -6.444  7.518   -1.244  1.00 13.84 ? 108 TRP A CE3 1 
ATOM   759  C  CZ2 . TRP A 1 108 ? -4.717  9.727   -1.315  1.00 13.90 ? 108 TRP A CZ2 1 
ATOM   760  C  CZ3 . TRP A 1 108 ? -6.839  8.749   -0.772  1.00 13.77 ? 108 TRP A CZ3 1 
ATOM   761  C  CH2 . TRP A 1 108 ? -6.006  9.855   -0.881  1.00 14.73 ? 108 TRP A CH2 1 
ATOM   762  N  N   . LEU A 1 109 ? -7.910  4.267   -2.500  1.00 12.09 ? 109 LEU A N   1 
ATOM   763  C  CA  . LEU A 1 109 ? -9.262  4.612   -2.022  1.00 13.03 ? 109 LEU A CA  1 
ATOM   764  C  C   . LEU A 1 109 ? -9.242  4.591   -0.492  1.00 13.67 ? 109 LEU A C   1 
ATOM   765  O  O   . LEU A 1 109 ? -8.880  3.558   0.117   1.00 14.35 ? 109 LEU A O   1 
ATOM   766  C  CB  . LEU A 1 109 ? -10.314 3.599   -2.478  1.00 13.06 ? 109 LEU A CB  1 
ATOM   767  C  CG  . LEU A 1 109 ? -10.557 3.493   -3.974  1.00 13.02 ? 109 LEU A CG  1 
ATOM   768  C  CD1 . LEU A 1 109 ? -11.419 2.264   -4.263  1.00 14.35 ? 109 LEU A CD1 1 
ATOM   769  C  CD2 . LEU A 1 109 ? -11.182 4.754   -4.493  1.00 15.25 ? 109 LEU A CD2 1 
ATOM   770  N  N   A LEU A 1 110 ? -9.572  5.707   0.140   0.50 13.25 ? 110 LEU A N   1 
ATOM   771  N  N   B LEU A 1 110 ? -9.639  5.680   0.136   0.50 12.47 ? 110 LEU A N   1 
ATOM   772  C  CA  A LEU A 1 110 ? -9.654  5.841   1.618   0.50 13.70 ? 110 LEU A CA  1 
ATOM   773  C  CA  B LEU A 1 110 ? -9.656  5.870   1.609   0.50 12.18 ? 110 LEU A CA  1 
ATOM   774  C  C   A LEU A 1 110 ? -11.111 6.022   2.007   0.50 13.32 ? 110 LEU A C   1 
ATOM   775  C  C   B LEU A 1 110 ? -11.102 6.050   2.048   0.50 12.59 ? 110 LEU A C   1 
ATOM   776  O  O   A LEU A 1 110 ? -11.708 7.067   1.704   0.50 14.20 ? 110 LEU A O   1 
ATOM   777  O  O   B LEU A 1 110 ? -11.685 7.124   1.817   0.50 13.64 ? 110 LEU A O   1 
ATOM   778  C  CB  A LEU A 1 110 ? -8.762  6.985   2.094   0.50 15.33 ? 110 LEU A CB  1 
ATOM   779  C  CB  B LEU A 1 110 ? -8.727  7.036   1.936   0.50 12.35 ? 110 LEU A CB  1 
ATOM   780  C  CG  A LEU A 1 110 ? -8.628  7.186   3.609   0.50 16.40 ? 110 LEU A CG  1 
ATOM   781  C  CG  B LEU A 1 110 ? -8.835  7.727   3.300   0.50 11.68 ? 110 LEU A CG  1 
ATOM   782  C  CD1 A LEU A 1 110 ? -7.600  8.248   3.907   0.50 18.60 ? 110 LEU A CD1 1 
ATOM   783  C  CD1 B LEU A 1 110 ? -8.840  6.696   4.413   0.50 12.56 ? 110 LEU A CD1 1 
ATOM   784  C  CD2 A LEU A 1 110 ? -9.962  7.497   4.257   0.50 18.08 ? 110 LEU A CD2 1 
ATOM   785  C  CD2 B LEU A 1 110 ? -7.709  8.737   3.425   0.50 12.24 ? 110 LEU A CD2 1 
ATOM   786  N  N   . THR A 1 111 ? -11.662 4.996   2.657   1.00 13.10 ? 111 THR A N   1 
ATOM   787  C  CA  . THR A 1 111 ? -13.055 5.040   3.124   1.00 14.17 ? 111 THR A CA  1 
ATOM   788  C  C   . THR A 1 111 ? -13.064 5.274   4.618   1.00 14.75 ? 111 THR A C   1 
ATOM   789  O  O   . THR A 1 111 ? -12.356 4.568   5.335   1.00 14.61 ? 111 THR A O   1 
ATOM   790  C  CB  . THR A 1 111 ? -13.850 3.798   2.772   1.00 14.50 ? 111 THR A CB  1 
ATOM   791  O  OG1 . THR A 1 111 ? -13.799 3.548   1.371   1.00 14.37 ? 111 THR A OG1 1 
ATOM   792  C  CG2 . THR A 1 111 ? -15.312 3.962   3.148   1.00 17.31 ? 111 THR A CG2 1 
ATOM   793  N  N   A GLU A 1 112 ? -13.892 6.212   5.080   0.80 14.42 ? 112 GLU A N   1 
ATOM   794  N  N   B GLU A 1 112 ? -13.854 6.225   5.106   0.20 14.57 ? 112 GLU A N   1 
ATOM   795  C  CA  A GLU A 1 112 ? -14.170 6.438   6.516   0.80 16.54 ? 112 GLU A CA  1 
ATOM   796  C  CA  B GLU A 1 112 ? -14.045 6.445   6.561   0.20 15.17 ? 112 GLU A CA  1 
ATOM   797  C  C   A GLU A 1 112 ? -15.531 5.832   6.827   0.80 15.88 ? 112 GLU A C   1 
ATOM   798  C  C   B GLU A 1 112 ? -15.472 6.058   6.925   0.20 14.97 ? 112 GLU A C   1 
ATOM   799  O  O   A GLU A 1 112 ? -16.477 5.860   6.008   0.80 16.37 ? 112 GLU A O   1 
ATOM   800  O  O   B GLU A 1 112 ? -16.367 6.544   6.196   0.20 12.08 ? 112 GLU A O   1 
ATOM   801  C  CB  A GLU A 1 112 ? -14.026 7.913   6.857   0.80 19.44 ? 112 GLU A CB  1 
ATOM   802  C  CB  B GLU A 1 112 ? -13.873 7.916   6.901   0.20 15.77 ? 112 GLU A CB  1 
ATOM   803  C  CG  A GLU A 1 112 ? -13.875 8.294   8.334   0.80 22.40 ? 112 GLU A CG  1 
ATOM   804  C  CG  B GLU A 1 112 ? -15.080 8.725   6.458   0.20 15.99 ? 112 GLU A CG  1 
ATOM   805  C  CD  A GLU A 1 112 ? -13.495 9.750   8.567   0.80 25.31 ? 112 GLU A CD  1 
ATOM   806  C  CD  B GLU A 1 112 ? -15.205 10.092  7.098   0.20 18.47 ? 112 GLU A CD  1 
ATOM   807  O  OE1 A GLU A 1 112 ? -14.335 10.448  9.143   0.80 31.41 ? 112 GLU A OE1 1 
ATOM   808  O  OE1 B GLU A 1 112 ? -14.391 10.389  7.946   0.20 18.91 ? 112 GLU A OE1 1 
ATOM   809  O  OE2 A GLU A 1 112 ? -12.399 10.213  8.183   0.80 22.04 ? 112 GLU A OE2 1 
ATOM   810  O  OE2 B GLU A 1 112 ? -16.124 10.833  6.723   0.20 22.14 ? 112 GLU A OE2 1 
ATOM   811  N  N   . GLY A 1 113 ? -15.669 5.305   8.025   1.00 17.02 ? 113 GLY A N   1 
ATOM   812  C  CA  . GLY A 1 113 ? -17.023 4.961   8.509   1.00 17.31 ? 113 GLY A CA  1 
ATOM   813  C  C   . GLY A 1 113 ? -17.880 6.200   8.684   1.00 17.85 ? 113 GLY A C   1 
ATOM   814  O  O   . GLY A 1 113 ? -17.423 7.222   9.213   1.00 20.84 ? 113 GLY A O   1 
ATOM   815  N  N   . THR A 1 114 ? -19.097 6.144   8.165   1.00 17.26 ? 114 THR A N   1 
ATOM   816  C  CA  . THR A 1 114 ? -20.042 7.291   8.184   1.00 18.99 ? 114 THR A CA  1 
ATOM   817  C  C   . THR A 1 114 ? -21.428 6.806   8.622   1.00 20.09 ? 114 THR A C   1 
ATOM   818  O  O   . THR A 1 114 ? -21.749 5.608   8.514   1.00 20.99 ? 114 THR A O   1 
ATOM   819  C  CB  . THR A 1 114 ? -20.183 8.008   6.846   1.00 19.88 ? 114 THR A CB  1 
ATOM   820  O  OG1 . THR A 1 114 ? -20.855 7.212   5.878   1.00 19.97 ? 114 THR A OG1 1 
ATOM   821  C  CG2 . THR A 1 114 ? -18.836 8.464   6.291   1.00 22.75 ? 114 THR A CG2 1 
ATOM   822  N  N   . THR A 1 115 ? -22.278 7.775   8.953   1.00 23.06 ? 115 THR A N   1 
ATOM   823  C  CA  . THR A 1 115 ? -23.741 7.504   8.948   1.00 25.93 ? 115 THR A CA  1 
ATOM   824  C  C   . THR A 1 115 ? -24.253 7.283   7.519   1.00 27.74 ? 115 THR A C   1 
ATOM   825  O  O   . THR A 1 115 ? -23.557 7.663   6.553   1.00 25.00 ? 115 THR A O   1 
ATOM   826  C  CB  . THR A 1 115 ? -24.506 8.645   9.624   1.00 28.13 ? 115 THR A CB  1 
ATOM   827  O  OG1 . THR A 1 115 ? -24.392 9.784   8.777   1.00 33.23 ? 115 THR A OG1 1 
ATOM   828  C  CG2 . THR A 1 115 ? -23.934 8.962   10.976  1.00 29.23 ? 115 THR A CG2 1 
ATOM   829  N  N   . GLU A 1 116 ? -25.446 6.694   7.324   1.00 28.92 ? 116 GLU A N   1 
ATOM   830  C  CA  . GLU A 1 116 ? -26.016 6.425   5.971   1.00 29.87 ? 116 GLU A CA  1 
ATOM   831  C  C   . GLU A 1 116 ? -26.215 7.767   5.253   1.00 30.27 ? 116 GLU A C   1 
ATOM   832  O  O   . GLU A 1 116 ? -25.941 7.836   4.050   1.00 29.13 ? 116 GLU A O   1 
ATOM   833  C  CB  . GLU A 1 116 ? -27.336 5.620   6.029   1.00 31.70 ? 116 GLU A CB  1 
ATOM   834  C  CG  . GLU A 1 116 ? -27.096 4.203   6.523   0.50 31.09 ? 116 GLU A CG  1 
ATOM   835  C  CD  . GLU A 1 116 ? -27.974 3.153   5.881   0.50 24.63 ? 116 GLU A CD  1 
ATOM   836  O  OE1 . GLU A 1 116 ? -28.518 2.324   6.611   0.50 33.37 ? 116 GLU A OE1 1 
ATOM   837  O  OE2 . GLU A 1 116 ? -28.021 3.114   4.688   0.50 31.82 ? 116 GLU A OE2 1 
ATOM   838  N  N   . ALA A 1 117 ? -26.579 8.817   5.981   1.00 29.83 ? 117 ALA A N   1 
ATOM   839  C  CA  . ALA A 1 117 ? -26.835 10.172  5.447   1.00 36.86 ? 117 ALA A CA  1 
ATOM   840  C  C   . ALA A 1 117 ? -25.564 10.746  4.813   1.00 33.59 ? 117 ALA A C   1 
ATOM   841  O  O   . ALA A 1 117 ? -25.714 11.483  3.829   1.00 31.68 ? 117 ALA A O   1 
ATOM   842  C  CB  . ALA A 1 117 ? -27.329 11.058  6.558   1.00 36.76 ? 117 ALA A CB  1 
ATOM   843  N  N   . ASN A 1 118 ? -24.375 10.484  5.385   1.00 27.22 ? 118 ASN A N   1 
ATOM   844  C  CA  . ASN A 1 118 ? -23.074 11.072  4.944   1.00 24.73 ? 118 ASN A CA  1 
ATOM   845  C  C   . ASN A 1 118 ? -22.280 10.067  4.087   1.00 20.03 ? 118 ASN A C   1 
ATOM   846  O  O   . ASN A 1 118 ? -21.116 10.370  3.747   1.00 19.74 ? 118 ASN A O   1 
ATOM   847  C  CB  . ASN A 1 118 ? -22.209 11.504  6.113   1.00 27.57 ? 118 ASN A CB  1 
ATOM   848  C  CG  . ASN A 1 118 ? -22.899 12.607  6.902   1.00 35.23 ? 118 ASN A CG  1 
ATOM   849  O  OD1 . ASN A 1 118 ? -23.647 13.401  6.326   1.00 35.65 ? 118 ASN A OD1 1 
ATOM   850  N  ND2 . ASN A 1 118 ? -22.680 12.620  8.206   1.00 35.50 ? 118 ASN A ND2 1 
ATOM   851  N  N   . ALA A 1 119 ? -22.842 8.939   3.748   1.00 19.64 ? 119 ALA A N   1 
ATOM   852  C  CA  . ALA A 1 119 ? -22.127 7.879   3.023   1.00 18.28 ? 119 ALA A CA  1 
ATOM   853  C  C   . ALA A 1 119 ? -21.719 8.335   1.627   1.00 17.98 ? 119 ALA A C   1 
ATOM   854  O  O   . ALA A 1 119 ? -20.701 7.867   1.121   1.00 18.52 ? 119 ALA A O   1 
ATOM   855  C  CB  . ALA A 1 119 ? -22.892 6.568   2.993   1.00 20.16 ? 119 ALA A CB  1 
ATOM   856  N  N   . TRP A 1 120 ? -22.424 9.257   0.987   1.00 18.10 ? 120 TRP A N   1 
ATOM   857  C  CA  . TRP A 1 120 ? -22.021 9.804   -0.328  1.00 16.35 ? 120 TRP A CA  1 
ATOM   858  C  C   . TRP A 1 120 ? -20.623 10.427  -0.233  1.00 16.99 ? 120 TRP A C   1 
ATOM   859  O  O   . TRP A 1 120 ? -19.959 10.456  -1.276  1.00 17.72 ? 120 TRP A O   1 
ATOM   860  C  CB  . TRP A 1 120 ? -23.087 10.793  -0.853  1.00 17.75 ? 120 TRP A CB  1 
ATOM   861  C  CG  . TRP A 1 120 ? -23.143 12.050  -0.069  1.00 17.52 ? 120 TRP A CG  1 
ATOM   862  C  CD1 . TRP A 1 120 ? -23.910 12.305  1.027   1.00 18.50 ? 120 TRP A CD1 1 
ATOM   863  C  CD2 . TRP A 1 120 ? -22.349 13.237  -0.253  1.00 16.41 ? 120 TRP A CD2 1 
ATOM   864  N  NE1 . TRP A 1 120 ? -23.658 13.536  1.518   1.00 18.89 ? 120 TRP A NE1 1 
ATOM   865  C  CE2 . TRP A 1 120 ? -22.712 14.165  0.759   1.00 17.83 ? 120 TRP A CE2 1 
ATOM   866  C  CE3 . TRP A 1 120 ? -21.407 13.653  -1.209  1.00 19.03 ? 120 TRP A CE3 1 
ATOM   867  C  CZ2 . TRP A 1 120 ? -22.144 15.431  0.870   1.00 19.97 ? 120 TRP A CZ2 1 
ATOM   868  C  CZ3 . TRP A 1 120 ? -20.864 14.902  -1.088  1.00 18.96 ? 120 TRP A CZ3 1 
ATOM   869  C  CH2 . TRP A 1 120 ? -21.231 15.779  -0.089  1.00 19.98 ? 120 TRP A CH2 1 
ATOM   870  N  N   . ALA A 1 121 ? -20.223 10.908  0.928   1.00 15.79 ? 121 ALA A N   1 
ATOM   871  C  CA  . ALA A 1 121 ? -18.941 11.619  1.143   1.00 16.29 ? 121 ALA A CA  1 
ATOM   872  C  C   . ALA A 1 121 ? -17.959 10.721  1.906   1.00 15.77 ? 121 ALA A C   1 
ATOM   873  O  O   . ALA A 1 121 ? -17.053 11.285  2.586   1.00 17.82 ? 121 ALA A O   1 
ATOM   874  C  CB  . ALA A 1 121 ? -19.193 12.929  1.860   1.00 18.05 ? 121 ALA A CB  1 
ATOM   875  N  N   . SER A 1 122 ? -18.077 9.401   1.820   1.00 15.22 ? 122 SER A N   1 
ATOM   876  C  CA  . SER A 1 122 ? -17.238 8.505   2.645   1.00 14.99 ? 122 SER A CA  1 
ATOM   877  C  C   . SER A 1 122 ? -15.846 8.233   2.079   1.00 14.72 ? 122 SER A C   1 
ATOM   878  O  O   . SER A 1 122 ? -14.993 7.697   2.842   1.00 14.98 ? 122 SER A O   1 
ATOM   879  C  CB  . SER A 1 122 ? -17.957 7.186   2.837   1.00 16.62 ? 122 SER A CB  1 
ATOM   880  O  OG  . SER A 1 122 ? -18.020 6.487   1.616   1.00 19.39 ? 122 SER A OG  1 
ATOM   881  N  N   . THR A 1 123 ? -15.587 8.474   0.781   1.00 13.66 ? 123 THR A N   1 
ATOM   882  C  CA  . THR A 1 123 ? -14.418 7.860   0.133   1.00 13.57 ? 123 THR A CA  1 
ATOM   883  C  C   . THR A 1 123 ? -13.568 8.876   -0.634  1.00 12.93 ? 123 THR A C   1 
ATOM   884  O  O   . THR A 1 123 ? -14.055 9.482   -1.577  1.00 14.33 ? 123 THR A O   1 
ATOM   885  C  CB  . THR A 1 123 ? -14.809 6.725   -0.829  1.00 12.83 ? 123 THR A CB  1 
ATOM   886  O  OG1 . THR A 1 123 ? -15.685 5.815   -0.126  1.00 15.78 ? 123 THR A OG1 1 
ATOM   887  C  CG2 . THR A 1 123 ? -13.593 5.955   -1.293  1.00 13.99 ? 123 THR A CG2 1 
ATOM   888  N  N   . LEU A 1 124 ? -12.329 9.056   -0.198  1.00 12.82 ? 124 LEU A N   1 
ATOM   889  C  CA  . LEU A 1 124 ? -11.306 9.837   -0.940  1.00 13.74 ? 124 LEU A CA  1 
ATOM   890  C  C   . LEU A 1 124 ? -10.569 8.938   -1.927  1.00 13.31 ? 124 LEU A C   1 
ATOM   891  O  O   . LEU A 1 124 ? -10.414 7.720   -1.692  1.00 13.90 ? 124 LEU A O   1 
ATOM   892  C  CB  . LEU A 1 124 ? -10.297 10.438  0.029   1.00 14.46 ? 124 LEU A CB  1 
ATOM   893  C  CG  . LEU A 1 124 ? -10.841 11.531  0.945   1.00 15.34 ? 124 LEU A CG  1 
ATOM   894  C  CD1 . LEU A 1 124 ? -9.809  11.803  2.029   1.00 19.00 ? 124 LEU A CD1 1 
ATOM   895  C  CD2 . LEU A 1 124 ? -11.110 12.798  0.161   1.00 16.69 ? 124 LEU A CD2 1 
ATOM   896  N  N   . VAL A 1 125 ? -10.125 9.533   -3.035  1.00 13.80 ? 125 VAL A N   1 
ATOM   897  C  CA  . VAL A 1 125 ? -9.290  8.859   -4.048  1.00 13.74 ? 125 VAL A CA  1 
ATOM   898  C  C   . VAL A 1 125 ? -8.035  9.713   -4.241  1.00 13.32 ? 125 VAL A C   1 
ATOM   899  O  O   . VAL A 1 125 ? -8.058  10.948  -4.245  1.00 14.00 ? 125 VAL A O   1 
ATOM   900  C  CB  . VAL A 1 125 ? -10.040 8.637   -5.359  1.00 13.99 ? 125 VAL A CB  1 
ATOM   901  C  CG1 . VAL A 1 125 ? -10.483 9.960   -6.007  1.00 14.97 ? 125 VAL A CG1 1 
ATOM   902  C  CG2 . VAL A 1 125 ? -9.256  7.771   -6.345  1.00 14.96 ? 125 VAL A CG2 1 
ATOM   903  N  N   . GLY A 1 126 ? -6.930  8.989   -4.474  1.00 12.55 ? 126 GLY A N   1 
ATOM   904  C  CA  . GLY A 1 126 ? -5.673  9.643   -4.819  1.00 13.88 ? 126 GLY A CA  1 
ATOM   905  C  C   . GLY A 1 126 ? -4.664  8.692   -5.387  1.00 13.31 ? 126 GLY A C   1 
ATOM   906  O  O   . GLY A 1 126 ? -5.006  7.610   -5.843  1.00 13.77 ? 126 GLY A O   1 
ATOM   907  N  N   . HIS A 1 127 ? -3.427  9.167   -5.491  1.00 14.14 ? 127 HIS A N   1 
ATOM   908  C  CA  . HIS A 1 127 ? -2.371  8.391   -6.157  1.00 14.31 ? 127 HIS A CA  1 
ATOM   909  C  C   . HIS A 1 127 ? -1.064  8.596   -5.407  1.00 14.42 ? 127 HIS A C   1 
ATOM   910  O  O   . HIS A 1 127 ? -0.706  9.756   -5.130  1.00 15.45 ? 127 HIS A O   1 
ATOM   911  C  CB  . HIS A 1 127 ? -2.242  8.755   -7.625  1.00 15.25 ? 127 HIS A CB  1 
ATOM   912  C  CG  . HIS A 1 127 ? -2.214  10.207  -7.879  1.00 17.31 ? 127 HIS A CG  1 
ATOM   913  N  ND1 . HIS A 1 127 ? -1.037  10.904  -8.075  1.00 19.73 ? 127 HIS A ND1 1 
ATOM   914  C  CD2 . HIS A 1 127 ? -3.210  11.101  -7.970  1.00 17.12 ? 127 HIS A CD2 1 
ATOM   915  C  CE1 . HIS A 1 127 ? -1.345  12.171  -8.271  1.00 19.25 ? 127 HIS A CE1 1 
ATOM   916  N  NE2 . HIS A 1 127 ? -2.631  12.349  -8.236  1.00 20.81 ? 127 HIS A NE2 1 
ATOM   917  N  N   . ASP A 1 128 ? -0.356  7.502   -5.162  1.00 13.40 ? 128 ASP A N   1 
ATOM   918  C  CA  . ASP A 1 128 ? 0.985   7.519   -4.503  1.00 14.03 ? 128 ASP A CA  1 
ATOM   919  C  C   . ASP A 1 128 ? 1.964   6.803   -5.408  1.00 14.70 ? 128 ASP A C   1 
ATOM   920  O  O   . ASP A 1 128 ? 1.715   5.728   -5.926  1.00 14.92 ? 128 ASP A O   1 
ATOM   921  C  CB  . ASP A 1 128 ? 0.910   6.835   -3.143  1.00 14.70 ? 128 ASP A CB  1 
ATOM   922  C  CG  . ASP A 1 128 ? 0.210   7.571   -2.008  1.00 13.62 ? 128 ASP A CG  1 
ATOM   923  O  OD1 . ASP A 1 128 ? -0.160  8.745   -2.199  1.00 15.62 ? 128 ASP A OD1 1 
ATOM   924  O  OD2 . ASP A 1 128 ? 0.007   6.905   -0.991  1.00 14.38 ? 128 ASP A OD2 1 
ATOM   925  N  N   . THR A 1 129 ? 3.178   7.354   -5.477  1.00 15.39 ? 129 THR A N   1 
ATOM   926  C  CA  . THR A 1 129 ? 4.327   6.690   -6.124  1.00 15.21 ? 129 THR A CA  1 
ATOM   927  C  C   . THR A 1 129 ? 5.414   6.417   -5.089  1.00 14.87 ? 129 THR A C   1 
ATOM   928  O  O   . THR A 1 129 ? 5.764   7.321   -4.330  1.00 16.44 ? 129 THR A O   1 
ATOM   929  C  CB  . THR A 1 129 ? 4.899   7.549   -7.238  1.00 19.34 ? 129 THR A CB  1 
ATOM   930  O  OG1 . THR A 1 129 ? 3.896   7.759   -8.229  1.00 26.71 ? 129 THR A OG1 1 
ATOM   931  C  CG2 . THR A 1 129 ? 6.001   6.798   -7.938  1.00 18.70 ? 129 THR A CG2 1 
ATOM   932  N  N   . PHE A 1 130 ? 5.769   5.165   -4.975  1.00 15.30 ? 130 PHE A N   1 
ATOM   933  C  CA  . PHE A 1 130 ? 6.774   4.676   -4.004  1.00 15.78 ? 130 PHE A CA  1 
ATOM   934  C  C   . PHE A 1 130 ? 8.092   4.402   -4.720  1.00 16.34 ? 130 PHE A C   1 
ATOM   935  O  O   . PHE A 1 130 ? 8.108   3.782   -5.817  1.00 16.29 ? 130 PHE A O   1 
ATOM   936  C  CB  . PHE A 1 130 ? 6.279   3.403   -3.335  1.00 15.54 ? 130 PHE A CB  1 
ATOM   937  C  CG  . PHE A 1 130 ? 5.044   3.575   -2.492  1.00 15.26 ? 130 PHE A CG  1 
ATOM   938  C  CD1 . PHE A 1 130 ? 3.804   3.519   -3.097  1.00 14.83 ? 130 PHE A CD1 1 
ATOM   939  C  CD2 . PHE A 1 130 ? 5.077   3.902   -1.141  1.00 15.31 ? 130 PHE A CD2 1 
ATOM   940  C  CE1 . PHE A 1 130 ? 2.651   3.675   -2.345  1.00 14.76 ? 130 PHE A CE1 1 
ATOM   941  C  CE2 . PHE A 1 130 ? 3.928   4.069   -0.385  1.00 15.06 ? 130 PHE A CE2 1 
ATOM   942  C  CZ  . PHE A 1 130 ? 2.698   3.992   -1.018  1.00 15.07 ? 130 PHE A CZ  1 
ATOM   943  N  N   . THR A 1 131 ? 9.182   4.821   -4.062  1.00 17.42 ? 131 THR A N   1 
ATOM   944  C  CA  . THR A 1 131 ? 10.560  4.559   -4.532  1.00 17.67 ? 131 THR A CA  1 
ATOM   945  C  C   . THR A 1 131 ? 11.348  3.935   -3.396  1.00 20.06 ? 131 THR A C   1 
ATOM   946  O  O   . THR A 1 131 ? 10.948  4.056   -2.217  1.00 18.57 ? 131 THR A O   1 
ATOM   947  C  CB  . THR A 1 131 ? 11.234  5.841   -5.053  1.00 22.65 ? 131 THR A CB  1 
ATOM   948  O  OG1 . THR A 1 131 ? 11.261  6.808   -4.011  1.00 27.84 ? 131 THR A OG1 1 
ATOM   949  C  CG2 . THR A 1 131 ? 10.455  6.381   -6.229  1.00 26.90 ? 131 THR A CG2 1 
ATOM   950  N  N   . LYS A 1 132 ? 12.487  3.321   -3.733  1.00 20.91 ? 132 LYS A N   1 
ATOM   951  C  CA  . LYS A 1 132 ? 13.358  2.711   -2.696  1.00 23.04 ? 132 LYS A CA  1 
ATOM   952  C  C   . LYS A 1 132 ? 14.245  3.766   -2.033  1.00 24.70 ? 132 LYS A C   1 
ATOM   953  O  O   . LYS A 1 132 ? 14.843  3.422   -0.988  1.00 23.23 ? 132 LYS A O   1 
ATOM   954  C  CB  . LYS A 1 132 ? 14.211  1.611   -3.327  1.00 24.41 ? 132 LYS A CB  1 
ATOM   955  C  CG  . LYS A 1 132 ? 13.428  0.362   -3.720  1.00 30.67 ? 132 LYS A CG  1 
ATOM   956  C  CD  . LYS A 1 132 ? 13.551  -0.878  -2.811  1.00 44.04 ? 132 LYS A CD  1 
ATOM   957  C  CE  . LYS A 1 132 ? 13.308  -2.195  -3.554  1.00 48.90 ? 132 LYS A CE  1 
ATOM   958  N  NZ  . LYS A 1 132 ? 13.063  -3.400  -2.684  1.00 44.46 ? 132 LYS A NZ  1 
ATOM   959  N  N   . VAL A 1 133 ? 14.372  4.963   -2.596  1.00 25.41 ? 133 VAL A N   1 
ATOM   960  C  CA  . VAL A 1 133 ? 15.144  6.094   -1.989  1.00 35.90 ? 133 VAL A CA  1 
ATOM   961  C  C   . VAL A 1 133 ? 14.170  7.187   -1.510  1.00 39.45 ? 133 VAL A C   1 
ATOM   962  O  O   . VAL A 1 133 ? 13.116  7.355   -2.149  1.00 48.99 ? 133 VAL A O   1 
ATOM   963  C  CB  . VAL A 1 133 ? 16.208  6.652   -2.964  1.00 41.33 ? 133 VAL A CB  1 
ATOM   964  C  CG1 . VAL A 1 133 ? 16.714  5.626   -3.971  1.00 43.23 ? 133 VAL A CG1 1 
ATOM   965  C  CG2 . VAL A 1 133 ? 15.724  7.886   -3.704  1.00 49.59 ? 133 VAL A CG2 1 
ATOM   966  N  N   . LYS A 1 134 ? 14.526  7.887   -0.424  1.00 47.86 ? 134 LYS A N   1 
ATOM   967  C  CA  . LYS A 1 134 ? 14.074  9.258   -0.026  1.00 55.33 ? 134 LYS A CA  1 
ATOM   968  C  C   . LYS A 1 134 ? 12.850  9.132   0.880   1.00 52.70 ? 134 LYS A C   1 
ATOM   969  O  O   . LYS A 1 134 ? 13.060  8.973   2.089   1.00 68.57 ? 134 LYS A O   1 
ATOM   970  C  CB  . LYS A 1 134 ? 13.831  10.172  -1.234  1.00 58.79 ? 134 LYS A CB  1 
ATOM   971  C  CG  . LYS A 1 134 ? 12.583  11.050  -1.168  1.00 64.22 ? 134 LYS A CG  1 
ATOM   972  C  CD  . LYS A 1 134 ? 11.274  10.299  -1.378  1.00 65.89 ? 134 LYS A CD  1 
ATOM   973  C  CE  . LYS A 1 134 ? 10.139  11.205  -1.802  1.00 71.82 ? 134 LYS A CE  1 
ATOM   974  N  NZ  . LYS A 1 134 ? 9.894   12.278  -0.809  1.00 71.16 ? 134 LYS A NZ  1 
HETATM 975  C  C10 . QFY B 2 .   ? -2.342  9.341   2.930   1.00 13.06 ? 201 QFY A C10 1 
HETATM 976  C  C15 . QFY B 2 .   ? -14.359 11.689  4.205   1.00 32.27 ? 201 QFY A C15 1 
HETATM 977  C  C17 . QFY B 2 .   ? -9.745  12.491  5.620   1.00 29.98 ? 201 QFY A C17 1 
HETATM 978  C  C11 . QFY B 2 .   ? -10.728 10.258  5.708   1.00 30.68 ? 201 QFY A C11 1 
HETATM 979  C  C12 . QFY B 2 .   ? -12.027 10.661  5.072   1.00 25.38 ? 201 QFY A C12 1 
HETATM 980  C  C14 . QFY B 2 .   ? -13.755 10.718  3.431   1.00 24.16 ? 201 QFY A C14 1 
HETATM 981  O  O2  . QFY B 2 .   ? 0.811   7.887   2.625   1.00 14.63 ? 201 QFY A O2  1 
HETATM 982  C  C9  . QFY B 2 .   ? -0.360  8.291   2.487   1.00 13.39 ? 201 QFY A C9  1 
HETATM 983  N  N1  . QFY B 2 .   ? -0.998  8.118   1.327   1.00 14.57 ? 201 QFY A N1  1 
HETATM 984  N  N2  . QFY B 2 .   ? -1.008  8.946   3.400   1.00 13.52 ? 201 QFY A N2  1 
HETATM 985  C  C8  . QFY B 2 .   ? -2.309  8.750   1.441   1.00 12.87 ? 201 QFY A C8  1 
HETATM 986  C  C7  . QFY B 2 .   ? -3.446  7.650   1.378   1.00 15.55 ? 201 QFY A C7  1 
HETATM 987  S  S1  . QFY B 2 .   ? -3.613  6.981   3.031   1.00 14.54 ? 201 QFY A S1  1 
HETATM 988  C  C6  . QFY B 2 .   ? -3.487  8.652   3.686   1.00 14.33 ? 201 QFY A C6  1 
HETATM 989  C  C5  . QFY B 2 .   ? -3.356  8.793   5.226   1.00 15.51 ? 201 QFY A C5  1 
HETATM 990  C  C4  . QFY B 2 .   ? -4.644  8.426   5.944   1.00 14.36 ? 201 QFY A C4  1 
HETATM 991  C  C3  . QFY B 2 .   ? -4.409  8.440   7.490   1.00 15.29 ? 201 QFY A C3  1 
HETATM 992  C  C2  . QFY B 2 .   ? -5.687  8.096   8.242   1.00 16.72 ? 201 QFY A C2  1 
HETATM 993  C  C1  . QFY B 2 .   ? -6.715  9.226   8.176   1.00 16.27 ? 201 QFY A C1  1 
HETATM 994  C  C24 . QFY B 2 .   ? -9.096  9.829   8.132   1.00 19.01 ? 201 QFY A C24 1 
HETATM 995  O  O1  . QFY B 2 .   ? -6.414  10.445  8.173   1.00 17.44 ? 201 QFY A O1  1 
HETATM 996  N  N6  . QFY B 2 .   ? -8.010  8.837   8.026   1.00 16.61 ? 201 QFY A N6  1 
HETATM 997  C  C23 . QFY B 2 .   ? -8.971  10.726  6.882   1.00 24.03 ? 201 QFY A C23 1 
HETATM 998  N  N3  . QFY B 2 .   ? -10.172 11.427  6.572   1.00 24.97 ? 201 QFY A N3  1 
HETATM 999  FE FE1 . QFY B 2 .   ? -11.772 12.188  7.797   0.80 25.60 ? 201 QFY A FE1 1 
HETATM 1000 N  N4  . QFY B 2 .   ? -12.601 11.593  5.810   1.00 26.07 ? 201 QFY A N4  1 
HETATM 1001 C  C16 . QFY B 2 .   ? -13.784 12.090  5.439   1.00 32.48 ? 201 QFY A C16 1 
HETATM 1002 C  C13 . QFY B 2 .   ? -12.580 10.116  3.879   1.00 25.20 ? 201 QFY A C13 1 
HETATM 1003 N  N5  . QFY B 2 .   ? -10.560 13.941  7.344   1.00 35.92 ? 201 QFY A N5  1 
HETATM 1004 C  C18 . QFY B 2 .   ? -9.677  13.771  6.342   1.00 31.89 ? 201 QFY A C18 1 
HETATM 1005 C  C22 . QFY B 2 .   ? -10.595 15.083  8.104   1.00 43.06 ? 201 QFY A C22 1 
HETATM 1006 C  C21 . QFY B 2 .   ? -9.718  16.140  7.772   1.00 42.73 ? 201 QFY A C21 1 
HETATM 1007 C  C20 . QFY B 2 .   ? -8.794  15.967  6.698   1.00 43.65 ? 201 QFY A C20 1 
HETATM 1008 C  C19 . QFY B 2 .   ? -8.742  14.763  5.937   1.00 32.05 ? 201 QFY A C19 1 
HETATM 1009 C  C   . ACT C 3 .   ? -14.347 12.588  9.438   1.00 20.31 ? 202 ACT A C   1 
HETATM 1010 O  O   . ACT C 3 .   ? -13.932 12.109  10.455  1.00 27.02 ? 202 ACT A O   1 
HETATM 1011 O  OXT . ACT C 3 .   ? -13.541 13.145  8.603   1.00 36.28 ? 202 ACT A OXT 1 
HETATM 1012 C  CH3 . ACT C 3 .   ? -15.823 12.578  9.166   1.00 35.59 ? 202 ACT A CH3 1 
HETATM 1013 C  C   . ACT D 3 .   ? -10.520 12.185  10.834  1.00 25.52 ? 203 ACT A C   1 
HETATM 1014 O  O   . ACT D 3 .   ? -10.314 11.057  11.392  1.00 33.71 ? 203 ACT A O   1 
HETATM 1015 O  OXT . ACT D 3 .   ? -10.588 12.346  9.588   1.00 33.88 ? 203 ACT A OXT 1 
HETATM 1016 C  CH3 . ACT D 3 .   ? -10.444 13.444  11.662  1.00 38.37 ? 203 ACT A CH3 1 
HETATM 1017 C  C   . ACT E 3 .   ? -7.092  4.806   21.843  0.50 60.94 ? 204 ACT A C   1 
HETATM 1018 O  O   . ACT E 3 .   ? -6.476  5.665   22.521  0.50 60.42 ? 204 ACT A O   1 
HETATM 1019 O  OXT . ACT E 3 .   ? -7.234  4.859   20.596  0.50 60.39 ? 204 ACT A OXT 1 
HETATM 1020 C  CH3 . ACT E 3 .   ? -7.704  3.621   22.579  0.50 57.99 ? 204 ACT A CH3 1 
HETATM 1021 C  C   . ACT F 3 .   ? -1.344  15.964  14.907  0.50 58.92 ? 205 ACT A C   1 
HETATM 1022 O  O   . ACT F 3 .   ? -2.454  16.111  15.438  0.50 58.43 ? 205 ACT A O   1 
HETATM 1023 O  OXT . ACT F 3 .   ? -0.699  14.902  14.936  0.50 58.48 ? 205 ACT A OXT 1 
HETATM 1024 C  CH3 . ACT F 3 .   ? -0.731  17.155  14.168  0.50 61.63 ? 205 ACT A CH3 1 
HETATM 1025 C  C   . ACT G 3 .   ? -13.799 7.139   18.616  1.00 51.13 ? 206 ACT A C   1 
HETATM 1026 O  O   . ACT G 3 .   ? -15.037 7.010   18.660  1.00 59.43 ? 206 ACT A O   1 
HETATM 1027 O  OXT . ACT G 3 .   ? -13.218 7.978   17.905  1.00 50.96 ? 206 ACT A OXT 1 
HETATM 1028 C  CH3 . ACT G 3 .   ? -12.944 6.207   19.461  1.00 58.06 ? 206 ACT A CH3 1 
HETATM 1029 O  O   . HOH H 4 .   ? -0.436  -11.005 5.041   1.00 31.90 ? 301 HOH A O   1 
HETATM 1030 O  O   . HOH H 4 .   ? 14.652  -4.809  -10.729 1.00 45.82 ? 302 HOH A O   1 
HETATM 1031 O  O   . HOH H 4 .   ? -2.750  7.862   21.893  1.00 20.94 ? 303 HOH A O   1 
HETATM 1032 O  O   . HOH H 4 .   ? 14.555  1.128   0.406   1.00 25.91 ? 304 HOH A O   1 
HETATM 1033 O  O   . HOH H 4 .   ? 16.588  4.205   0.819   1.00 25.76 ? 305 HOH A O   1 
HETATM 1034 O  O   . HOH H 4 .   ? -7.083  2.672   19.111  1.00 40.28 ? 306 HOH A O   1 
HETATM 1035 O  O   . HOH H 4 .   ? -5.070  6.399   13.113  1.00 16.73 ? 307 HOH A O   1 
HETATM 1036 O  O   . HOH H 4 .   ? 6.739   -14.415 -14.304 1.00 51.48 ? 308 HOH A O   1 
HETATM 1037 O  O   . HOH H 4 .   ? 3.355   -18.540 -7.441  1.00 49.02 ? 309 HOH A O   1 
HETATM 1038 O  O   . HOH H 4 .   ? 14.665  -7.485  -1.032  1.00 46.74 ? 310 HOH A O   1 
HETATM 1039 O  O   . HOH H 4 .   ? -17.709 6.808   18.807  1.00 55.39 ? 311 HOH A O   1 
HETATM 1040 O  O   . HOH H 4 .   ? 13.612  3.196   -6.389  1.00 23.93 ? 312 HOH A O   1 
HETATM 1041 O  O   . HOH H 4 .   ? 7.197   -6.677  -13.569 1.00 34.73 ? 313 HOH A O   1 
HETATM 1042 O  O   . HOH H 4 .   ? 4.431   8.587   12.848  1.00 33.40 ? 314 HOH A O   1 
HETATM 1043 O  O   . HOH H 4 .   ? -4.417  -2.252  9.614   1.00 15.42 ? 315 HOH A O   1 
HETATM 1044 O  O   . HOH H 4 .   ? -17.711 9.892   9.424   1.00 49.62 ? 316 HOH A O   1 
HETATM 1045 O  O   . HOH H 4 .   ? 7.897   -2.500  10.525  1.00 34.13 ? 317 HOH A O   1 
HETATM 1046 O  O   . HOH H 4 .   ? -0.076  -14.391 -6.814  1.00 18.47 ? 318 HOH A O   1 
HETATM 1047 O  O   . HOH H 4 .   ? 1.376   6.812   10.681  1.00 17.79 ? 319 HOH A O   1 
HETATM 1048 O  O   . HOH H 4 .   ? -11.362 9.076   15.537  1.00 41.91 ? 320 HOH A O   1 
HETATM 1049 O  O   . HOH H 4 .   ? 13.842  4.631   6.750   1.00 33.88 ? 321 HOH A O   1 
HETATM 1050 O  O   . HOH H 4 .   ? -5.439  -6.170  1.379   0.50 14.63 ? 322 HOH A O   1 
HETATM 1051 O  O   . HOH H 4 .   ? -7.747  13.053  -2.552  1.00 20.20 ? 323 HOH A O   1 
HETATM 1052 O  O   . HOH H 4 .   ? -15.890 3.198   -0.837  1.00 19.25 ? 324 HOH A O   1 
HETATM 1053 O  O   . HOH H 4 .   ? 11.951  -7.786  -9.596  1.00 36.47 ? 325 HOH A O   1 
HETATM 1054 O  O   . HOH H 4 .   ? -19.565 4.245   1.638   1.00 27.37 ? 326 HOH A O   1 
HETATM 1055 O  O   . HOH H 4 .   ? 19.854  2.644   -8.596  1.00 37.85 ? 327 HOH A O   1 
HETATM 1056 O  O   . HOH H 4 .   ? 4.860   14.126  9.068   1.00 54.14 ? 328 HOH A O   1 
HETATM 1057 O  O   . HOH H 4 .   ? 0.957   -8.634  -12.929 1.00 17.18 ? 329 HOH A O   1 
HETATM 1058 O  O   . HOH H 4 .   ? 7.859   2.938   9.544   1.00 23.45 ? 330 HOH A O   1 
HETATM 1059 O  O   . HOH H 4 .   ? 7.715   -6.811  6.400   1.00 37.11 ? 331 HOH A O   1 
HETATM 1060 O  O   . HOH H 4 .   ? 1.292   12.066  13.677  1.00 51.40 ? 332 HOH A O   1 
HETATM 1061 O  O   . HOH H 4 .   ? 7.353   8.013   7.226   1.00 26.73 ? 333 HOH A O   1 
HETATM 1062 O  O   . HOH H 4 .   ? 11.214  5.977   7.498   1.00 33.88 ? 334 HOH A O   1 
HETATM 1063 O  O   . HOH H 4 .   ? -4.687  1.776   23.125  1.00 45.15 ? 335 HOH A O   1 
HETATM 1064 O  O   . HOH H 4 .   ? 2.632   -6.567  10.189  1.00 30.18 ? 336 HOH A O   1 
HETATM 1065 O  O   . HOH H 4 .   ? 4.240   -11.754 3.266   1.00 26.67 ? 337 HOH A O   1 
HETATM 1066 O  O   . HOH H 4 .   ? 1.361   9.445   -8.204  1.00 28.99 ? 338 HOH A O   1 
HETATM 1067 O  O   . HOH H 4 .   ? -0.115  13.644  10.382  1.00 37.35 ? 339 HOH A O   1 
HETATM 1068 O  O   . HOH H 4 .   ? 1.932   9.089   21.365  1.00 49.02 ? 340 HOH A O   1 
HETATM 1069 O  O   . HOH H 4 .   ? 2.178   -8.679  -15.565 1.00 20.35 ? 341 HOH A O   1 
HETATM 1070 O  O   . HOH H 4 .   ? -9.784  2.430   11.603  1.00 17.26 ? 342 HOH A O   1 
HETATM 1071 O  O   . HOH H 4 .   ? -25.155 15.438  7.575   1.00 57.16 ? 343 HOH A O   1 
HETATM 1072 O  O   . HOH H 4 .   ? 9.156   -4.991  -13.504 1.00 41.09 ? 344 HOH A O   1 
HETATM 1073 O  O   . HOH H 4 .   ? 2.237   1.158   16.176  1.00 28.10 ? 345 HOH A O   1 
HETATM 1074 O  O   . HOH H 4 .   ? 9.067   -8.992  -13.448 1.00 40.57 ? 346 HOH A O   1 
HETATM 1075 O  O   . HOH H 4 .   ? -2.166  -13.762 1.685   1.00 27.72 ? 347 HOH A O   1 
HETATM 1076 O  O   . HOH H 4 .   ? 14.821  8.031   4.111   1.00 50.89 ? 348 HOH A O   1 
HETATM 1077 O  O   . HOH H 4 .   ? 6.235   -11.259 -9.081  1.00 24.58 ? 349 HOH A O   1 
HETATM 1078 O  O   . HOH H 4 .   ? 0.757   6.762   -8.939  1.00 26.86 ? 350 HOH A O   1 
HETATM 1079 O  O   . HOH H 4 .   ? -1.671  11.154  -1.983  1.00 25.43 ? 351 HOH A O   1 
HETATM 1080 O  O   . HOH H 4 .   ? 10.407  -5.627  4.788   1.00 38.89 ? 352 HOH A O   1 
HETATM 1081 O  O   . HOH H 4 .   ? 1.157   11.471  10.498  1.00 36.04 ? 353 HOH A O   1 
HETATM 1082 O  O   . HOH H 4 .   ? 3.998   7.959   17.831  1.00 54.79 ? 354 HOH A O   1 
HETATM 1083 O  O   . HOH H 4 .   ? -1.496  -18.448 -2.311  1.00 40.54 ? 355 HOH A O   1 
HETATM 1084 O  O   . HOH H 4 .   ? -2.348  -1.585  13.116  1.00 18.79 ? 356 HOH A O   1 
HETATM 1085 O  O   . HOH H 4 .   ? 8.060   9.061   -4.403  1.00 42.16 ? 357 HOH A O   1 
HETATM 1086 O  O   . HOH H 4 .   ? 12.734  -10.014 -7.849  1.00 49.27 ? 358 HOH A O   1 
HETATM 1087 O  O   . HOH H 4 .   ? -16.718 6.620   11.951  1.00 24.22 ? 359 HOH A O   1 
HETATM 1088 O  O   . HOH H 4 .   ? -25.492 9.348   1.612   1.00 29.11 ? 360 HOH A O   1 
HETATM 1089 O  O   . HOH H 4 .   ? 3.585   1.817   -13.978 1.00 39.12 ? 361 HOH A O   1 
HETATM 1090 O  O   . HOH H 4 .   ? -2.735  -14.865 -5.934  1.00 20.05 ? 362 HOH A O   1 
HETATM 1091 O  O   . HOH H 4 .   ? -21.071 10.413  9.312   1.00 29.52 ? 363 HOH A O   1 
HETATM 1092 O  O   . HOH H 4 .   ? 6.087   1.287   8.204   1.00 21.10 ? 364 HOH A O   1 
HETATM 1093 O  O   . HOH H 4 .   ? -0.032  13.310  -2.764  1.00 24.82 ? 365 HOH A O   1 
HETATM 1094 O  O   . HOH H 4 .   ? -25.038 14.484  3.936   1.00 41.07 ? 366 HOH A O   1 
HETATM 1095 O  O   . HOH H 4 .   ? -27.449 13.859  3.712   1.00 50.67 ? 367 HOH A O   1 
HETATM 1096 O  O   . HOH H 4 .   ? -22.924 4.102   6.274   1.00 35.71 ? 368 HOH A O   1 
HETATM 1097 O  O   . HOH H 4 .   ? -3.202  11.862  -4.321  1.00 20.33 ? 369 HOH A O   1 
HETATM 1098 O  O   . HOH H 4 .   ? -1.046  2.776   -10.861 1.00 27.66 ? 370 HOH A O   1 
HETATM 1099 O  O   . HOH H 4 .   ? 15.671  1.339   -7.100  1.00 30.42 ? 371 HOH A O   1 
HETATM 1100 O  O   . HOH H 4 .   ? 14.001  0.931   -13.417 1.00 45.70 ? 372 HOH A O   1 
HETATM 1101 O  O   . HOH H 4 .   ? 0.304   -0.014  17.692  1.00 29.46 ? 373 HOH A O   1 
HETATM 1102 O  O   . HOH H 4 .   ? 20.085  5.228   -9.431  1.00 50.89 ? 374 HOH A O   1 
HETATM 1103 O  O   . HOH H 4 .   ? -1.766  16.029  7.919   1.00 33.23 ? 375 HOH A O   1 
HETATM 1104 O  O   . HOH H 4 .   ? 12.541  -12.848 -6.566  1.00 38.39 ? 376 HOH A O   1 
HETATM 1105 O  O   . HOH H 4 .   ? 1.533   16.216  8.107   1.00 52.82 ? 377 HOH A O   1 
HETATM 1106 O  O   . HOH H 4 .   ? -19.807 6.879   -1.591  1.00 28.02 ? 378 HOH A O   1 
HETATM 1107 O  O   . HOH H 4 .   ? 7.652   -17.101 1.221   1.00 42.17 ? 379 HOH A O   1 
HETATM 1108 O  O   . HOH H 4 .   ? 3.740   15.633  3.079   1.00 45.83 ? 380 HOH A O   1 
HETATM 1109 O  O   . HOH H 4 .   ? 3.092   -16.072 -16.271 1.00 51.63 ? 381 HOH A O   1 
HETATM 1110 O  O   . HOH H 4 .   ? -27.936 11.054  1.713   1.00 39.30 ? 382 HOH A O   1 
HETATM 1111 O  O   . HOH H 4 .   ? -9.276  -2.406  20.699  1.00 52.46 ? 383 HOH A O   1 
HETATM 1112 O  O   . HOH H 4 .   ? 6.288   7.173   -11.739 1.00 45.68 ? 384 HOH A O   1 
HETATM 1113 O  O   . HOH H 4 .   ? -0.415  -15.993 2.791   1.00 55.94 ? 385 HOH A O   1 
HETATM 1114 O  O   . HOH H 4 .   ? -4.779  14.425  -7.137  1.00 30.48 ? 386 HOH A O   1 
HETATM 1115 O  O   . HOH H 4 .   ? 1.256   12.129  18.416  1.00 52.75 ? 387 HOH A O   1 
HETATM 1116 O  O   . HOH H 4 .   ? 2.130   10.823  -6.287  1.00 40.31 ? 388 HOH A O   1 
HETATM 1117 O  O   . HOH H 4 .   ? 10.844  2.926   9.586   1.00 39.03 ? 389 HOH A O   1 
HETATM 1118 O  O   . HOH H 4 .   ? -0.959  -9.897  9.292   1.00 55.66 ? 390 HOH A O   1 
HETATM 1119 O  O   . HOH H 4 .   ? 14.778  -1.719  0.048   0.50 58.92 ? 391 HOH A O   1 
HETATM 1120 O  O   . HOH H 4 .   ? -0.833  -11.635 7.689   1.00 43.58 ? 392 HOH A O   1 
HETATM 1121 O  O   . HOH H 4 .   ? 2.364   -2.354  13.472  1.00 41.41 ? 393 HOH A O   1 
HETATM 1122 O  O   . HOH H 4 .   ? 8.687   10.068  -6.556  1.00 54.08 ? 394 HOH A O   1 
HETATM 1123 O  O   . HOH H 4 .   ? 2.531   10.409  -10.629 1.00 50.03 ? 395 HOH A O   1 
HETATM 1124 O  O   . HOH H 4 .   ? -25.590 7.239   -0.101  1.00 35.91 ? 396 HOH A O   1 
HETATM 1125 O  O   . HOH H 4 .   ? 1.894   13.266  -6.843  1.00 42.63 ? 397 HOH A O   1 
HETATM 1126 O  O   . HOH H 4 .   ? 5.158   -7.375  9.748   1.00 50.53 ? 398 HOH A O   1 
HETATM 1127 O  O   . HOH H 4 .   ? -10.247 0.291   21.099  1.00 43.25 ? 399 HOH A O   1 
HETATM 1128 O  O   . HOH H 4 .   ? 3.210   -5.388  12.594  1.00 39.29 ? 400 HOH A O   1 
HETATM 1129 O  O   . HOH H 4 .   ? 0.972   -8.514  10.422  1.00 37.02 ? 401 HOH A O   1 
HETATM 1130 O  O   . HOH H 4 .   ? 2.746   -10.794 10.193  1.00 49.99 ? 402 HOH A O   1 
HETATM 1131 O  O   . HOH H 4 .   ? 4.302   14.951  -5.828  1.00 55.38 ? 403 HOH A O   1 
# 
loop_
_pdbx_poly_seq_scheme.asym_id 
_pdbx_poly_seq_scheme.entity_id 
_pdbx_poly_seq_scheme.seq_id 
_pdbx_poly_seq_scheme.mon_id 
_pdbx_poly_seq_scheme.ndb_seq_num 
_pdbx_poly_seq_scheme.pdb_seq_num 
_pdbx_poly_seq_scheme.auth_seq_num 
_pdbx_poly_seq_scheme.pdb_mon_id 
_pdbx_poly_seq_scheme.auth_mon_id 
_pdbx_poly_seq_scheme.pdb_strand_id 
_pdbx_poly_seq_scheme.pdb_ins_code 
_pdbx_poly_seq_scheme.hetero 
A 1 1   MET 1   1   ?   ?   ?   A . n 
A 1 2   ALA 2   2   ?   ?   ?   A . n 
A 1 3   SER 3   3   ?   ?   ?   A . n 
A 1 4   MET 4   4   ?   ?   ?   A . n 
A 1 5   THR 5   5   ?   ?   ?   A . n 
A 1 6   GLY 6   6   ?   ?   ?   A . n 
A 1 7   GLY 7   7   ?   ?   ?   A . n 
A 1 8   GLN 8   8   ?   ?   ?   A . n 
A 1 9   GLN 9   9   ?   ?   ?   A . n 
A 1 10  MET 10  10  10  MET MET A . n 
A 1 11  GLY 11  11  11  GLY GLY A . n 
A 1 12  ARG 12  12  12  ARG ARG A . n 
A 1 13  ASP 13  13  13  ASP ASP A . n 
A 1 14  GLU 14  14  14  GLU GLU A . n 
A 1 15  ALA 15  15  15  ALA ALA A . n 
A 1 16  GLY 16  16  16  GLY GLY A . n 
A 1 17  ILE 17  17  17  ILE ILE A . n 
A 1 18  THR 18  18  18  THR THR A . n 
A 1 19  GLY 19  19  19  GLY GLY A . n 
A 1 20  THR 20  20  20  THR THR A . n 
A 1 21  TRP 21  21  21  TRP TRP A . n 
A 1 22  TYR 22  22  22  TYR TYR A . n 
A 1 23  ASN 23  23  23  ASN ASN A . n 
A 1 24  GLN 24  24  24  GLN GLN A . n 
A 1 25  LEU 25  25  25  LEU LEU A . n 
A 1 26  GLY 26  26  26  GLY GLY A . n 
A 1 27  SER 27  27  27  SER SER A . n 
A 1 28  THR 28  28  28  THR THR A . n 
A 1 29  PHE 29  29  29  PHE PHE A . n 
A 1 30  ILE 30  30  30  ILE ILE A . n 
A 1 31  VAL 31  31  31  VAL VAL A . n 
A 1 32  THR 32  32  32  THR THR A . n 
A 1 33  ALA 33  33  33  ALA ALA A . n 
A 1 34  GLY 34  34  34  GLY GLY A . n 
A 1 35  ALA 35  35  35  ALA ALA A . n 
A 1 36  ASP 36  36  36  ASP ASP A . n 
A 1 37  GLY 37  37  37  GLY GLY A . n 
A 1 38  ALA 38  38  38  ALA ALA A . n 
A 1 39  LEU 39  39  39  LEU LEU A . n 
A 1 40  THR 40  40  40  THR THR A . n 
A 1 41  GLY 41  41  41  GLY GLY A . n 
A 1 42  THR 42  42  42  THR THR A . n 
A 1 43  TYR 43  43  43  TYR TYR A . n 
A 1 44  GLU 44  44  44  GLU GLU A . n 
A 1 45  SER 45  45  45  SER SER A . n 
A 1 46  ALA 46  46  46  ALA ALA A . n 
A 1 47  VAL 47  47  47  VAL VAL A . n 
A 1 48  GLY 48  48  48  GLY GLY A . n 
A 1 49  ASN 49  49  49  ASN ASN A . n 
A 1 50  ALA 50  50  50  ALA ALA A . n 
A 1 51  GLU 51  51  51  GLU GLU A . n 
A 1 52  SER 52  52  52  SER SER A . n 
A 1 53  ARG 53  53  53  ARG ARG A . n 
A 1 54  TYR 54  54  54  TYR TYR A . n 
A 1 55  VAL 55  55  55  VAL VAL A . n 
A 1 56  LEU 56  56  56  LEU LEU A . n 
A 1 57  THR 57  57  57  THR THR A . n 
A 1 58  GLY 58  58  58  GLY GLY A . n 
A 1 59  ARG 59  59  59  ARG ARG A . n 
A 1 60  TYR 60  60  60  TYR TYR A . n 
A 1 61  ASP 61  61  61  ASP ASP A . n 
A 1 62  SER 62  62  62  SER SER A . n 
A 1 63  ALA 63  63  63  ALA ALA A . n 
A 1 64  PRO 64  64  64  PRO PRO A . n 
A 1 65  ALA 65  65  65  ALA ALA A . n 
A 1 66  THR 66  66  66  THR THR A . n 
A 1 67  ASP 67  67  67  ASP ASP A . n 
A 1 68  GLY 68  68  68  GLY GLY A . n 
A 1 69  SER 69  69  69  SER SER A . n 
A 1 70  GLY 70  70  70  GLY GLY A . n 
A 1 71  THR 71  71  71  THR THR A . n 
A 1 72  ALA 72  72  72  ALA ALA A . n 
A 1 73  LEU 73  73  73  LEU LEU A . n 
A 1 74  GLY 74  74  74  GLY GLY A . n 
A 1 75  TRP 75  75  75  TRP TRP A . n 
A 1 76  THR 76  76  76  THR THR A . n 
A 1 77  VAL 77  77  77  VAL VAL A . n 
A 1 78  ALA 78  78  78  ALA ALA A . n 
A 1 79  TRP 79  79  79  TRP TRP A . n 
A 1 80  LYS 80  80  80  LYS LYS A . n 
A 1 81  ASN 81  81  81  ASN ASN A . n 
A 1 82  ASN 82  82  82  ASN ASN A . n 
A 1 83  TYR 83  83  83  TYR TYR A . n 
A 1 84  ARG 84  84  84  ARG ARG A . n 
A 1 85  ASN 85  85  85  ASN ASN A . n 
A 1 86  ALA 86  86  86  ALA ALA A . n 
A 1 87  HIS 87  87  87  HIS HIS A . n 
A 1 88  SER 88  88  88  SER SER A . n 
A 1 89  ALA 89  89  89  ALA ALA A . n 
A 1 90  THR 90  90  90  THR THR A . n 
A 1 91  THR 91  91  91  THR THR A . n 
A 1 92  TRP 92  92  92  TRP TRP A . n 
A 1 93  SER 93  93  93  SER SER A . n 
A 1 94  GLY 94  94  94  GLY GLY A . n 
A 1 95  GLN 95  95  95  GLN GLN A . n 
A 1 96  TYR 96  96  96  TYR TYR A . n 
A 1 97  VAL 97  97  97  VAL VAL A . n 
A 1 98  GLY 98  98  98  GLY GLY A . n 
A 1 99  GLY 99  99  99  GLY GLY A . n 
A 1 100 ALA 100 100 100 ALA ALA A . n 
A 1 101 GLN 101 101 101 GLN GLN A . n 
A 1 102 ALA 102 102 102 ALA ALA A . n 
A 1 103 ARG 103 103 103 ARG ARG A . n 
A 1 104 ILE 104 104 104 ILE ILE A . n 
A 1 105 ASN 105 105 105 ASN ASN A . n 
A 1 106 THR 106 106 106 THR THR A . n 
A 1 107 GLN 107 107 107 GLN GLN A . n 
A 1 108 TRP 108 108 108 TRP TRP A . n 
A 1 109 LEU 109 109 109 LEU LEU A . n 
A 1 110 LEU 110 110 110 LEU LEU A . n 
A 1 111 THR 111 111 111 THR THR A . n 
A 1 112 GLU 112 112 112 GLU GLU A . n 
A 1 113 GLY 113 113 113 GLY GLY A . n 
A 1 114 THR 114 114 114 THR THR A . n 
A 1 115 THR 115 115 115 THR THR A . n 
A 1 116 GLU 116 116 116 GLU GLU A . n 
A 1 117 ALA 117 117 117 ALA ALA A . n 
A 1 118 ASN 118 118 118 ASN ASN A . n 
A 1 119 ALA 119 119 119 ALA ALA A . n 
A 1 120 TRP 120 120 120 TRP TRP A . n 
A 1 121 ALA 121 121 121 ALA ALA A . n 
A 1 122 SER 122 122 122 SER SER A . n 
A 1 123 THR 123 123 123 THR THR A . n 
A 1 124 LEU 124 124 124 LEU LEU A . n 
A 1 125 VAL 125 125 125 VAL VAL A . n 
A 1 126 GLY 126 126 126 GLY GLY A . n 
A 1 127 HIS 127 127 127 HIS HIS A . n 
A 1 128 ASP 128 128 128 ASP ASP A . n 
A 1 129 THR 129 129 129 THR THR A . n 
A 1 130 PHE 130 130 130 PHE PHE A . n 
A 1 131 THR 131 131 131 THR THR A . n 
A 1 132 LYS 132 132 132 LYS LYS A . n 
A 1 133 VAL 133 133 133 VAL VAL A . n 
A 1 134 LYS 134 134 134 LYS LYS A . n 
A 1 135 PRO 135 135 ?   ?   ?   A . n 
A 1 136 SER 136 136 ?   ?   ?   A . n 
A 1 137 ALA 137 137 ?   ?   ?   A . n 
A 1 138 ALA 138 138 ?   ?   ?   A . n 
A 1 139 SER 139 139 ?   ?   ?   A . n 
A 1 140 ILE 140 140 ?   ?   ?   A . n 
A 1 141 ASP 141 141 ?   ?   ?   A . n 
A 1 142 ALA 142 142 ?   ?   ?   A . n 
A 1 143 ALA 143 143 ?   ?   ?   A . n 
A 1 144 LYS 144 144 ?   ?   ?   A . n 
A 1 145 LYS 145 145 ?   ?   ?   A . n 
A 1 146 ALA 146 146 ?   ?   ?   A . n 
A 1 147 GLY 147 147 ?   ?   ?   A . n 
A 1 148 VAL 148 148 ?   ?   ?   A . n 
A 1 149 ASN 149 149 ?   ?   ?   A . n 
A 1 150 ASN 150 150 ?   ?   ?   A . n 
A 1 151 GLY 151 151 ?   ?   ?   A . n 
A 1 152 ASN 152 152 ?   ?   ?   A . n 
A 1 153 PRO 153 153 ?   ?   ?   A . n 
A 1 154 LEU 154 154 ?   ?   ?   A . n 
A 1 155 ASP 155 155 ?   ?   ?   A . n 
A 1 156 ALA 156 156 ?   ?   ?   A . n 
A 1 157 VAL 157 157 ?   ?   ?   A . n 
A 1 158 GLN 158 158 ?   ?   ?   A . n 
A 1 159 GLN 159 159 ?   ?   ?   A . n 
# 
loop_
_pdbx_nonpoly_scheme.asym_id 
_pdbx_nonpoly_scheme.entity_id 
_pdbx_nonpoly_scheme.mon_id 
_pdbx_nonpoly_scheme.ndb_seq_num 
_pdbx_nonpoly_scheme.pdb_seq_num 
_pdbx_nonpoly_scheme.auth_seq_num 
_pdbx_nonpoly_scheme.pdb_mon_id 
_pdbx_nonpoly_scheme.auth_mon_id 
_pdbx_nonpoly_scheme.pdb_strand_id 
_pdbx_nonpoly_scheme.pdb_ins_code 
B 2 QFY 1   201 1   QFY KM2 A . 
C 3 ACT 1   202 1   ACT ACT A . 
D 3 ACT 1   203 2   ACT ACT A . 
E 3 ACT 1   204 3   ACT ACT A . 
F 3 ACT 1   205 4   ACT ACT A . 
G 3 ACT 1   206 5   ACT ACT A . 
H 4 HOH 1   301 6   HOH HOH A . 
H 4 HOH 2   302 73  HOH HOH A . 
H 4 HOH 3   303 24  HOH HOH A . 
H 4 HOH 4   304 149 HOH HOH A . 
H 4 HOH 5   305 46  HOH HOH A . 
H 4 HOH 6   306 156 HOH HOH A . 
H 4 HOH 7   307 2   HOH HOH A . 
H 4 HOH 8   308 62  HOH HOH A . 
H 4 HOH 9   309 74  HOH HOH A . 
H 4 HOH 10  310 67  HOH HOH A . 
H 4 HOH 11  311 142 HOH HOH A . 
H 4 HOH 12  312 28  HOH HOH A . 
H 4 HOH 13  313 80  HOH HOH A . 
H 4 HOH 14  314 29  HOH HOH A . 
H 4 HOH 15  315 7   HOH HOH A . 
H 4 HOH 16  316 88  HOH HOH A . 
H 4 HOH 17  317 51  HOH HOH A . 
H 4 HOH 18  318 18  HOH HOH A . 
H 4 HOH 19  319 3   HOH HOH A . 
H 4 HOH 20  320 57  HOH HOH A . 
H 4 HOH 21  321 42  HOH HOH A . 
H 4 HOH 22  322 14  HOH HOH A . 
H 4 HOH 23  323 15  HOH HOH A . 
H 4 HOH 24  324 16  HOH HOH A . 
H 4 HOH 25  325 61  HOH HOH A . 
H 4 HOH 26  326 32  HOH HOH A . 
H 4 HOH 27  327 48  HOH HOH A . 
H 4 HOH 28  328 113 HOH HOH A . 
H 4 HOH 29  329 4   HOH HOH A . 
H 4 HOH 30  330 19  HOH HOH A . 
H 4 HOH 31  331 49  HOH HOH A . 
H 4 HOH 32  332 65  HOH HOH A . 
H 4 HOH 33  333 8   HOH HOH A . 
H 4 HOH 34  334 53  HOH HOH A . 
H 4 HOH 35  335 100 HOH HOH A . 
H 4 HOH 36  336 44  HOH HOH A . 
H 4 HOH 37  337 152 HOH HOH A . 
H 4 HOH 38  338 23  HOH HOH A . 
H 4 HOH 39  339 34  HOH HOH A . 
H 4 HOH 40  340 86  HOH HOH A . 
H 4 HOH 41  341 9   HOH HOH A . 
H 4 HOH 42  342 1   HOH HOH A . 
H 4 HOH 43  343 64  HOH HOH A . 
H 4 HOH 44  344 72  HOH HOH A . 
H 4 HOH 45  345 27  HOH HOH A . 
H 4 HOH 46  346 45  HOH HOH A . 
H 4 HOH 47  347 26  HOH HOH A . 
H 4 HOH 48  348 111 HOH HOH A . 
H 4 HOH 49  349 21  HOH HOH A . 
H 4 HOH 50  350 161 HOH HOH A . 
H 4 HOH 51  351 54  HOH HOH A . 
H 4 HOH 52  352 102 HOH HOH A . 
H 4 HOH 53  353 154 HOH HOH A . 
H 4 HOH 54  354 121 HOH HOH A . 
H 4 HOH 55  355 66  HOH HOH A . 
H 4 HOH 56  356 17  HOH HOH A . 
H 4 HOH 57  357 77  HOH HOH A . 
H 4 HOH 58  358 35  HOH HOH A . 
H 4 HOH 59  359 31  HOH HOH A . 
H 4 HOH 60  360 13  HOH HOH A . 
H 4 HOH 61  361 79  HOH HOH A . 
H 4 HOH 62  362 10  HOH HOH A . 
H 4 HOH 63  363 50  HOH HOH A . 
H 4 HOH 64  364 11  HOH HOH A . 
H 4 HOH 65  365 135 HOH HOH A . 
H 4 HOH 66  366 56  HOH HOH A . 
H 4 HOH 67  367 71  HOH HOH A . 
H 4 HOH 68  368 75  HOH HOH A . 
H 4 HOH 69  369 25  HOH HOH A . 
H 4 HOH 70  370 36  HOH HOH A . 
H 4 HOH 71  371 63  HOH HOH A . 
H 4 HOH 72  372 33  HOH HOH A . 
H 4 HOH 73  373 37  HOH HOH A . 
H 4 HOH 74  374 85  HOH HOH A . 
H 4 HOH 75  375 22  HOH HOH A . 
H 4 HOH 76  376 148 HOH HOH A . 
H 4 HOH 77  377 58  HOH HOH A . 
H 4 HOH 78  378 40  HOH HOH A . 
H 4 HOH 79  379 30  HOH HOH A . 
H 4 HOH 80  380 151 HOH HOH A . 
H 4 HOH 81  381 159 HOH HOH A . 
H 4 HOH 82  382 59  HOH HOH A . 
H 4 HOH 83  383 12  HOH HOH A . 
H 4 HOH 84  384 55  HOH HOH A . 
H 4 HOH 85  385 116 HOH HOH A . 
H 4 HOH 86  386 160 HOH HOH A . 
H 4 HOH 87  387 157 HOH HOH A . 
H 4 HOH 88  388 69  HOH HOH A . 
H 4 HOH 89  389 52  HOH HOH A . 
H 4 HOH 90  390 115 HOH HOH A . 
H 4 HOH 91  391 150 HOH HOH A . 
H 4 HOH 92  392 153 HOH HOH A . 
H 4 HOH 93  393 155 HOH HOH A . 
H 4 HOH 94  394 89  HOH HOH A . 
H 4 HOH 95  395 134 HOH HOH A . 
H 4 HOH 96  396 104 HOH HOH A . 
H 4 HOH 97  397 110 HOH HOH A . 
H 4 HOH 98  398 76  HOH HOH A . 
H 4 HOH 99  399 158 HOH HOH A . 
H 4 HOH 100 400 60  HOH HOH A . 
H 4 HOH 101 401 82  HOH HOH A . 
H 4 HOH 102 402 136 HOH HOH A . 
H 4 HOH 103 403 139 HOH HOH A . 
# 
_pdbx_struct_assembly.id                   1 
_pdbx_struct_assembly.details              author_and_software_defined_assembly 
_pdbx_struct_assembly.method_details       PISA 
_pdbx_struct_assembly.oligomeric_details   tetrameric 
_pdbx_struct_assembly.oligomeric_count     4 
# 
_pdbx_struct_assembly_gen.assembly_id       1 
_pdbx_struct_assembly_gen.oper_expression   1,2,3,4 
_pdbx_struct_assembly_gen.asym_id_list      A,B,C,D,E,F,G,H 
# 
loop_
_pdbx_struct_assembly_prop.biol_id 
_pdbx_struct_assembly_prop.type 
_pdbx_struct_assembly_prop.value 
_pdbx_struct_assembly_prop.details 
1 'ABSA (A^2)' 11500 ? 
1 MORE         -53   ? 
1 'SSA (A^2)'  20060 ? 
# 
loop_
_pdbx_struct_oper_list.id 
_pdbx_struct_oper_list.type 
_pdbx_struct_oper_list.name 
_pdbx_struct_oper_list.symmetry_operation 
_pdbx_struct_oper_list.matrix[1][1] 
_pdbx_struct_oper_list.matrix[1][2] 
_pdbx_struct_oper_list.matrix[1][3] 
_pdbx_struct_oper_list.vector[1] 
_pdbx_struct_oper_list.matrix[2][1] 
_pdbx_struct_oper_list.matrix[2][2] 
_pdbx_struct_oper_list.matrix[2][3] 
_pdbx_struct_oper_list.vector[2] 
_pdbx_struct_oper_list.matrix[3][1] 
_pdbx_struct_oper_list.matrix[3][2] 
_pdbx_struct_oper_list.matrix[3][3] 
_pdbx_struct_oper_list.vector[3] 
1 'identity operation'         1_555  x,y,z        1.0000000000  0.0000000000  0.0000000000  0.0000000000   0.0000000000  1.0000000000  0.0000000000  0.0000000000  0.0000000000  0.0000000000  1.0000000000  0.0000000000   
2 'crystal symmetry operation' 8_665  -y+1,-x+1,-z 0.7118005840  0.6714199583  -0.2062405589 -9.5135303783  0.6714199583  -0.7366487869 -0.0808937845 18.5210663793 -0.2062405589 -0.0808937845 -0.9751517972 -18.6668095831 
3 'crystal symmetry operation' 10_665 -x+1,-y+1,z  -0.9684958402 -0.1429558667 -0.2039103422 -23.6807614150 -0.1429558667 -0.3513117009 0.9252803408  15.0815108997 -0.2039103422 0.9252803408  0.3198075411  -14.2319066407 
4 'crystal symmetry operation' 15_555 y,x,-z       -0.7433047438 -0.5284640916 0.4101509011  -13.3082863845 -0.5284640916 0.0879604877  -0.8443865563 -7.3371733831 0.4101509011  -0.8443865563 -0.3446557439 -1.1246072673 
# 
loop_
_pdbx_struct_special_symmetry.id 
_pdbx_struct_special_symmetry.PDB_model_num 
_pdbx_struct_special_symmetry.auth_asym_id 
_pdbx_struct_special_symmetry.auth_comp_id 
_pdbx_struct_special_symmetry.auth_seq_id 
_pdbx_struct_special_symmetry.PDB_ins_code 
_pdbx_struct_special_symmetry.label_asym_id 
_pdbx_struct_special_symmetry.label_comp_id 
_pdbx_struct_special_symmetry.label_seq_id 
1 1 A ACT 204 ? E ACT . 
2 1 A ACT 204 ? E ACT . 
3 1 A ACT 205 ? F ACT . 
4 1 A ACT 205 ? F ACT . 
5 1 A HOH 322 ? H HOH . 
6 1 A HOH 391 ? H HOH . 
# 
loop_
_pdbx_struct_conn_angle.id 
_pdbx_struct_conn_angle.ptnr1_label_atom_id 
_pdbx_struct_conn_angle.ptnr1_label_alt_id 
_pdbx_struct_conn_angle.ptnr1_label_asym_id 
_pdbx_struct_conn_angle.ptnr1_label_comp_id 
_pdbx_struct_conn_angle.ptnr1_label_seq_id 
_pdbx_struct_conn_angle.ptnr1_auth_atom_id 
_pdbx_struct_conn_angle.ptnr1_auth_asym_id 
_pdbx_struct_conn_angle.ptnr1_auth_comp_id 
_pdbx_struct_conn_angle.ptnr1_auth_seq_id 
_pdbx_struct_conn_angle.ptnr1_PDB_ins_code 
_pdbx_struct_conn_angle.ptnr1_symmetry 
_pdbx_struct_conn_angle.ptnr2_label_atom_id 
_pdbx_struct_conn_angle.ptnr2_label_alt_id 
_pdbx_struct_conn_angle.ptnr2_label_asym_id 
_pdbx_struct_conn_angle.ptnr2_label_comp_id 
_pdbx_struct_conn_angle.ptnr2_label_seq_id 
_pdbx_struct_conn_angle.ptnr2_auth_atom_id 
_pdbx_struct_conn_angle.ptnr2_auth_asym_id 
_pdbx_struct_conn_angle.ptnr2_auth_comp_id 
_pdbx_struct_conn_angle.ptnr2_auth_seq_id 
_pdbx_struct_conn_angle.ptnr2_PDB_ins_code 
_pdbx_struct_conn_angle.ptnr2_symmetry 
_pdbx_struct_conn_angle.ptnr3_label_atom_id 
_pdbx_struct_conn_angle.ptnr3_label_alt_id 
_pdbx_struct_conn_angle.ptnr3_label_asym_id 
_pdbx_struct_conn_angle.ptnr3_label_comp_id 
_pdbx_struct_conn_angle.ptnr3_label_seq_id 
_pdbx_struct_conn_angle.ptnr3_auth_atom_id 
_pdbx_struct_conn_angle.ptnr3_auth_asym_id 
_pdbx_struct_conn_angle.ptnr3_auth_comp_id 
_pdbx_struct_conn_angle.ptnr3_auth_seq_id 
_pdbx_struct_conn_angle.ptnr3_PDB_ins_code 
_pdbx_struct_conn_angle.ptnr3_symmetry 
_pdbx_struct_conn_angle.value 
_pdbx_struct_conn_angle.value_esd 
1  OE2 A A GLU 112 ? A GLU 112 ? 1_555 FE1 ? B QFY . ? A QFY 201 ? 1_555 N5  ? B QFY . ? A QFY 201 ? 1_555 163.2 ? 
2  OE2 A A GLU 112 ? A GLU 112 ? 1_555 FE1 ? B QFY . ? A QFY 201 ? 1_555 N3  ? B QFY . ? A QFY 201 ? 1_555 89.7  ? 
3  N5  ? B QFY .   ? A QFY 201 ? 1_555 FE1 ? B QFY . ? A QFY 201 ? 1_555 N3  ? B QFY . ? A QFY 201 ? 1_555 75.7  ? 
4  OE2 A A GLU 112 ? A GLU 112 ? 1_555 FE1 ? B QFY . ? A QFY 201 ? 1_555 N4  ? B QFY . ? A QFY 201 ? 1_555 78.6  ? 
5  N5  ? B QFY .   ? A QFY 201 ? 1_555 FE1 ? B QFY . ? A QFY 201 ? 1_555 N4  ? B QFY . ? A QFY 201 ? 1_555 103.6 ? 
6  N3  ? B QFY .   ? A QFY 201 ? 1_555 FE1 ? B QFY . ? A QFY 201 ? 1_555 N4  ? B QFY . ? A QFY 201 ? 1_555 71.1  ? 
7  OE2 A A GLU 112 ? A GLU 112 ? 1_555 FE1 ? B QFY . ? A QFY 201 ? 1_555 OXT ? C ACT . ? A ACT 202 ? 1_555 95.9  ? 
8  N5  ? B QFY .   ? A QFY 201 ? 1_555 FE1 ? B QFY . ? A QFY 201 ? 1_555 OXT ? C ACT . ? A ACT 202 ? 1_555 100.1 ? 
9  N3  ? B QFY .   ? A QFY 201 ? 1_555 FE1 ? B QFY . ? A QFY 201 ? 1_555 OXT ? C ACT . ? A ACT 202 ? 1_555 166.9 ? 
10 N4  ? B QFY .   ? A QFY 201 ? 1_555 FE1 ? B QFY . ? A QFY 201 ? 1_555 OXT ? C ACT . ? A ACT 202 ? 1_555 98.4  ? 
11 OE2 A A GLU 112 ? A GLU 112 ? 1_555 FE1 ? B QFY . ? A QFY 201 ? 1_555 OXT ? D ACT . ? A ACT 203 ? 1_555 94.6  ? 
12 N5  ? B QFY .   ? A QFY 201 ? 1_555 FE1 ? B QFY . ? A QFY 201 ? 1_555 OXT ? D ACT . ? A ACT 203 ? 1_555 78.9  ? 
13 N3  ? B QFY .   ? A QFY 201 ? 1_555 FE1 ? B QFY . ? A QFY 201 ? 1_555 OXT ? D ACT . ? A ACT 203 ? 1_555 95.2  ? 
14 N4  ? B QFY .   ? A QFY 201 ? 1_555 FE1 ? B QFY . ? A QFY 201 ? 1_555 OXT ? D ACT . ? A ACT 203 ? 1_555 164.5 ? 
15 OXT ? C ACT .   ? A ACT 202 ? 1_555 FE1 ? B QFY . ? A QFY 201 ? 1_555 OXT ? D ACT . ? A ACT 203 ? 1_555 96.1  ? 
# 
loop_
_pdbx_audit_revision_history.ordinal 
_pdbx_audit_revision_history.data_content_type 
_pdbx_audit_revision_history.major_revision 
_pdbx_audit_revision_history.minor_revision 
_pdbx_audit_revision_history.revision_date 
1 'Structure model' 1 0 2020-05-06 
2 'Structure model' 1 1 2020-05-13 
3 'Structure model' 1 2 2023-10-11 
# 
_pdbx_audit_revision_details.ordinal             1 
_pdbx_audit_revision_details.revision_ordinal    1 
_pdbx_audit_revision_details.data_content_type   'Structure model' 
_pdbx_audit_revision_details.provider            repository 
_pdbx_audit_revision_details.type                'Initial release' 
_pdbx_audit_revision_details.description         ? 
_pdbx_audit_revision_details.details             ? 
# 
loop_
_pdbx_audit_revision_group.ordinal 
_pdbx_audit_revision_group.revision_ordinal 
_pdbx_audit_revision_group.data_content_type 
_pdbx_audit_revision_group.group 
1 2 'Structure model' 'Database references'    
2 3 'Structure model' 'Data collection'        
3 3 'Structure model' 'Database references'    
4 3 'Structure model' 'Refinement description' 
# 
loop_
_pdbx_audit_revision_category.ordinal 
_pdbx_audit_revision_category.revision_ordinal 
_pdbx_audit_revision_category.data_content_type 
_pdbx_audit_revision_category.category 
1 2 'Structure model' citation                      
2 3 'Structure model' chem_comp_atom                
3 3 'Structure model' chem_comp_bond                
4 3 'Structure model' database_2                    
5 3 'Structure model' pdbx_initial_refinement_model 
6 3 'Structure model' struct_ncs_dom_lim            
# 
loop_
_pdbx_audit_revision_item.ordinal 
_pdbx_audit_revision_item.revision_ordinal 
_pdbx_audit_revision_item.data_content_type 
_pdbx_audit_revision_item.item 
1  2 'Structure model' '_citation.journal_volume'              
2  2 'Structure model' '_citation.page_first'                  
3  2 'Structure model' '_citation.page_last'                   
4  3 'Structure model' '_database_2.pdbx_DOI'                  
5  3 'Structure model' '_database_2.pdbx_database_accession'   
6  3 'Structure model' '_struct_ncs_dom_lim.beg_auth_comp_id'  
7  3 'Structure model' '_struct_ncs_dom_lim.beg_label_asym_id' 
8  3 'Structure model' '_struct_ncs_dom_lim.beg_label_comp_id' 
9  3 'Structure model' '_struct_ncs_dom_lim.beg_label_seq_id'  
10 3 'Structure model' '_struct_ncs_dom_lim.end_auth_comp_id'  
11 3 'Structure model' '_struct_ncs_dom_lim.end_label_asym_id' 
12 3 'Structure model' '_struct_ncs_dom_lim.end_label_comp_id' 
13 3 'Structure model' '_struct_ncs_dom_lim.end_label_seq_id'  
# 
loop_
_space_group_symop.id 
_space_group_symop.operation_xyz 
1  x,y,z                
2  -y+1/2,x,z+3/4       
3  y+1/2,-x,z+3/4       
4  x+1/2,-y,-z+3/4      
5  -x+1/2,y,-z+3/4      
6  -x,-y,z              
7  y,x,-z               
8  -y,-x,-z             
9  x+1/2,y+1/2,z+1/2    
10 -y+1,x+1/2,z+5/4     
11 y+1,-x+1/2,z+5/4     
12 x+1,-y+1/2,-z+5/4    
13 -x+1,y+1/2,-z+5/4    
14 -x+1/2,-y+1/2,z+1/2  
15 y+1/2,x+1/2,-z+1/2   
16 -y+1/2,-x+1/2,-z+1/2 
# 
loop_
_software.citation_id 
_software.classification 
_software.compiler_name 
_software.compiler_version 
_software.contact_author 
_software.contact_author_email 
_software.date 
_software.description 
_software.dependencies 
_software.hardware 
_software.language 
_software.location 
_software.mods 
_software.name 
_software.os 
_software.os_version 
_software.type 
_software.version 
_software.pdbx_ordinal 
? refinement       ? ? ? ? ? ? ? ? ? ? ? REFMAC  ? ? ? 5.8.0238 1 
? 'data reduction' ? ? ? ? ? ? ? ? ? ? ? iMOSFLM ? ? ? .        2 
? 'data scaling'   ? ? ? ? ? ? ? ? ? ? ? Aimless ? ? ? .        3 
? phasing          ? ? ? ? ? ? ? ? ? ? ? PHASER  ? ? ? .        4 
# 
_pdbx_entry_details.entry_id                 6UI0 
_pdbx_entry_details.nonpolymer_details       ? 
_pdbx_entry_details.sequence_details         ? 
_pdbx_entry_details.compound_details         ? 
_pdbx_entry_details.source_details           ? 
_pdbx_entry_details.has_ligand_of_interest   Y 
# 
loop_
_pdbx_validate_close_contact.id 
_pdbx_validate_close_contact.PDB_model_num 
_pdbx_validate_close_contact.auth_atom_id_1 
_pdbx_validate_close_contact.auth_asym_id_1 
_pdbx_validate_close_contact.auth_comp_id_1 
_pdbx_validate_close_contact.auth_seq_id_1 
_pdbx_validate_close_contact.PDB_ins_code_1 
_pdbx_validate_close_contact.label_alt_id_1 
_pdbx_validate_close_contact.auth_atom_id_2 
_pdbx_validate_close_contact.auth_asym_id_2 
_pdbx_validate_close_contact.auth_comp_id_2 
_pdbx_validate_close_contact.auth_seq_id_2 
_pdbx_validate_close_contact.PDB_ins_code_2 
_pdbx_validate_close_contact.label_alt_id_2 
_pdbx_validate_close_contact.dist 
1 1 OE1 A GLU 112 ? A O A ACT 202 ? ? 2.16 
2 1 OE1 A GLU 112 ? A C A ACT 202 ? ? 2.16 
# 
loop_
_pdbx_validate_torsion.id 
_pdbx_validate_torsion.PDB_model_num 
_pdbx_validate_torsion.auth_comp_id 
_pdbx_validate_torsion.auth_asym_id 
_pdbx_validate_torsion.auth_seq_id 
_pdbx_validate_torsion.PDB_ins_code 
_pdbx_validate_torsion.label_alt_id 
_pdbx_validate_torsion.phi 
_pdbx_validate_torsion.psi 
1 1 SER A 52  ? ? 64.17   -154.13 
2 1 TRP A 79  ? ? -83.63  49.40   
3 1 GLN A 101 ? ? -113.45 56.94   
# 
loop_
_pdbx_unobs_or_zero_occ_residues.id 
_pdbx_unobs_or_zero_occ_residues.PDB_model_num 
_pdbx_unobs_or_zero_occ_residues.polymer_flag 
_pdbx_unobs_or_zero_occ_residues.occupancy_flag 
_pdbx_unobs_or_zero_occ_residues.auth_asym_id 
_pdbx_unobs_or_zero_occ_residues.auth_comp_id 
_pdbx_unobs_or_zero_occ_residues.auth_seq_id 
_pdbx_unobs_or_zero_occ_residues.PDB_ins_code 
_pdbx_unobs_or_zero_occ_residues.label_asym_id 
_pdbx_unobs_or_zero_occ_residues.label_comp_id 
_pdbx_unobs_or_zero_occ_residues.label_seq_id 
1  1 Y 1 A MET 1   ? A MET 1   
2  1 Y 1 A ALA 2   ? A ALA 2   
3  1 Y 1 A SER 3   ? A SER 3   
4  1 Y 1 A MET 4   ? A MET 4   
5  1 Y 1 A THR 5   ? A THR 5   
6  1 Y 1 A GLY 6   ? A GLY 6   
7  1 Y 1 A GLY 7   ? A GLY 7   
8  1 Y 1 A GLN 8   ? A GLN 8   
9  1 Y 1 A GLN 9   ? A GLN 9   
10 1 Y 1 A PRO 135 ? A PRO 135 
11 1 Y 1 A SER 136 ? A SER 136 
12 1 Y 1 A ALA 137 ? A ALA 137 
13 1 Y 1 A ALA 138 ? A ALA 138 
14 1 Y 1 A SER 139 ? A SER 139 
15 1 Y 1 A ILE 140 ? A ILE 140 
16 1 Y 1 A ASP 141 ? A ASP 141 
17 1 Y 1 A ALA 142 ? A ALA 142 
18 1 Y 1 A ALA 143 ? A ALA 143 
19 1 Y 1 A LYS 144 ? A LYS 144 
20 1 Y 1 A LYS 145 ? A LYS 145 
21 1 Y 1 A ALA 146 ? A ALA 146 
22 1 Y 1 A GLY 147 ? A GLY 147 
23 1 Y 1 A VAL 148 ? A VAL 148 
24 1 Y 1 A ASN 149 ? A ASN 149 
25 1 Y 1 A ASN 150 ? A ASN 150 
26 1 Y 1 A GLY 151 ? A GLY 151 
27 1 Y 1 A ASN 152 ? A ASN 152 
28 1 Y 1 A PRO 153 ? A PRO 153 
29 1 Y 1 A LEU 154 ? A LEU 154 
30 1 Y 1 A ASP 155 ? A ASP 155 
31 1 Y 1 A ALA 156 ? A ALA 156 
32 1 Y 1 A VAL 157 ? A VAL 157 
33 1 Y 1 A GLN 158 ? A GLN 158 
34 1 Y 1 A GLN 159 ? A GLN 159 
# 
loop_
_chem_comp_atom.comp_id 
_chem_comp_atom.atom_id 
_chem_comp_atom.type_symbol 
_chem_comp_atom.pdbx_aromatic_flag 
_chem_comp_atom.pdbx_stereo_config 
_chem_comp_atom.pdbx_ordinal 
ACT C    C  N N 1   
ACT O    O  N N 2   
ACT OXT  O  N N 3   
ACT CH3  C  N N 4   
ACT H1   H  N N 5   
ACT H2   H  N N 6   
ACT H3   H  N N 7   
ALA N    N  N N 8   
ALA CA   C  N S 9   
ALA C    C  N N 10  
ALA O    O  N N 11  
ALA CB   C  N N 12  
ALA OXT  O  N N 13  
ALA H    H  N N 14  
ALA H2   H  N N 15  
ALA HA   H  N N 16  
ALA HB1  H  N N 17  
ALA HB2  H  N N 18  
ALA HB3  H  N N 19  
ALA HXT  H  N N 20  
ARG N    N  N N 21  
ARG CA   C  N S 22  
ARG C    C  N N 23  
ARG O    O  N N 24  
ARG CB   C  N N 25  
ARG CG   C  N N 26  
ARG CD   C  N N 27  
ARG NE   N  N N 28  
ARG CZ   C  N N 29  
ARG NH1  N  N N 30  
ARG NH2  N  N N 31  
ARG OXT  O  N N 32  
ARG H    H  N N 33  
ARG H2   H  N N 34  
ARG HA   H  N N 35  
ARG HB2  H  N N 36  
ARG HB3  H  N N 37  
ARG HG2  H  N N 38  
ARG HG3  H  N N 39  
ARG HD2  H  N N 40  
ARG HD3  H  N N 41  
ARG HE   H  N N 42  
ARG HH11 H  N N 43  
ARG HH12 H  N N 44  
ARG HH21 H  N N 45  
ARG HH22 H  N N 46  
ARG HXT  H  N N 47  
ASN N    N  N N 48  
ASN CA   C  N S 49  
ASN C    C  N N 50  
ASN O    O  N N 51  
ASN CB   C  N N 52  
ASN CG   C  N N 53  
ASN OD1  O  N N 54  
ASN ND2  N  N N 55  
ASN OXT  O  N N 56  
ASN H    H  N N 57  
ASN H2   H  N N 58  
ASN HA   H  N N 59  
ASN HB2  H  N N 60  
ASN HB3  H  N N 61  
ASN HD21 H  N N 62  
ASN HD22 H  N N 63  
ASN HXT  H  N N 64  
ASP N    N  N N 65  
ASP CA   C  N S 66  
ASP C    C  N N 67  
ASP O    O  N N 68  
ASP CB   C  N N 69  
ASP CG   C  N N 70  
ASP OD1  O  N N 71  
ASP OD2  O  N N 72  
ASP OXT  O  N N 73  
ASP H    H  N N 74  
ASP H2   H  N N 75  
ASP HA   H  N N 76  
ASP HB2  H  N N 77  
ASP HB3  H  N N 78  
ASP HD2  H  N N 79  
ASP HXT  H  N N 80  
GLN N    N  N N 81  
GLN CA   C  N S 82  
GLN C    C  N N 83  
GLN O    O  N N 84  
GLN CB   C  N N 85  
GLN CG   C  N N 86  
GLN CD   C  N N 87  
GLN OE1  O  N N 88  
GLN NE2  N  N N 89  
GLN OXT  O  N N 90  
GLN H    H  N N 91  
GLN H2   H  N N 92  
GLN HA   H  N N 93  
GLN HB2  H  N N 94  
GLN HB3  H  N N 95  
GLN HG2  H  N N 96  
GLN HG3  H  N N 97  
GLN HE21 H  N N 98  
GLN HE22 H  N N 99  
GLN HXT  H  N N 100 
GLU N    N  N N 101 
GLU CA   C  N S 102 
GLU C    C  N N 103 
GLU O    O  N N 104 
GLU CB   C  N N 105 
GLU CG   C  N N 106 
GLU CD   C  N N 107 
GLU OE1  O  N N 108 
GLU OE2  O  N N 109 
GLU OXT  O  N N 110 
GLU H    H  N N 111 
GLU H2   H  N N 112 
GLU HA   H  N N 113 
GLU HB2  H  N N 114 
GLU HB3  H  N N 115 
GLU HG2  H  N N 116 
GLU HG3  H  N N 117 
GLU HE2  H  N N 118 
GLU HXT  H  N N 119 
GLY N    N  N N 120 
GLY CA   C  N N 121 
GLY C    C  N N 122 
GLY O    O  N N 123 
GLY OXT  O  N N 124 
GLY H    H  N N 125 
GLY H2   H  N N 126 
GLY HA2  H  N N 127 
GLY HA3  H  N N 128 
GLY HXT  H  N N 129 
HIS N    N  N N 130 
HIS CA   C  N S 131 
HIS C    C  N N 132 
HIS O    O  N N 133 
HIS CB   C  N N 134 
HIS CG   C  Y N 135 
HIS ND1  N  Y N 136 
HIS CD2  C  Y N 137 
HIS CE1  C  Y N 138 
HIS NE2  N  Y N 139 
HIS OXT  O  N N 140 
HIS H    H  N N 141 
HIS H2   H  N N 142 
HIS HA   H  N N 143 
HIS HB2  H  N N 144 
HIS HB3  H  N N 145 
HIS HD1  H  N N 146 
HIS HD2  H  N N 147 
HIS HE1  H  N N 148 
HIS HE2  H  N N 149 
HIS HXT  H  N N 150 
HOH O    O  N N 151 
HOH H1   H  N N 152 
HOH H2   H  N N 153 
ILE N    N  N N 154 
ILE CA   C  N S 155 
ILE C    C  N N 156 
ILE O    O  N N 157 
ILE CB   C  N S 158 
ILE CG1  C  N N 159 
ILE CG2  C  N N 160 
ILE CD1  C  N N 161 
ILE OXT  O  N N 162 
ILE H    H  N N 163 
ILE H2   H  N N 164 
ILE HA   H  N N 165 
ILE HB   H  N N 166 
ILE HG12 H  N N 167 
ILE HG13 H  N N 168 
ILE HG21 H  N N 169 
ILE HG22 H  N N 170 
ILE HG23 H  N N 171 
ILE HD11 H  N N 172 
ILE HD12 H  N N 173 
ILE HD13 H  N N 174 
ILE HXT  H  N N 175 
LEU N    N  N N 176 
LEU CA   C  N S 177 
LEU C    C  N N 178 
LEU O    O  N N 179 
LEU CB   C  N N 180 
LEU CG   C  N N 181 
LEU CD1  C  N N 182 
LEU CD2  C  N N 183 
LEU OXT  O  N N 184 
LEU H    H  N N 185 
LEU H2   H  N N 186 
LEU HA   H  N N 187 
LEU HB2  H  N N 188 
LEU HB3  H  N N 189 
LEU HG   H  N N 190 
LEU HD11 H  N N 191 
LEU HD12 H  N N 192 
LEU HD13 H  N N 193 
LEU HD21 H  N N 194 
LEU HD22 H  N N 195 
LEU HD23 H  N N 196 
LEU HXT  H  N N 197 
LYS N    N  N N 198 
LYS CA   C  N S 199 
LYS C    C  N N 200 
LYS O    O  N N 201 
LYS CB   C  N N 202 
LYS CG   C  N N 203 
LYS CD   C  N N 204 
LYS CE   C  N N 205 
LYS NZ   N  N N 206 
LYS OXT  O  N N 207 
LYS H    H  N N 208 
LYS H2   H  N N 209 
LYS HA   H  N N 210 
LYS HB2  H  N N 211 
LYS HB3  H  N N 212 
LYS HG2  H  N N 213 
LYS HG3  H  N N 214 
LYS HD2  H  N N 215 
LYS HD3  H  N N 216 
LYS HE2  H  N N 217 
LYS HE3  H  N N 218 
LYS HZ1  H  N N 219 
LYS HZ2  H  N N 220 
LYS HZ3  H  N N 221 
LYS HXT  H  N N 222 
MET N    N  N N 223 
MET CA   C  N S 224 
MET C    C  N N 225 
MET O    O  N N 226 
MET CB   C  N N 227 
MET CG   C  N N 228 
MET SD   S  N N 229 
MET CE   C  N N 230 
MET OXT  O  N N 231 
MET H    H  N N 232 
MET H2   H  N N 233 
MET HA   H  N N 234 
MET HB2  H  N N 235 
MET HB3  H  N N 236 
MET HG2  H  N N 237 
MET HG3  H  N N 238 
MET HE1  H  N N 239 
MET HE2  H  N N 240 
MET HE3  H  N N 241 
MET HXT  H  N N 242 
PHE N    N  N N 243 
PHE CA   C  N S 244 
PHE C    C  N N 245 
PHE O    O  N N 246 
PHE CB   C  N N 247 
PHE CG   C  Y N 248 
PHE CD1  C  Y N 249 
PHE CD2  C  Y N 250 
PHE CE1  C  Y N 251 
PHE CE2  C  Y N 252 
PHE CZ   C  Y N 253 
PHE OXT  O  N N 254 
PHE H    H  N N 255 
PHE H2   H  N N 256 
PHE HA   H  N N 257 
PHE HB2  H  N N 258 
PHE HB3  H  N N 259 
PHE HD1  H  N N 260 
PHE HD2  H  N N 261 
PHE HE1  H  N N 262 
PHE HE2  H  N N 263 
PHE HZ   H  N N 264 
PHE HXT  H  N N 265 
PRO N    N  N N 266 
PRO CA   C  N S 267 
PRO C    C  N N 268 
PRO O    O  N N 269 
PRO CB   C  N N 270 
PRO CG   C  N N 271 
PRO CD   C  N N 272 
PRO OXT  O  N N 273 
PRO H    H  N N 274 
PRO HA   H  N N 275 
PRO HB2  H  N N 276 
PRO HB3  H  N N 277 
PRO HG2  H  N N 278 
PRO HG3  H  N N 279 
PRO HD2  H  N N 280 
PRO HD3  H  N N 281 
PRO HXT  H  N N 282 
QFY C10  C  N S 283 
QFY C15  C  Y N 284 
QFY C17  C  N N 285 
QFY C11  C  N N 286 
QFY C12  C  Y N 287 
QFY C14  C  Y N 288 
QFY O2   O  N N 289 
QFY C9   C  N N 290 
QFY N1   N  N N 291 
QFY N2   N  N N 292 
QFY C8   C  N R 293 
QFY C7   C  N N 294 
QFY S1   S  N N 295 
QFY C6   C  N S 296 
QFY C5   C  N N 297 
QFY C4   C  N N 298 
QFY C3   C  N N 299 
QFY C2   C  N N 300 
QFY C1   C  N N 301 
QFY C24  C  N N 302 
QFY O1   O  N N 303 
QFY N6   N  N N 304 
QFY C23  C  N N 305 
QFY N3   N  N N 306 
QFY FE1  FE N N 307 
QFY N4   N  Y N 308 
QFY C16  C  Y N 309 
QFY C13  C  Y N 310 
QFY N5   N  Y N 311 
QFY C18  C  Y N 312 
QFY C22  C  Y N 313 
QFY C21  C  Y N 314 
QFY C20  C  Y N 315 
QFY C19  C  Y N 316 
QFY H1   H  N N 317 
QFY H2   H  N N 318 
QFY H3   H  N N 319 
QFY H4   H  N N 320 
QFY H5   H  N N 321 
QFY H6   H  N N 322 
QFY H7   H  N N 323 
QFY H8   H  N N 324 
QFY H9   H  N N 325 
QFY H10  H  N N 326 
QFY H11  H  N N 327 
QFY H12  H  N N 328 
QFY H13  H  N N 329 
QFY H14  H  N N 330 
QFY H15  H  N N 331 
QFY H16  H  N N 332 
QFY H17  H  N N 333 
QFY H18  H  N N 334 
QFY H19  H  N N 335 
QFY H20  H  N N 336 
QFY H21  H  N N 337 
QFY H22  H  N N 338 
QFY H23  H  N N 339 
QFY H24  H  N N 340 
QFY H25  H  N N 341 
QFY H26  H  N N 342 
QFY H27  H  N N 343 
QFY H28  H  N N 344 
QFY H29  H  N N 345 
QFY H30  H  N N 346 
QFY H31  H  N N 347 
QFY H32  H  N N 348 
SER N    N  N N 349 
SER CA   C  N S 350 
SER C    C  N N 351 
SER O    O  N N 352 
SER CB   C  N N 353 
SER OG   O  N N 354 
SER OXT  O  N N 355 
SER H    H  N N 356 
SER H2   H  N N 357 
SER HA   H  N N 358 
SER HB2  H  N N 359 
SER HB3  H  N N 360 
SER HG   H  N N 361 
SER HXT  H  N N 362 
THR N    N  N N 363 
THR CA   C  N S 364 
THR C    C  N N 365 
THR O    O  N N 366 
THR CB   C  N R 367 
THR OG1  O  N N 368 
THR CG2  C  N N 369 
THR OXT  O  N N 370 
THR H    H  N N 371 
THR H2   H  N N 372 
THR HA   H  N N 373 
THR HB   H  N N 374 
THR HG1  H  N N 375 
THR HG21 H  N N 376 
THR HG22 H  N N 377 
THR HG23 H  N N 378 
THR HXT  H  N N 379 
TRP N    N  N N 380 
TRP CA   C  N S 381 
TRP C    C  N N 382 
TRP O    O  N N 383 
TRP CB   C  N N 384 
TRP CG   C  Y N 385 
TRP CD1  C  Y N 386 
TRP CD2  C  Y N 387 
TRP NE1  N  Y N 388 
TRP CE2  C  Y N 389 
TRP CE3  C  Y N 390 
TRP CZ2  C  Y N 391 
TRP CZ3  C  Y N 392 
TRP CH2  C  Y N 393 
TRP OXT  O  N N 394 
TRP H    H  N N 395 
TRP H2   H  N N 396 
TRP HA   H  N N 397 
TRP HB2  H  N N 398 
TRP HB3  H  N N 399 
TRP HD1  H  N N 400 
TRP HE1  H  N N 401 
TRP HE3  H  N N 402 
TRP HZ2  H  N N 403 
TRP HZ3  H  N N 404 
TRP HH2  H  N N 405 
TRP HXT  H  N N 406 
TYR N    N  N N 407 
TYR CA   C  N S 408 
TYR C    C  N N 409 
TYR O    O  N N 410 
TYR CB   C  N N 411 
TYR CG   C  Y N 412 
TYR CD1  C  Y N 413 
TYR CD2  C  Y N 414 
TYR CE1  C  Y N 415 
TYR CE2  C  Y N 416 
TYR CZ   C  Y N 417 
TYR OH   O  N N 418 
TYR OXT  O  N N 419 
TYR H    H  N N 420 
TYR H2   H  N N 421 
TYR HA   H  N N 422 
TYR HB2  H  N N 423 
TYR HB3  H  N N 424 
TYR HD1  H  N N 425 
TYR HD2  H  N N 426 
TYR HE1  H  N N 427 
TYR HE2  H  N N 428 
TYR HH   H  N N 429 
TYR HXT  H  N N 430 
VAL N    N  N N 431 
VAL CA   C  N S 432 
VAL C    C  N N 433 
VAL O    O  N N 434 
VAL CB   C  N N 435 
VAL CG1  C  N N 436 
VAL CG2  C  N N 437 
VAL OXT  O  N N 438 
VAL H    H  N N 439 
VAL H2   H  N N 440 
VAL HA   H  N N 441 
VAL HB   H  N N 442 
VAL HG11 H  N N 443 
VAL HG12 H  N N 444 
VAL HG13 H  N N 445 
VAL HG21 H  N N 446 
VAL HG22 H  N N 447 
VAL HG23 H  N N 448 
VAL HXT  H  N N 449 
# 
loop_
_chem_comp_bond.comp_id 
_chem_comp_bond.atom_id_1 
_chem_comp_bond.atom_id_2 
_chem_comp_bond.value_order 
_chem_comp_bond.pdbx_aromatic_flag 
_chem_comp_bond.pdbx_stereo_config 
_chem_comp_bond.pdbx_ordinal 
ACT C   O    doub N N 1   
ACT C   OXT  sing N N 2   
ACT C   CH3  sing N N 3   
ACT CH3 H1   sing N N 4   
ACT CH3 H2   sing N N 5   
ACT CH3 H3   sing N N 6   
ALA N   CA   sing N N 7   
ALA N   H    sing N N 8   
ALA N   H2   sing N N 9   
ALA CA  C    sing N N 10  
ALA CA  CB   sing N N 11  
ALA CA  HA   sing N N 12  
ALA C   O    doub N N 13  
ALA C   OXT  sing N N 14  
ALA CB  HB1  sing N N 15  
ALA CB  HB2  sing N N 16  
ALA CB  HB3  sing N N 17  
ALA OXT HXT  sing N N 18  
ARG N   CA   sing N N 19  
ARG N   H    sing N N 20  
ARG N   H2   sing N N 21  
ARG CA  C    sing N N 22  
ARG CA  CB   sing N N 23  
ARG CA  HA   sing N N 24  
ARG C   O    doub N N 25  
ARG C   OXT  sing N N 26  
ARG CB  CG   sing N N 27  
ARG CB  HB2  sing N N 28  
ARG CB  HB3  sing N N 29  
ARG CG  CD   sing N N 30  
ARG CG  HG2  sing N N 31  
ARG CG  HG3  sing N N 32  
ARG CD  NE   sing N N 33  
ARG CD  HD2  sing N N 34  
ARG CD  HD3  sing N N 35  
ARG NE  CZ   sing N N 36  
ARG NE  HE   sing N N 37  
ARG CZ  NH1  sing N N 38  
ARG CZ  NH2  doub N N 39  
ARG NH1 HH11 sing N N 40  
ARG NH1 HH12 sing N N 41  
ARG NH2 HH21 sing N N 42  
ARG NH2 HH22 sing N N 43  
ARG OXT HXT  sing N N 44  
ASN N   CA   sing N N 45  
ASN N   H    sing N N 46  
ASN N   H2   sing N N 47  
ASN CA  C    sing N N 48  
ASN CA  CB   sing N N 49  
ASN CA  HA   sing N N 50  
ASN C   O    doub N N 51  
ASN C   OXT  sing N N 52  
ASN CB  CG   sing N N 53  
ASN CB  HB2  sing N N 54  
ASN CB  HB3  sing N N 55  
ASN CG  OD1  doub N N 56  
ASN CG  ND2  sing N N 57  
ASN ND2 HD21 sing N N 58  
ASN ND2 HD22 sing N N 59  
ASN OXT HXT  sing N N 60  
ASP N   CA   sing N N 61  
ASP N   H    sing N N 62  
ASP N   H2   sing N N 63  
ASP CA  C    sing N N 64  
ASP CA  CB   sing N N 65  
ASP CA  HA   sing N N 66  
ASP C   O    doub N N 67  
ASP C   OXT  sing N N 68  
ASP CB  CG   sing N N 69  
ASP CB  HB2  sing N N 70  
ASP CB  HB3  sing N N 71  
ASP CG  OD1  doub N N 72  
ASP CG  OD2  sing N N 73  
ASP OD2 HD2  sing N N 74  
ASP OXT HXT  sing N N 75  
GLN N   CA   sing N N 76  
GLN N   H    sing N N 77  
GLN N   H2   sing N N 78  
GLN CA  C    sing N N 79  
GLN CA  CB   sing N N 80  
GLN CA  HA   sing N N 81  
GLN C   O    doub N N 82  
GLN C   OXT  sing N N 83  
GLN CB  CG   sing N N 84  
GLN CB  HB2  sing N N 85  
GLN CB  HB3  sing N N 86  
GLN CG  CD   sing N N 87  
GLN CG  HG2  sing N N 88  
GLN CG  HG3  sing N N 89  
GLN CD  OE1  doub N N 90  
GLN CD  NE2  sing N N 91  
GLN NE2 HE21 sing N N 92  
GLN NE2 HE22 sing N N 93  
GLN OXT HXT  sing N N 94  
GLU N   CA   sing N N 95  
GLU N   H    sing N N 96  
GLU N   H2   sing N N 97  
GLU CA  C    sing N N 98  
GLU CA  CB   sing N N 99  
GLU CA  HA   sing N N 100 
GLU C   O    doub N N 101 
GLU C   OXT  sing N N 102 
GLU CB  CG   sing N N 103 
GLU CB  HB2  sing N N 104 
GLU CB  HB3  sing N N 105 
GLU CG  CD   sing N N 106 
GLU CG  HG2  sing N N 107 
GLU CG  HG3  sing N N 108 
GLU CD  OE1  doub N N 109 
GLU CD  OE2  sing N N 110 
GLU OE2 HE2  sing N N 111 
GLU OXT HXT  sing N N 112 
GLY N   CA   sing N N 113 
GLY N   H    sing N N 114 
GLY N   H2   sing N N 115 
GLY CA  C    sing N N 116 
GLY CA  HA2  sing N N 117 
GLY CA  HA3  sing N N 118 
GLY C   O    doub N N 119 
GLY C   OXT  sing N N 120 
GLY OXT HXT  sing N N 121 
HIS N   CA   sing N N 122 
HIS N   H    sing N N 123 
HIS N   H2   sing N N 124 
HIS CA  C    sing N N 125 
HIS CA  CB   sing N N 126 
HIS CA  HA   sing N N 127 
HIS C   O    doub N N 128 
HIS C   OXT  sing N N 129 
HIS CB  CG   sing N N 130 
HIS CB  HB2  sing N N 131 
HIS CB  HB3  sing N N 132 
HIS CG  ND1  sing Y N 133 
HIS CG  CD2  doub Y N 134 
HIS ND1 CE1  doub Y N 135 
HIS ND1 HD1  sing N N 136 
HIS CD2 NE2  sing Y N 137 
HIS CD2 HD2  sing N N 138 
HIS CE1 NE2  sing Y N 139 
HIS CE1 HE1  sing N N 140 
HIS NE2 HE2  sing N N 141 
HIS OXT HXT  sing N N 142 
HOH O   H1   sing N N 143 
HOH O   H2   sing N N 144 
ILE N   CA   sing N N 145 
ILE N   H    sing N N 146 
ILE N   H2   sing N N 147 
ILE CA  C    sing N N 148 
ILE CA  CB   sing N N 149 
ILE CA  HA   sing N N 150 
ILE C   O    doub N N 151 
ILE C   OXT  sing N N 152 
ILE CB  CG1  sing N N 153 
ILE CB  CG2  sing N N 154 
ILE CB  HB   sing N N 155 
ILE CG1 CD1  sing N N 156 
ILE CG1 HG12 sing N N 157 
ILE CG1 HG13 sing N N 158 
ILE CG2 HG21 sing N N 159 
ILE CG2 HG22 sing N N 160 
ILE CG2 HG23 sing N N 161 
ILE CD1 HD11 sing N N 162 
ILE CD1 HD12 sing N N 163 
ILE CD1 HD13 sing N N 164 
ILE OXT HXT  sing N N 165 
LEU N   CA   sing N N 166 
LEU N   H    sing N N 167 
LEU N   H2   sing N N 168 
LEU CA  C    sing N N 169 
LEU CA  CB   sing N N 170 
LEU CA  HA   sing N N 171 
LEU C   O    doub N N 172 
LEU C   OXT  sing N N 173 
LEU CB  CG   sing N N 174 
LEU CB  HB2  sing N N 175 
LEU CB  HB3  sing N N 176 
LEU CG  CD1  sing N N 177 
LEU CG  CD2  sing N N 178 
LEU CG  HG   sing N N 179 
LEU CD1 HD11 sing N N 180 
LEU CD1 HD12 sing N N 181 
LEU CD1 HD13 sing N N 182 
LEU CD2 HD21 sing N N 183 
LEU CD2 HD22 sing N N 184 
LEU CD2 HD23 sing N N 185 
LEU OXT HXT  sing N N 186 
LYS N   CA   sing N N 187 
LYS N   H    sing N N 188 
LYS N   H2   sing N N 189 
LYS CA  C    sing N N 190 
LYS CA  CB   sing N N 191 
LYS CA  HA   sing N N 192 
LYS C   O    doub N N 193 
LYS C   OXT  sing N N 194 
LYS CB  CG   sing N N 195 
LYS CB  HB2  sing N N 196 
LYS CB  HB3  sing N N 197 
LYS CG  CD   sing N N 198 
LYS CG  HG2  sing N N 199 
LYS CG  HG3  sing N N 200 
LYS CD  CE   sing N N 201 
LYS CD  HD2  sing N N 202 
LYS CD  HD3  sing N N 203 
LYS CE  NZ   sing N N 204 
LYS CE  HE2  sing N N 205 
LYS CE  HE3  sing N N 206 
LYS NZ  HZ1  sing N N 207 
LYS NZ  HZ2  sing N N 208 
LYS NZ  HZ3  sing N N 209 
LYS OXT HXT  sing N N 210 
MET N   CA   sing N N 211 
MET N   H    sing N N 212 
MET N   H2   sing N N 213 
MET CA  C    sing N N 214 
MET CA  CB   sing N N 215 
MET CA  HA   sing N N 216 
MET C   O    doub N N 217 
MET C   OXT  sing N N 218 
MET CB  CG   sing N N 219 
MET CB  HB2  sing N N 220 
MET CB  HB3  sing N N 221 
MET CG  SD   sing N N 222 
MET CG  HG2  sing N N 223 
MET CG  HG3  sing N N 224 
MET SD  CE   sing N N 225 
MET CE  HE1  sing N N 226 
MET CE  HE2  sing N N 227 
MET CE  HE3  sing N N 228 
MET OXT HXT  sing N N 229 
PHE N   CA   sing N N 230 
PHE N   H    sing N N 231 
PHE N   H2   sing N N 232 
PHE CA  C    sing N N 233 
PHE CA  CB   sing N N 234 
PHE CA  HA   sing N N 235 
PHE C   O    doub N N 236 
PHE C   OXT  sing N N 237 
PHE CB  CG   sing N N 238 
PHE CB  HB2  sing N N 239 
PHE CB  HB3  sing N N 240 
PHE CG  CD1  doub Y N 241 
PHE CG  CD2  sing Y N 242 
PHE CD1 CE1  sing Y N 243 
PHE CD1 HD1  sing N N 244 
PHE CD2 CE2  doub Y N 245 
PHE CD2 HD2  sing N N 246 
PHE CE1 CZ   doub Y N 247 
PHE CE1 HE1  sing N N 248 
PHE CE2 CZ   sing Y N 249 
PHE CE2 HE2  sing N N 250 
PHE CZ  HZ   sing N N 251 
PHE OXT HXT  sing N N 252 
PRO N   CA   sing N N 253 
PRO N   CD   sing N N 254 
PRO N   H    sing N N 255 
PRO CA  C    sing N N 256 
PRO CA  CB   sing N N 257 
PRO CA  HA   sing N N 258 
PRO C   O    doub N N 259 
PRO C   OXT  sing N N 260 
PRO CB  CG   sing N N 261 
PRO CB  HB2  sing N N 262 
PRO CB  HB3  sing N N 263 
PRO CG  CD   sing N N 264 
PRO CG  HG2  sing N N 265 
PRO CG  HG3  sing N N 266 
PRO CD  HD2  sing N N 267 
PRO CD  HD3  sing N N 268 
PRO OXT HXT  sing N N 269 
QFY C21 C22  doub Y N 270 
QFY C21 C20  sing Y N 271 
QFY C22 N5   sing Y N 272 
QFY C20 C19  doub Y N 273 
QFY N5  FE1  sing N N 274 
QFY N5  C18  doub Y N 275 
QFY FE1 N3   sing N N 276 
QFY FE1 N4   sing N N 277 
QFY C19 C18  sing Y N 278 
QFY C18 C17  sing N N 279 
QFY O1  C1   doub N N 280 
QFY C24 C23  sing N N 281 
QFY C24 N6   sing N N 282 
QFY N3  C17  sing N N 283 
QFY N3  C23  sing N N 284 
QFY N3  C11  sing N N 285 
QFY C16 N4   doub Y N 286 
QFY C16 C15  sing Y N 287 
QFY N4  C12  sing Y N 288 
QFY C1  N6   sing N N 289 
QFY C1  C2   sing N N 290 
QFY C2  C3   sing N N 291 
QFY C15 C14  doub Y N 292 
QFY C11 C12  sing N N 293 
QFY C12 C13  doub Y N 294 
QFY C3  C4   sing N N 295 
QFY C14 C13  sing Y N 296 
QFY C4  C5   sing N N 297 
QFY C5  C6   sing N N 298 
QFY C6  C10  sing N N 299 
QFY C6  S1   sing N N 300 
QFY C10 N2   sing N N 301 
QFY C10 C8   sing N N 302 
QFY N2  C9   sing N N 303 
QFY S1  C7   sing N N 304 
QFY C9  O2   doub N N 305 
QFY C9  N1   sing N N 306 
QFY C8  C7   sing N N 307 
QFY C8  N1   sing N N 308 
QFY C10 H1   sing N N 309 
QFY C15 H2   sing N N 310 
QFY C17 H3   sing N N 311 
QFY C17 H4   sing N N 312 
QFY C11 H5   sing N N 313 
QFY C11 H6   sing N N 314 
QFY C14 H7   sing N N 315 
QFY N1  H8   sing N N 316 
QFY N2  H9   sing N N 317 
QFY C8  H10  sing N N 318 
QFY C7  H11  sing N N 319 
QFY C7  H12  sing N N 320 
QFY C6  H13  sing N N 321 
QFY C5  H14  sing N N 322 
QFY C5  H15  sing N N 323 
QFY C4  H16  sing N N 324 
QFY C4  H17  sing N N 325 
QFY C3  H18  sing N N 326 
QFY C3  H19  sing N N 327 
QFY C2  H20  sing N N 328 
QFY C2  H21  sing N N 329 
QFY C24 H22  sing N N 330 
QFY C24 H23  sing N N 331 
QFY N6  H24  sing N N 332 
QFY C23 H25  sing N N 333 
QFY C23 H26  sing N N 334 
QFY C16 H27  sing N N 335 
QFY C13 H28  sing N N 336 
QFY C22 H29  sing N N 337 
QFY C21 H30  sing N N 338 
QFY C20 H31  sing N N 339 
QFY C19 H32  sing N N 340 
SER N   CA   sing N N 341 
SER N   H    sing N N 342 
SER N   H2   sing N N 343 
SER CA  C    sing N N 344 
SER CA  CB   sing N N 345 
SER CA  HA   sing N N 346 
SER C   O    doub N N 347 
SER C   OXT  sing N N 348 
SER CB  OG   sing N N 349 
SER CB  HB2  sing N N 350 
SER CB  HB3  sing N N 351 
SER OG  HG   sing N N 352 
SER OXT HXT  sing N N 353 
THR N   CA   sing N N 354 
THR N   H    sing N N 355 
THR N   H2   sing N N 356 
THR CA  C    sing N N 357 
THR CA  CB   sing N N 358 
THR CA  HA   sing N N 359 
THR C   O    doub N N 360 
THR C   OXT  sing N N 361 
THR CB  OG1  sing N N 362 
THR CB  CG2  sing N N 363 
THR CB  HB   sing N N 364 
THR OG1 HG1  sing N N 365 
THR CG2 HG21 sing N N 366 
THR CG2 HG22 sing N N 367 
THR CG2 HG23 sing N N 368 
THR OXT HXT  sing N N 369 
TRP N   CA   sing N N 370 
TRP N   H    sing N N 371 
TRP N   H2   sing N N 372 
TRP CA  C    sing N N 373 
TRP CA  CB   sing N N 374 
TRP CA  HA   sing N N 375 
TRP C   O    doub N N 376 
TRP C   OXT  sing N N 377 
TRP CB  CG   sing N N 378 
TRP CB  HB2  sing N N 379 
TRP CB  HB3  sing N N 380 
TRP CG  CD1  doub Y N 381 
TRP CG  CD2  sing Y N 382 
TRP CD1 NE1  sing Y N 383 
TRP CD1 HD1  sing N N 384 
TRP CD2 CE2  doub Y N 385 
TRP CD2 CE3  sing Y N 386 
TRP NE1 CE2  sing Y N 387 
TRP NE1 HE1  sing N N 388 
TRP CE2 CZ2  sing Y N 389 
TRP CE3 CZ3  doub Y N 390 
TRP CE3 HE3  sing N N 391 
TRP CZ2 CH2  doub Y N 392 
TRP CZ2 HZ2  sing N N 393 
TRP CZ3 CH2  sing Y N 394 
TRP CZ3 HZ3  sing N N 395 
TRP CH2 HH2  sing N N 396 
TRP OXT HXT  sing N N 397 
TYR N   CA   sing N N 398 
TYR N   H    sing N N 399 
TYR N   H2   sing N N 400 
TYR CA  C    sing N N 401 
TYR CA  CB   sing N N 402 
TYR CA  HA   sing N N 403 
TYR C   O    doub N N 404 
TYR C   OXT  sing N N 405 
TYR CB  CG   sing N N 406 
TYR CB  HB2  sing N N 407 
TYR CB  HB3  sing N N 408 
TYR CG  CD1  doub Y N 409 
TYR CG  CD2  sing Y N 410 
TYR CD1 CE1  sing Y N 411 
TYR CD1 HD1  sing N N 412 
TYR CD2 CE2  doub Y N 413 
TYR CD2 HD2  sing N N 414 
TYR CE1 CZ   doub Y N 415 
TYR CE1 HE1  sing N N 416 
TYR CE2 CZ   sing Y N 417 
TYR CE2 HE2  sing N N 418 
TYR CZ  OH   sing N N 419 
TYR OH  HH   sing N N 420 
TYR OXT HXT  sing N N 421 
VAL N   CA   sing N N 422 
VAL N   H    sing N N 423 
VAL N   H2   sing N N 424 
VAL CA  C    sing N N 425 
VAL CA  CB   sing N N 426 
VAL CA  HA   sing N N 427 
VAL C   O    doub N N 428 
VAL C   OXT  sing N N 429 
VAL CB  CG1  sing N N 430 
VAL CB  CG2  sing N N 431 
VAL CB  HB   sing N N 432 
VAL CG1 HG11 sing N N 433 
VAL CG1 HG12 sing N N 434 
VAL CG1 HG13 sing N N 435 
VAL CG2 HG21 sing N N 436 
VAL CG2 HG22 sing N N 437 
VAL CG2 HG23 sing N N 438 
VAL OXT HXT  sing N N 439 
# 
_pdbx_audit_support.funding_organization   
'National Institutes of Health/National Institute of General Medical Sciences (NIH/NIGMS)' 
_pdbx_audit_support.country                'United States' 
_pdbx_audit_support.grant_number           RO1GM120349 
_pdbx_audit_support.ordinal                1 
# 
_pdbx_entity_instance_feature.ordinal        1 
_pdbx_entity_instance_feature.comp_id        QFY 
_pdbx_entity_instance_feature.asym_id        ? 
_pdbx_entity_instance_feature.seq_num        ? 
_pdbx_entity_instance_feature.auth_comp_id   QFY 
_pdbx_entity_instance_feature.auth_asym_id   ? 
_pdbx_entity_instance_feature.auth_seq_num   ? 
_pdbx_entity_instance_feature.feature_type   'SUBJECT OF INVESTIGATION' 
_pdbx_entity_instance_feature.details        ? 
# 
loop_
_pdbx_entity_nonpoly.entity_id 
_pdbx_entity_nonpoly.name 
_pdbx_entity_nonpoly.comp_id 
2 
;{N-(2-{bis[(pyridin-2-yl-kappaN)methyl]amino-kappaN}ethyl)-5-[(3aS,4S,6aR)-2-oxohexahydro-1H-thieno[3,4-d]imidazol-4-yl]pentanamide}iron(3+)
;
QFY 
3 'ACETATE ION' ACT 
4 water HOH 
# 
_pdbx_initial_refinement_model.id               1 
_pdbx_initial_refinement_model.entity_id_list   ? 
_pdbx_initial_refinement_model.type             'experimental model' 
_pdbx_initial_refinement_model.source_name      PDB 
_pdbx_initial_refinement_model.accession_code   2QCB 
_pdbx_initial_refinement_model.details          ? 
# 
_pdbx_struct_assembly_auth_evidence.id                     1 
_pdbx_struct_assembly_auth_evidence.assembly_id            1 
_pdbx_struct_assembly_auth_evidence.experimental_support   'gel filtration' 
_pdbx_struct_assembly_auth_evidence.details                ? 
# 
_space_group.crystal_system   tetragonal 
_space_group.name_H-M_alt     'I 41 2 2' 
_space_group.IT_number        98 
_space_group.name_Hall        'I 4bw 2bw' 
_space_group.id               1 
# 
